data_7JIQ
# 
_entry.id   7JIQ 
# 
_audit_conform.dict_name       mmcif_pdbx.dic 
_audit_conform.dict_version    5.380 
_audit_conform.dict_location   http://mmcif.pdb.org/dictionaries/ascii/mmcif_pdbx.dic 
# 
loop_
_database_2.database_id 
_database_2.database_code 
_database_2.pdbx_database_accession 
_database_2.pdbx_DOI 
PDB   7JIQ         pdb_00007jiq 10.2210/pdb7jiq/pdb 
WWPDB D_1000250817 ?            ?                   
# 
_pdbx_database_status.status_code                     REL 
_pdbx_database_status.status_code_sf                  REL 
_pdbx_database_status.status_code_mr                  ? 
_pdbx_database_status.entry_id                        7JIQ 
_pdbx_database_status.recvd_initial_deposition_date   2020-07-23 
_pdbx_database_status.SG_entry                        N 
_pdbx_database_status.deposit_site                    RCSB 
_pdbx_database_status.process_site                    RCSB 
_pdbx_database_status.status_code_cs                  ? 
_pdbx_database_status.status_code_nmr_data            ? 
_pdbx_database_status.methods_development_category    ? 
_pdbx_database_status.pdb_format_compatible           Y 
# 
loop_
_audit_author.name 
_audit_author.pdbx_ordinal 
_audit_author.identifier_ORCID 
'Simmons, C.R.'      1 0000-0002-2290-6132 
'MacCulloch, T.'     2 0000-0001-5875-3361 
'Stephanopoulos, N.' 3 0000-0001-7859-410X 
'Yan, H.'            4 0000-0001-7397-9852 
# 
_citation.abstract                  ? 
_citation.abstract_id_CAS           ? 
_citation.book_id_ISBN              ? 
_citation.book_publisher            ? 
_citation.book_publisher_city       ? 
_citation.book_title                ? 
_citation.coordinate_linkage        ? 
_citation.country                   UK 
_citation.database_id_Medline       ? 
_citation.details                   ? 
_citation.id                        primary 
_citation.journal_abbrev            'Nat Commun' 
_citation.journal_id_ASTM           ? 
_citation.journal_id_CSD            ? 
_citation.journal_id_ISSN           2041-1723 
_citation.journal_full              ? 
_citation.journal_issue             ? 
_citation.journal_volume            13 
_citation.language                  ? 
_citation.page_first                3112 
_citation.page_last                 3112 
_citation.title                     'The influence of Holliday junction sequence and dynamics on DNA crystal self-assembly.' 
_citation.year                      2022 
_citation.database_id_CSD           ? 
_citation.pdbx_database_id_DOI      10.1038/s41467-022-30779-6 
_citation.pdbx_database_id_PubMed   35662248 
_citation.unpublished_flag          ? 
# 
loop_
_citation_author.citation_id 
_citation_author.name 
_citation_author.ordinal 
_citation_author.identifier_ORCID 
primary 'Simmons, C.R.'      1  ?                   
primary 'MacCulloch, T.'     2  ?                   
primary 'Krepl, M.'          3  0000-0002-9833-4281 
primary 'Matthies, M.'       4  ?                   
primary 'Buchberger, A.'     5  ?                   
primary 'Crawford, I.'       6  ?                   
primary 'Sponer, J.'         7  0000-0001-6558-6186 
primary 'Sulc, P.'           8  0000-0003-1565-6769 
primary 'Stephanopoulos, N.' 9  0000-0001-7859-410X 
primary 'Yan, H.'            10 0000-0001-7397-9852 
# 
_cell.angle_alpha                  90.000 
_cell.angle_alpha_esd              ? 
_cell.angle_beta                   90.000 
_cell.angle_beta_esd               ? 
_cell.angle_gamma                  120.000 
_cell.angle_gamma_esd              ? 
_cell.entry_id                     7JIQ 
_cell.details                      ? 
_cell.formula_units_Z              ? 
_cell.length_a                     113.383 
_cell.length_a_esd                 ? 
_cell.length_b                     113.383 
_cell.length_b_esd                 ? 
_cell.length_c                     51.305 
_cell.length_c_esd                 ? 
_cell.volume                       ? 
_cell.volume_esd                   ? 
_cell.Z_PDB                        9 
_cell.reciprocal_angle_alpha       ? 
_cell.reciprocal_angle_beta        ? 
_cell.reciprocal_angle_gamma       ? 
_cell.reciprocal_angle_alpha_esd   ? 
_cell.reciprocal_angle_beta_esd    ? 
_cell.reciprocal_angle_gamma_esd   ? 
_cell.reciprocal_length_a          ? 
_cell.reciprocal_length_b          ? 
_cell.reciprocal_length_c          ? 
_cell.reciprocal_length_a_esd      ? 
_cell.reciprocal_length_b_esd      ? 
_cell.reciprocal_length_c_esd      ? 
_cell.pdbx_unique_axis             ? 
# 
_symmetry.entry_id                         7JIQ 
_symmetry.cell_setting                     ? 
_symmetry.Int_Tables_number                146 
_symmetry.space_group_name_Hall            ? 
_symmetry.space_group_name_H-M             'H 3' 
_symmetry.pdbx_full_space_group_name_H-M   ? 
# 
loop_
_entity.id 
_entity.type 
_entity.src_method 
_entity.pdbx_description 
_entity.formula_weight 
_entity.pdbx_number_of_molecules 
_entity.pdbx_ec 
_entity.pdbx_mutation 
_entity.pdbx_fragment 
_entity.details 
1 polymer syn 
;DNA (5'-D(*GP*AP*AP*CP*GP*AP*CP*AP*CP*TP*GP*A)-3')
;
3680.432 1 ? ? ? ? 
2 polymer syn 
;DNA (5'-D(P*CP*GP*TP*GP*GP*AP*CP*TP*C)-3')
;
2731.798 1 ? ? ? ? 
3 polymer syn 
;DNA (5'-D(P*TP*CP*AP*AP*CP*G)-3')
;
1793.218 1 ? ? ? ? 
4 polymer syn 
;DNA (5'-D(*TP*CP*GP*AP*GP*TP*CP*CP*GP*TP*GP*TP*CP*GP*T)-3')
;
4591.969 1 ? ? ? ? 
# 
loop_
_entity_poly.entity_id 
_entity_poly.type 
_entity_poly.nstd_linkage 
_entity_poly.nstd_monomer 
_entity_poly.pdbx_seq_one_letter_code 
_entity_poly.pdbx_seq_one_letter_code_can 
_entity_poly.pdbx_strand_id 
_entity_poly.pdbx_target_identifier 
1 polydeoxyribonucleotide no no '(DG)(DA)(DA)(DC)(DG)(DA)(DC)(DA)(DC)(DT)(DG)(DA)'             GAACGACACTGA    A ? 
2 polydeoxyribonucleotide no no '(DC)(DG)(DT)(DG)(DG)(DA)(DC)(DT)(DC)'                         CGTGGACTC       B ? 
3 polydeoxyribonucleotide no no '(DT)(DC)(DA)(DA)(DC)(DG)'                                     TCAACG          C ? 
4 polydeoxyribonucleotide no no '(DT)(DC)(DG)(DA)(DG)(DT)(DC)(DC)(DG)(DT)(DG)(DT)(DC)(DG)(DT)' TCGAGTCCGTGTCGT D ? 
# 
loop_
_entity_poly_seq.entity_id 
_entity_poly_seq.num 
_entity_poly_seq.mon_id 
_entity_poly_seq.hetero 
1 1  DG n 
1 2  DA n 
1 3  DA n 
1 4  DC n 
1 5  DG n 
1 6  DA n 
1 7  DC n 
1 8  DA n 
1 9  DC n 
1 10 DT n 
1 11 DG n 
1 12 DA n 
2 1  DC n 
2 2  DG n 
2 3  DT n 
2 4  DG n 
2 5  DG n 
2 6  DA n 
2 7  DC n 
2 8  DT n 
2 9  DC n 
3 1  DT n 
3 2  DC n 
3 3  DA n 
3 4  DA n 
3 5  DC n 
3 6  DG n 
4 1  DT n 
4 2  DC n 
4 3  DG n 
4 4  DA n 
4 5  DG n 
4 6  DT n 
4 7  DC n 
4 8  DC n 
4 9  DG n 
4 10 DT n 
4 11 DG n 
4 12 DT n 
4 13 DC n 
4 14 DG n 
4 15 DT n 
# 
loop_
_pdbx_entity_src_syn.entity_id 
_pdbx_entity_src_syn.pdbx_src_id 
_pdbx_entity_src_syn.pdbx_alt_source_flag 
_pdbx_entity_src_syn.pdbx_beg_seq_num 
_pdbx_entity_src_syn.pdbx_end_seq_num 
_pdbx_entity_src_syn.organism_scientific 
_pdbx_entity_src_syn.organism_common_name 
_pdbx_entity_src_syn.ncbi_taxonomy_id 
_pdbx_entity_src_syn.details 
1 1 sample 1 12 'synthetic construct' ? 32630 ? 
2 1 sample 1 9  'synthetic construct' ? 32630 ? 
3 1 sample 1 6  'synthetic construct' ? 32630 ? 
4 1 sample 1 15 'synthetic construct' ? 32630 ? 
# 
loop_
_struct_ref.id 
_struct_ref.db_name 
_struct_ref.db_code 
_struct_ref.pdbx_db_accession 
_struct_ref.pdbx_db_isoform 
_struct_ref.entity_id 
_struct_ref.pdbx_seq_one_letter_code 
_struct_ref.pdbx_align_begin 
1 PDB 7JIQ 7JIQ ? 1 ? 1 
2 PDB 7JIQ 7JIQ ? 2 ? 1 
3 PDB 7JIQ 7JIQ ? 3 ? 1 
4 PDB 7JIQ 7JIQ ? 4 ? 1 
# 
loop_
_struct_ref_seq.align_id 
_struct_ref_seq.ref_id 
_struct_ref_seq.pdbx_PDB_id_code 
_struct_ref_seq.pdbx_strand_id 
_struct_ref_seq.seq_align_beg 
_struct_ref_seq.pdbx_seq_align_beg_ins_code 
_struct_ref_seq.seq_align_end 
_struct_ref_seq.pdbx_seq_align_end_ins_code 
_struct_ref_seq.pdbx_db_accession 
_struct_ref_seq.db_align_beg 
_struct_ref_seq.pdbx_db_align_beg_ins_code 
_struct_ref_seq.db_align_end 
_struct_ref_seq.pdbx_db_align_end_ins_code 
_struct_ref_seq.pdbx_auth_seq_align_beg 
_struct_ref_seq.pdbx_auth_seq_align_end 
1 1 7JIQ A 1 ? 12 ? 7JIQ 1  ? 12 ? 1  12 
2 2 7JIQ B 1 ? 9  ? 7JIQ 12 ? 20 ? 12 20 
3 3 7JIQ C 1 ? 6  ? 7JIQ 0  ? 5  ? 0  5  
4 4 7JIQ D 1 ? 15 ? 7JIQ 2  ? 16 ? 2  16 
# 
loop_
_chem_comp.id 
_chem_comp.type 
_chem_comp.mon_nstd_flag 
_chem_comp.name 
_chem_comp.pdbx_synonyms 
_chem_comp.formula 
_chem_comp.formula_weight 
DA 'DNA linking' y "2'-DEOXYADENOSINE-5'-MONOPHOSPHATE" ? 'C10 H14 N5 O6 P' 331.222 
DC 'DNA linking' y "2'-DEOXYCYTIDINE-5'-MONOPHOSPHATE"  ? 'C9 H14 N3 O7 P'  307.197 
DG 'DNA linking' y "2'-DEOXYGUANOSINE-5'-MONOPHOSPHATE" ? 'C10 H14 N5 O7 P' 347.221 
DT 'DNA linking' y "THYMIDINE-5'-MONOPHOSPHATE"         ? 'C10 H15 N2 O8 P' 322.208 
# 
_exptl.absorpt_coefficient_mu     ? 
_exptl.absorpt_correction_T_max   ? 
_exptl.absorpt_correction_T_min   ? 
_exptl.absorpt_correction_type    ? 
_exptl.absorpt_process_details    ? 
_exptl.entry_id                   7JIQ 
_exptl.crystals_number            1 
_exptl.details                    ? 
_exptl.method                     'X-RAY DIFFRACTION' 
_exptl.method_details             ? 
# 
_exptl_crystal.colour                      ? 
_exptl_crystal.density_diffrn              ? 
_exptl_crystal.density_Matthews            4.96 
_exptl_crystal.density_method              ? 
_exptl_crystal.density_percent_sol         75.20 
_exptl_crystal.description                 ? 
_exptl_crystal.F_000                       ? 
_exptl_crystal.id                          1 
_exptl_crystal.preparation                 ? 
_exptl_crystal.size_max                    ? 
_exptl_crystal.size_mid                    ? 
_exptl_crystal.size_min                    ? 
_exptl_crystal.size_rad                    ? 
_exptl_crystal.colour_lustre               ? 
_exptl_crystal.colour_modifier             ? 
_exptl_crystal.colour_primary              ? 
_exptl_crystal.density_meas                ? 
_exptl_crystal.density_meas_esd            ? 
_exptl_crystal.density_meas_gt             ? 
_exptl_crystal.density_meas_lt             ? 
_exptl_crystal.density_meas_temp           ? 
_exptl_crystal.density_meas_temp_esd       ? 
_exptl_crystal.density_meas_temp_gt        ? 
_exptl_crystal.density_meas_temp_lt        ? 
_exptl_crystal.pdbx_crystal_image_url      ? 
_exptl_crystal.pdbx_crystal_image_format   ? 
_exptl_crystal.pdbx_mosaicity              ? 
_exptl_crystal.pdbx_mosaicity_esd          ? 
# 
_exptl_crystal_grow.apparatus       ? 
_exptl_crystal_grow.atmosphere      ? 
_exptl_crystal_grow.crystal_id      1 
_exptl_crystal_grow.details         ? 
_exptl_crystal_grow.method          'VAPOR DIFFUSION, SITTING DROP' 
_exptl_crystal_grow.method_ref      ? 
_exptl_crystal_grow.pH              ? 
_exptl_crystal_grow.pressure        ? 
_exptl_crystal_grow.pressure_esd    ? 
_exptl_crystal_grow.seeding         ? 
_exptl_crystal_grow.seeding_ref     ? 
_exptl_crystal_grow.temp            298 
_exptl_crystal_grow.temp_details    'temperature gradient generated from 60 to 25 C at 0.3 degrees per hour' 
_exptl_crystal_grow.temp_esd        ? 
_exptl_crystal_grow.time            ? 
_exptl_crystal_grow.pdbx_details    
;0.5 mL of 0.05 M Cacodylate pH 6.5 with 18 mM MgCl2, 2.25 mM spermine, and 9% isopropanol was added to the reservoir with 2 uL added to the drop containing 4 uL of DNA stock
;
_exptl_crystal_grow.pdbx_pH_range   ? 
# 
_diffrn.ambient_environment              ? 
_diffrn.ambient_temp                     100 
_diffrn.ambient_temp_details             ? 
_diffrn.ambient_temp_esd                 ? 
_diffrn.crystal_id                       1 
_diffrn.crystal_support                  ? 
_diffrn.crystal_treatment                ? 
_diffrn.details                          ? 
_diffrn.id                               1 
_diffrn.ambient_pressure                 ? 
_diffrn.ambient_pressure_esd             ? 
_diffrn.ambient_pressure_gt              ? 
_diffrn.ambient_pressure_lt              ? 
_diffrn.ambient_temp_gt                  ? 
_diffrn.ambient_temp_lt                  ? 
_diffrn.pdbx_serial_crystal_experiment   N 
# 
_diffrn_detector.details                      ? 
_diffrn_detector.detector                     PIXEL 
_diffrn_detector.diffrn_id                    1 
_diffrn_detector.type                         'DECTRIS PILATUS3 6M' 
_diffrn_detector.area_resol_mean              ? 
_diffrn_detector.dtime                        ? 
_diffrn_detector.pdbx_frames_total            ? 
_diffrn_detector.pdbx_collection_time_total   ? 
_diffrn_detector.pdbx_collection_date         2018-08-15 
_diffrn_detector.pdbx_frequency               ? 
# 
_diffrn_radiation.collimation                      ? 
_diffrn_radiation.diffrn_id                        1 
_diffrn_radiation.filter_edge                      ? 
_diffrn_radiation.inhomogeneity                    ? 
_diffrn_radiation.monochromator                    ? 
_diffrn_radiation.polarisn_norm                    ? 
_diffrn_radiation.polarisn_ratio                   ? 
_diffrn_radiation.probe                            ? 
_diffrn_radiation.type                             ? 
_diffrn_radiation.xray_symbol                      ? 
_diffrn_radiation.wavelength_id                    1 
_diffrn_radiation.pdbx_monochromatic_or_laue_m_l   M 
_diffrn_radiation.pdbx_wavelength_list             ? 
_diffrn_radiation.pdbx_wavelength                  ? 
_diffrn_radiation.pdbx_diffrn_protocol             'SINGLE WAVELENGTH' 
_diffrn_radiation.pdbx_analyzer                    ? 
_diffrn_radiation.pdbx_scattering_type             x-ray 
# 
_diffrn_radiation_wavelength.id           1 
_diffrn_radiation_wavelength.wavelength   0.92 
_diffrn_radiation_wavelength.wt           1.0 
# 
_diffrn_source.current                     ? 
_diffrn_source.details                     ? 
_diffrn_source.diffrn_id                   1 
_diffrn_source.power                       ? 
_diffrn_source.size                        ? 
_diffrn_source.source                      SYNCHROTRON 
_diffrn_source.target                      ? 
_diffrn_source.type                        'APS BEAMLINE 19-ID' 
_diffrn_source.voltage                     ? 
_diffrn_source.take-off_angle              ? 
_diffrn_source.pdbx_wavelength_list        0.92 
_diffrn_source.pdbx_wavelength             ? 
_diffrn_source.pdbx_synchrotron_beamline   19-ID 
_diffrn_source.pdbx_synchrotron_site       APS 
# 
_reflns.B_iso_Wilson_estimate            ? 
_reflns.entry_id                         7JIQ 
_reflns.data_reduction_details           ? 
_reflns.data_reduction_method            ? 
_reflns.d_resolution_high                3.050 
_reflns.d_resolution_low                 56.69 
_reflns.details                          ? 
_reflns.limit_h_max                      ? 
_reflns.limit_h_min                      ? 
_reflns.limit_k_max                      ? 
_reflns.limit_k_min                      ? 
_reflns.limit_l_max                      ? 
_reflns.limit_l_min                      ? 
_reflns.number_all                       ? 
_reflns.number_obs                       4622 
_reflns.observed_criterion               ? 
_reflns.observed_criterion_F_max         ? 
_reflns.observed_criterion_F_min         ? 
_reflns.observed_criterion_I_max         ? 
_reflns.observed_criterion_I_min         ? 
_reflns.observed_criterion_sigma_F       ? 
_reflns.observed_criterion_sigma_I       ? 
_reflns.percent_possible_obs             99.200 
_reflns.R_free_details                   ? 
_reflns.Rmerge_F_all                     ? 
_reflns.Rmerge_F_obs                     ? 
_reflns.Friedel_coverage                 ? 
_reflns.number_gt                        ? 
_reflns.threshold_expression             ? 
_reflns.pdbx_redundancy                  10.200 
_reflns.pdbx_Rmerge_I_obs                0.074 
_reflns.pdbx_Rmerge_I_all                ? 
_reflns.pdbx_Rsym_value                  ? 
_reflns.pdbx_netI_over_av_sigmaI         ? 
_reflns.pdbx_netI_over_sigmaI            7.400 
_reflns.pdbx_res_netI_over_av_sigmaI_2   ? 
_reflns.pdbx_res_netI_over_sigmaI_2      ? 
_reflns.pdbx_chi_squared                 3.912 
_reflns.pdbx_scaling_rejects             ? 
_reflns.pdbx_d_res_high_opt              ? 
_reflns.pdbx_d_res_low_opt               ? 
_reflns.pdbx_d_res_opt_method            ? 
_reflns.phase_calculation_details        ? 
_reflns.pdbx_Rrim_I_all                  0.079 
_reflns.pdbx_Rpim_I_all                  0.025 
_reflns.pdbx_d_opt                       ? 
_reflns.pdbx_number_measured_all         ? 
_reflns.pdbx_diffrn_id                   1 
_reflns.pdbx_ordinal                     1 
_reflns.pdbx_CC_half                     0.983 
_reflns.pdbx_CC_star                     ? 
_reflns.pdbx_R_split                     ? 
# 
loop_
_reflns_shell.d_res_high 
_reflns_shell.d_res_low 
_reflns_shell.meanI_over_sigI_all 
_reflns_shell.meanI_over_sigI_obs 
_reflns_shell.number_measured_all 
_reflns_shell.number_measured_obs 
_reflns_shell.number_possible 
_reflns_shell.number_unique_all 
_reflns_shell.number_unique_obs 
_reflns_shell.percent_possible_all 
_reflns_shell.percent_possible_obs 
_reflns_shell.Rmerge_F_all 
_reflns_shell.Rmerge_F_obs 
_reflns_shell.Rmerge_I_all 
_reflns_shell.Rmerge_I_obs 
_reflns_shell.meanI_over_sigI_gt 
_reflns_shell.meanI_over_uI_all 
_reflns_shell.meanI_over_uI_gt 
_reflns_shell.number_measured_gt 
_reflns_shell.number_unique_gt 
_reflns_shell.percent_possible_gt 
_reflns_shell.Rmerge_F_gt 
_reflns_shell.Rmerge_I_gt 
_reflns_shell.pdbx_redundancy 
_reflns_shell.pdbx_Rsym_value 
_reflns_shell.pdbx_chi_squared 
_reflns_shell.pdbx_netI_over_sigmaI_all 
_reflns_shell.pdbx_netI_over_sigmaI_obs 
_reflns_shell.pdbx_Rrim_I_all 
_reflns_shell.pdbx_Rpim_I_all 
_reflns_shell.pdbx_rejects 
_reflns_shell.pdbx_ordinal 
_reflns_shell.pdbx_diffrn_id 
_reflns_shell.pdbx_CC_half 
_reflns_shell.pdbx_CC_star 
_reflns_shell.pdbx_R_split 
3.050 3.100  ? ? ? ? ? ? 215 94.700  ? ? ? ? 0.703 ? ? ? ? ? ? ? ? 8.200  ? 0.437  ? ? 0.743 0.237 ? 1  1 0.933 ? ? 
3.100 3.160  ? ? ? ? ? ? 238 99.600  ? ? ? ? 0.220 ? ? ? ? ? ? ? ? 8.800  ? 0.528  ? ? 0.232 0.072 ? 2  1 0.995 ? ? 
3.160 3.220  ? ? ? ? ? ? 221 96.100  ? ? ? ? 0.118 ? ? ? ? ? ? ? ? 9.700  ? 0.717  ? ? 0.124 0.037 ? 3  1 0.998 ? ? 
3.220 3.290  ? ? ? ? ? ? 216 100.000 ? ? ? ? 0.215 ? ? ? ? ? ? ? ? 10.100 ? 0.517  ? ? 0.226 0.069 ? 4  1 0.996 ? ? 
3.290 3.360  ? ? ? ? ? ? 249 100.000 ? ? ? ? 0.123 ? ? ? ? ? ? ? ? 10.000 ? 0.550  ? ? 0.130 0.040 ? 5  1 0.997 ? ? 
3.360 3.430  ? ? ? ? ? ? 228 99.100  ? ? ? ? 0.125 ? ? ? ? ? ? ? ? 10.200 ? 0.560  ? ? 0.131 0.040 ? 6  1 0.998 ? ? 
3.430 3.520  ? ? ? ? ? ? 238 100.000 ? ? ? ? 0.113 ? ? ? ? ? ? ? ? 10.600 ? 0.648  ? ? 0.119 0.036 ? 7  1 0.998 ? ? 
3.520 3.620  ? ? ? ? ? ? 229 100.000 ? ? ? ? 0.109 ? ? ? ? ? ? ? ? 10.000 ? 0.557  ? ? 0.114 0.035 ? 8  1 0.998 ? ? 
3.620 3.720  ? ? ? ? ? ? 235 99.600  ? ? ? ? 0.142 ? ? ? ? ? ? ? ? 9.500  ? 0.508  ? ? 0.150 0.048 ? 9  1 0.996 ? ? 
3.720 3.840  ? ? ? ? ? ? 222 100.000 ? ? ? ? 0.150 ? ? ? ? ? ? ? ? 10.300 ? 0.552  ? ? 0.158 0.049 ? 10 1 0.989 ? ? 
3.840 3.980  ? ? ? ? ? ? 243 100.000 ? ? ? ? 0.111 ? ? ? ? ? ? ? ? 10.800 ? 0.752  ? ? 0.116 0.035 ? 11 1 0.997 ? ? 
3.980 4.140  ? ? ? ? ? ? 234 100.000 ? ? ? ? 0.091 ? ? ? ? ? ? ? ? 11.200 ? 1.375  ? ? 0.096 0.029 ? 12 1 0.995 ? ? 
4.140 4.330  ? ? ? ? ? ? 236 100.000 ? ? ? ? 0.079 ? ? ? ? ? ? ? ? 10.700 ? 0.850  ? ? 0.083 0.026 ? 13 1 0.987 ? ? 
4.330 4.560  ? ? ? ? ? ? 231 100.000 ? ? ? ? 0.079 ? ? ? ? ? ? ? ? 10.900 ? 1.565  ? ? 0.083 0.025 ? 14 1 0.996 ? ? 
4.560 4.840  ? ? ? ? ? ? 227 100.000 ? ? ? ? 0.067 ? ? ? ? ? ? ? ? 10.000 ? 1.197  ? ? 0.071 0.022 ? 15 1 0.997 ? ? 
4.840 5.210  ? ? ? ? ? ? 237 97.900  ? ? ? ? 0.059 ? ? ? ? ? ? ? ? 10.600 ? 3.441  ? ? 0.062 0.019 ? 16 1 0.997 ? ? 
5.210 5.740  ? ? ? ? ? ? 224 100.000 ? ? ? ? 0.057 ? ? ? ? ? ? ? ? 10.900 ? 6.810  ? ? 0.060 0.019 ? 17 1 0.992 ? ? 
5.740 6.570  ? ? ? ? ? ? 236 100.000 ? ? ? ? 0.054 ? ? ? ? ? ? ? ? 10.700 ? 7.358  ? ? 0.056 0.017 ? 18 1 0.996 ? ? 
6.570 8.270  ? ? ? ? ? ? 235 98.700  ? ? ? ? 0.040 ? ? ? ? ? ? ? ? 10.400 ? 9.581  ? ? 0.042 0.013 ? 19 1 0.998 ? ? 
8.270 50.000 ? ? ? ? ? ? 228 98.700  ? ? ? ? 0.079 ? ? ? ? ? ? ? ? 10.500 ? 37.667 ? ? 0.084 0.027 ? 20 1 0.966 ? ? 
# 
_refine.aniso_B[1][1]                            -2.3600 
_refine.aniso_B[1][2]                            -1.1800 
_refine.aniso_B[1][3]                            0.0000 
_refine.aniso_B[2][2]                            -2.3600 
_refine.aniso_B[2][3]                            0.0000 
_refine.aniso_B[3][3]                            7.6600 
_refine.B_iso_max                                273.630 
_refine.B_iso_mean                               121.5890 
_refine.B_iso_min                                60.020 
_refine.correlation_coeff_Fo_to_Fc               0.9790 
_refine.correlation_coeff_Fo_to_Fc_free          0.9820 
_refine.details                                  
'HYDROGENS HAVE BEEN ADDED IN THE RIDING POSITIONS U VALUES      : REFINED INDIVIDUALLY' 
_refine.diff_density_max                         ? 
_refine.diff_density_max_esd                     ? 
_refine.diff_density_min                         ? 
_refine.diff_density_min_esd                     ? 
_refine.diff_density_rms                         ? 
_refine.diff_density_rms_esd                     ? 
_refine.entry_id                                 7JIQ 
_refine.pdbx_refine_id                           'X-RAY DIFFRACTION' 
_refine.ls_abs_structure_details                 ? 
_refine.ls_abs_structure_Flack                   ? 
_refine.ls_abs_structure_Flack_esd               ? 
_refine.ls_abs_structure_Rogers                  ? 
_refine.ls_abs_structure_Rogers_esd              ? 
_refine.ls_d_res_high                            3.0600 
_refine.ls_d_res_low                             50.00 
_refine.ls_extinction_coef                       ? 
_refine.ls_extinction_coef_esd                   ? 
_refine.ls_extinction_expression                 ? 
_refine.ls_extinction_method                     ? 
_refine.ls_goodness_of_fit_all                   ? 
_refine.ls_goodness_of_fit_all_esd               ? 
_refine.ls_goodness_of_fit_obs                   ? 
_refine.ls_goodness_of_fit_obs_esd               ? 
_refine.ls_hydrogen_treatment                    ? 
_refine.ls_matrix_type                           ? 
_refine.ls_number_constraints                    ? 
_refine.ls_number_parameters                     ? 
_refine.ls_number_reflns_all                     ? 
_refine.ls_number_reflns_obs                     4276 
_refine.ls_number_reflns_R_free                  223 
_refine.ls_number_reflns_R_work                  ? 
_refine.ls_number_restraints                     ? 
_refine.ls_percent_reflns_obs                    96.5700 
_refine.ls_percent_reflns_R_free                 5.0000 
_refine.ls_R_factor_all                          ? 
_refine.ls_R_factor_obs                          0.1907 
_refine.ls_R_factor_R_free                       0.2093 
_refine.ls_R_factor_R_free_error                 ? 
_refine.ls_R_factor_R_free_error_details         ? 
_refine.ls_R_factor_R_work                       0.1897 
_refine.ls_R_Fsqd_factor_obs                     ? 
_refine.ls_R_I_factor_obs                        ? 
_refine.ls_redundancy_reflns_all                 ? 
_refine.ls_redundancy_reflns_obs                 ? 
_refine.ls_restrained_S_all                      ? 
_refine.ls_restrained_S_obs                      ? 
_refine.ls_shift_over_esd_max                    ? 
_refine.ls_shift_over_esd_mean                   ? 
_refine.ls_structure_factor_coef                 ? 
_refine.ls_weighting_details                     ? 
_refine.ls_weighting_scheme                      ? 
_refine.ls_wR_factor_all                         ? 
_refine.ls_wR_factor_obs                         ? 
_refine.ls_wR_factor_R_free                      ? 
_refine.ls_wR_factor_R_work                      ? 
_refine.occupancy_max                            ? 
_refine.occupancy_min                            ? 
_refine.solvent_model_details                    MASK 
_refine.solvent_model_param_bsol                 ? 
_refine.solvent_model_param_ksol                 ? 
_refine.pdbx_R_complete                          ? 
_refine.ls_R_factor_gt                           ? 
_refine.ls_goodness_of_fit_gt                    ? 
_refine.ls_goodness_of_fit_ref                   ? 
_refine.ls_shift_over_su_max                     ? 
_refine.ls_shift_over_su_max_lt                  ? 
_refine.ls_shift_over_su_mean                    ? 
_refine.ls_shift_over_su_mean_lt                 ? 
_refine.pdbx_ls_sigma_I                          ? 
_refine.pdbx_ls_sigma_F                          0.000 
_refine.pdbx_ls_sigma_Fsqd                       ? 
_refine.pdbx_data_cutoff_high_absF               ? 
_refine.pdbx_data_cutoff_high_rms_absF           ? 
_refine.pdbx_data_cutoff_low_absF                ? 
_refine.pdbx_isotropic_thermal_model             ? 
_refine.pdbx_ls_cross_valid_method               THROUGHOUT 
_refine.pdbx_method_to_determine_struct          'MOLECULAR REPLACEMENT' 
_refine.pdbx_starting_model                      6XNA 
_refine.pdbx_stereochemistry_target_values       'MAXIMUM LIKELIHOOD' 
_refine.pdbx_R_Free_selection_details            RANDOM 
_refine.pdbx_stereochem_target_val_spec_case     ? 
_refine.pdbx_overall_ESU_R                       0.5960 
_refine.pdbx_overall_ESU_R_Free                  0.2940 
_refine.pdbx_solvent_vdw_probe_radii             1.2000 
_refine.pdbx_solvent_ion_probe_radii             0.8000 
_refine.pdbx_solvent_shrinkage_radii             0.8000 
_refine.pdbx_real_space_R                        ? 
_refine.pdbx_density_correlation                 ? 
_refine.pdbx_pd_number_of_powder_patterns        ? 
_refine.pdbx_pd_number_of_points                 ? 
_refine.pdbx_pd_meas_number_of_points            ? 
_refine.pdbx_pd_proc_ls_prof_R_factor            ? 
_refine.pdbx_pd_proc_ls_prof_wR_factor           ? 
_refine.pdbx_pd_Marquardt_correlation_coeff      ? 
_refine.pdbx_pd_Fsqrd_R_factor                   ? 
_refine.pdbx_pd_ls_matrix_band_width             ? 
_refine.pdbx_overall_phase_error                 ? 
_refine.pdbx_overall_SU_R_free_Cruickshank_DPI   ? 
_refine.pdbx_overall_SU_R_free_Blow_DPI          ? 
_refine.pdbx_overall_SU_R_Blow_DPI               ? 
_refine.pdbx_TLS_residual_ADP_flag               ? 
_refine.pdbx_diffrn_id                           1 
_refine.overall_SU_B                             17.7280 
_refine.overall_SU_ML                            0.2840 
_refine.overall_SU_R_Cruickshank_DPI             ? 
_refine.overall_SU_R_free                        ? 
_refine.overall_FOM_free_R_set                   ? 
_refine.overall_FOM_work_R_set                   ? 
_refine.pdbx_average_fsc_overall                 ? 
_refine.pdbx_average_fsc_work                    ? 
_refine.pdbx_average_fsc_free                    ? 
# 
_refine_hist.pdbx_refine_id                   'X-RAY DIFFRACTION' 
_refine_hist.cycle_id                         final 
_refine_hist.details                          ? 
_refine_hist.d_res_high                       3.0600 
_refine_hist.d_res_low                        50.00 
_refine_hist.number_atoms_solvent             0 
_refine_hist.number_atoms_total               855 
_refine_hist.number_reflns_all                ? 
_refine_hist.number_reflns_obs                ? 
_refine_hist.number_reflns_R_free             ? 
_refine_hist.number_reflns_R_work             ? 
_refine_hist.R_factor_all                     ? 
_refine_hist.R_factor_obs                     ? 
_refine_hist.R_factor_R_free                  ? 
_refine_hist.R_factor_R_work                  ? 
_refine_hist.pdbx_number_residues_total       42 
_refine_hist.pdbx_B_iso_mean_ligand           ? 
_refine_hist.pdbx_B_iso_mean_solvent          ? 
_refine_hist.pdbx_number_atoms_protein        0 
_refine_hist.pdbx_number_atoms_nucleic_acid   855 
_refine_hist.pdbx_number_atoms_ligand         0 
_refine_hist.pdbx_number_atoms_lipid          ? 
_refine_hist.pdbx_number_atoms_carb           ? 
_refine_hist.pdbx_pseudo_atom_details         ? 
# 
_refine_ls_shell.pdbx_refine_id                   'X-RAY DIFFRACTION' 
_refine_ls_shell.d_res_high                       3.06 
_refine_ls_shell.d_res_low                        3.1350 
_refine_ls_shell.number_reflns_all                ? 
_refine_ls_shell.number_reflns_obs                ? 
_refine_ls_shell.number_reflns_R_free             14 
_refine_ls_shell.number_reflns_R_work             283 
_refine_ls_shell.percent_reflns_obs               93.6900 
_refine_ls_shell.percent_reflns_R_free            ? 
_refine_ls_shell.R_factor_all                     ? 
_refine_ls_shell.R_factor_obs                     ? 
_refine_ls_shell.R_factor_R_free                  0.5600 
_refine_ls_shell.R_factor_R_free_error            0.0000 
_refine_ls_shell.R_factor_R_work                  0.3390 
_refine_ls_shell.redundancy_reflns_all            ? 
_refine_ls_shell.redundancy_reflns_obs            ? 
_refine_ls_shell.wR_factor_all                    ? 
_refine_ls_shell.wR_factor_obs                    ? 
_refine_ls_shell.wR_factor_R_free                 ? 
_refine_ls_shell.wR_factor_R_work                 ? 
_refine_ls_shell.pdbx_R_complete                  ? 
_refine_ls_shell.pdbx_total_number_of_bins_used   ? 
_refine_ls_shell.pdbx_phase_error                 ? 
_refine_ls_shell.pdbx_fsc_work                    ? 
_refine_ls_shell.pdbx_fsc_free                    ? 
# 
_struct.entry_id                     7JIQ 
_struct.title                        
;Self-assembly of a 3D DNA crystal lattice (4x6 scramble junction version) containing the J21 immobile Holliday junction with R3 symmetry
;
_struct.pdbx_model_details           ? 
_struct.pdbx_formula_weight          ? 
_struct.pdbx_formula_weight_method   ? 
_struct.pdbx_model_type_details      ? 
_struct.pdbx_CASP_flag               N 
# 
_struct_keywords.entry_id        7JIQ 
_struct_keywords.text            
'Structural DNA nanotechnology, immobile Holliday junctions, 3D DNA self-assembly, designer DNA crystals, DNA' 
_struct_keywords.pdbx_keywords   DNA 
# 
loop_
_struct_asym.id 
_struct_asym.pdbx_blank_PDB_chainid_flag 
_struct_asym.pdbx_modified 
_struct_asym.entity_id 
_struct_asym.details 
A N N 1 ? 
B N N 2 ? 
C N N 3 ? 
D N N 4 ? 
# 
loop_
_struct_conn.id 
_struct_conn.conn_type_id 
_struct_conn.pdbx_leaving_atom_flag 
_struct_conn.pdbx_PDB_id 
_struct_conn.ptnr1_label_asym_id 
_struct_conn.ptnr1_label_comp_id 
_struct_conn.ptnr1_label_seq_id 
_struct_conn.ptnr1_label_atom_id 
_struct_conn.pdbx_ptnr1_label_alt_id 
_struct_conn.pdbx_ptnr1_PDB_ins_code 
_struct_conn.pdbx_ptnr1_standard_comp_id 
_struct_conn.ptnr1_symmetry 
_struct_conn.ptnr2_label_asym_id 
_struct_conn.ptnr2_label_comp_id 
_struct_conn.ptnr2_label_seq_id 
_struct_conn.ptnr2_label_atom_id 
_struct_conn.pdbx_ptnr2_label_alt_id 
_struct_conn.pdbx_ptnr2_PDB_ins_code 
_struct_conn.ptnr1_auth_asym_id 
_struct_conn.ptnr1_auth_comp_id 
_struct_conn.ptnr1_auth_seq_id 
_struct_conn.ptnr2_auth_asym_id 
_struct_conn.ptnr2_auth_comp_id 
_struct_conn.ptnr2_auth_seq_id 
_struct_conn.ptnr2_symmetry 
_struct_conn.pdbx_ptnr3_label_atom_id 
_struct_conn.pdbx_ptnr3_label_seq_id 
_struct_conn.pdbx_ptnr3_label_comp_id 
_struct_conn.pdbx_ptnr3_label_asym_id 
_struct_conn.pdbx_ptnr3_label_alt_id 
_struct_conn.pdbx_ptnr3_PDB_ins_code 
_struct_conn.details 
_struct_conn.pdbx_dist_value 
_struct_conn.pdbx_value_order 
_struct_conn.pdbx_role 
hydrog1  hydrog ? ? A DA 2  N6 ? ? ? 1_555 D DT 15 O4 ? ? A DA 2  D DT 16 1_555 ? ? ? ? ? ? 'DA-DT PAIR'    ? ? ? 
hydrog2  hydrog ? ? A DA 3  N6 ? ? ? 1_555 D DG 14 O6 ? ? A DA 3  D DG 15 1_555 ? ? ? ? ? ? 'DA-DG MISPAIR' ? ? ? 
hydrog3  hydrog ? ? A DC 4  N3 ? ? ? 1_555 D DG 14 N1 ? ? A DC 4  D DG 15 1_555 ? ? ? ? ? ? WATSON-CRICK    ? ? ? 
hydrog4  hydrog ? ? A DC 4  N4 ? ? ? 1_555 D DG 14 O6 ? ? A DC 4  D DG 15 1_555 ? ? ? ? ? ? WATSON-CRICK    ? ? ? 
hydrog5  hydrog ? ? A DC 4  O2 ? ? ? 1_555 D DG 14 N2 ? ? A DC 4  D DG 15 1_555 ? ? ? ? ? ? WATSON-CRICK    ? ? ? 
hydrog6  hydrog ? ? A DG 5  N1 ? ? ? 1_555 D DC 13 N3 ? ? A DG 5  D DC 14 1_555 ? ? ? ? ? ? WATSON-CRICK    ? ? ? 
hydrog7  hydrog ? ? A DG 5  N2 ? ? ? 1_555 D DC 13 O2 ? ? A DG 5  D DC 14 1_555 ? ? ? ? ? ? WATSON-CRICK    ? ? ? 
hydrog8  hydrog ? ? A DG 5  O6 ? ? ? 1_555 D DC 13 N4 ? ? A DG 5  D DC 14 1_555 ? ? ? ? ? ? WATSON-CRICK    ? ? ? 
hydrog9  hydrog ? ? A DA 6  N1 ? ? ? 1_555 D DT 12 N3 ? ? A DA 6  D DT 13 1_555 ? ? ? ? ? ? WATSON-CRICK    ? ? ? 
hydrog10 hydrog ? ? A DA 6  N6 ? ? ? 1_555 D DT 12 O4 ? ? A DA 6  D DT 13 1_555 ? ? ? ? ? ? WATSON-CRICK    ? ? ? 
hydrog11 hydrog ? ? A DC 7  N3 ? ? ? 1_555 D DG 11 N1 ? ? A DC 7  D DG 12 1_555 ? ? ? ? ? ? WATSON-CRICK    ? ? ? 
hydrog12 hydrog ? ? A DC 7  N4 ? ? ? 1_555 D DG 11 O6 ? ? A DC 7  D DG 12 1_555 ? ? ? ? ? ? WATSON-CRICK    ? ? ? 
hydrog13 hydrog ? ? A DC 7  O2 ? ? ? 1_555 D DG 11 N2 ? ? A DC 7  D DG 12 1_555 ? ? ? ? ? ? WATSON-CRICK    ? ? ? 
hydrog14 hydrog ? ? A DA 8  N1 ? ? ? 1_555 D DT 10 N3 ? ? A DA 8  D DT 11 1_555 ? ? ? ? ? ? WATSON-CRICK    ? ? ? 
hydrog15 hydrog ? ? A DA 8  N6 ? ? ? 1_555 D DT 10 O4 ? ? A DA 8  D DT 11 1_555 ? ? ? ? ? ? WATSON-CRICK    ? ? ? 
hydrog16 hydrog ? ? A DC 9  N4 ? ? ? 1_555 D DG 9  O6 ? ? A DC 9  D DG 10 1_555 ? ? ? ? ? ? 'DC-DG PAIR'    ? ? ? 
hydrog17 hydrog ? ? A DT 10 N3 ? ? ? 1_555 C DA 3  N1 ? ? A DT 10 C DA 2  1_555 ? ? ? ? ? ? WATSON-CRICK    ? ? ? 
hydrog18 hydrog ? ? A DT 10 O4 ? ? ? 1_555 C DA 3  N6 ? ? A DT 10 C DA 2  1_555 ? ? ? ? ? ? WATSON-CRICK    ? ? ? 
hydrog19 hydrog ? ? A DG 11 N1 ? ? ? 1_555 C DC 2  N3 ? ? A DG 11 C DC 1  1_555 ? ? ? ? ? ? WATSON-CRICK    ? ? ? 
hydrog20 hydrog ? ? A DG 11 N2 ? ? ? 1_555 C DC 2  O2 ? ? A DG 11 C DC 1  1_555 ? ? ? ? ? ? WATSON-CRICK    ? ? ? 
hydrog21 hydrog ? ? A DG 11 O6 ? ? ? 1_555 C DC 2  N4 ? ? A DG 11 C DC 1  1_555 ? ? ? ? ? ? WATSON-CRICK    ? ? ? 
hydrog22 hydrog ? ? A DA 12 N1 ? ? ? 1_555 C DT 1  N3 ? ? A DA 12 C DT 0  1_555 ? ? ? ? ? ? WATSON-CRICK    ? ? ? 
hydrog23 hydrog ? ? A DA 12 N6 ? ? ? 1_555 C DT 1  O4 ? ? A DA 12 C DT 0  1_555 ? ? ? ? ? ? WATSON-CRICK    ? ? ? 
hydrog24 hydrog ? ? B DC 1  N3 ? ? ? 1_555 C DG 6  N1 ? ? B DC 12 C DG 5  1_555 ? ? ? ? ? ? WATSON-CRICK    ? ? ? 
hydrog25 hydrog ? ? B DC 1  N4 ? ? ? 1_555 C DG 6  O6 ? ? B DC 12 C DG 5  1_555 ? ? ? ? ? ? WATSON-CRICK    ? ? ? 
hydrog26 hydrog ? ? B DC 1  O2 ? ? ? 1_555 C DG 6  N2 ? ? B DC 12 C DG 5  1_555 ? ? ? ? ? ? WATSON-CRICK    ? ? ? 
hydrog27 hydrog ? ? B DG 2  N1 ? ? ? 1_555 C DC 5  N3 ? ? B DG 13 C DC 4  1_555 ? ? ? ? ? ? WATSON-CRICK    ? ? ? 
hydrog28 hydrog ? ? B DG 2  N2 ? ? ? 1_555 C DC 5  O2 ? ? B DG 13 C DC 4  1_555 ? ? ? ? ? ? WATSON-CRICK    ? ? ? 
hydrog29 hydrog ? ? B DG 2  O6 ? ? ? 1_555 C DC 5  N4 ? ? B DG 13 C DC 4  1_555 ? ? ? ? ? ? WATSON-CRICK    ? ? ? 
hydrog30 hydrog ? ? B DT 3  N3 ? ? ? 1_555 C DA 4  N1 ? ? B DT 14 C DA 3  1_555 ? ? ? ? ? ? WATSON-CRICK    ? ? ? 
hydrog31 hydrog ? ? B DT 3  O4 ? ? ? 1_555 C DA 4  N6 ? ? B DT 14 C DA 3  1_555 ? ? ? ? ? ? WATSON-CRICK    ? ? ? 
hydrog32 hydrog ? ? B DG 4  N1 ? ? ? 1_555 D DC 8  N3 ? ? B DG 15 D DC 9  1_555 ? ? ? ? ? ? WATSON-CRICK    ? ? ? 
hydrog33 hydrog ? ? B DG 4  N2 ? ? ? 1_555 D DC 8  O2 ? ? B DG 15 D DC 9  1_555 ? ? ? ? ? ? WATSON-CRICK    ? ? ? 
hydrog34 hydrog ? ? B DG 4  O6 ? ? ? 1_555 D DC 8  N4 ? ? B DG 15 D DC 9  1_555 ? ? ? ? ? ? WATSON-CRICK    ? ? ? 
hydrog35 hydrog ? ? B DG 5  N1 ? ? ? 1_555 D DC 7  N3 ? ? B DG 16 D DC 8  1_555 ? ? ? ? ? ? WATSON-CRICK    ? ? ? 
hydrog36 hydrog ? ? B DG 5  N2 ? ? ? 1_555 D DC 7  O2 ? ? B DG 16 D DC 8  1_555 ? ? ? ? ? ? WATSON-CRICK    ? ? ? 
hydrog37 hydrog ? ? B DG 5  O6 ? ? ? 1_555 D DC 7  N4 ? ? B DG 16 D DC 8  1_555 ? ? ? ? ? ? WATSON-CRICK    ? ? ? 
hydrog38 hydrog ? ? B DA 6  N1 ? ? ? 1_555 D DT 6  N3 ? ? B DA 17 D DT 7  1_555 ? ? ? ? ? ? WATSON-CRICK    ? ? ? 
hydrog39 hydrog ? ? B DA 6  N6 ? ? ? 1_555 D DT 6  O4 ? ? B DA 17 D DT 7  1_555 ? ? ? ? ? ? WATSON-CRICK    ? ? ? 
hydrog40 hydrog ? ? B DC 7  N3 ? ? ? 1_555 D DG 5  N1 ? ? B DC 18 D DG 6  1_555 ? ? ? ? ? ? WATSON-CRICK    ? ? ? 
hydrog41 hydrog ? ? B DC 7  N4 ? ? ? 1_555 D DG 5  O6 ? ? B DC 18 D DG 6  1_555 ? ? ? ? ? ? WATSON-CRICK    ? ? ? 
hydrog42 hydrog ? ? B DC 7  O2 ? ? ? 1_555 D DG 5  N2 ? ? B DC 18 D DG 6  1_555 ? ? ? ? ? ? WATSON-CRICK    ? ? ? 
hydrog43 hydrog ? ? B DT 8  N3 ? ? ? 1_555 D DA 4  N1 ? ? B DT 19 D DA 5  1_555 ? ? ? ? ? ? WATSON-CRICK    ? ? ? 
hydrog44 hydrog ? ? B DT 8  O4 ? ? ? 1_555 D DA 4  N6 ? ? B DT 19 D DA 5  1_555 ? ? ? ? ? ? WATSON-CRICK    ? ? ? 
hydrog45 hydrog ? ? B DC 9  N3 ? ? ? 1_555 D DG 3  N1 ? ? B DC 20 D DG 4  1_555 ? ? ? ? ? ? WATSON-CRICK    ? ? ? 
hydrog46 hydrog ? ? B DC 9  N4 ? ? ? 1_555 D DG 3  O6 ? ? B DC 20 D DG 4  1_555 ? ? ? ? ? ? WATSON-CRICK    ? ? ? 
hydrog47 hydrog ? ? B DC 9  O2 ? ? ? 1_555 D DG 3  N2 ? ? B DC 20 D DG 4  1_555 ? ? ? ? ? ? WATSON-CRICK    ? ? ? 
# 
_struct_conn_type.id          hydrog 
_struct_conn_type.criteria    ? 
_struct_conn_type.reference   ? 
# 
_atom_sites.entry_id                    7JIQ 
_atom_sites.Cartn_transf_matrix[1][1]   ? 
_atom_sites.Cartn_transf_matrix[1][2]   ? 
_atom_sites.Cartn_transf_matrix[1][3]   ? 
_atom_sites.Cartn_transf_matrix[2][1]   ? 
_atom_sites.Cartn_transf_matrix[2][2]   ? 
_atom_sites.Cartn_transf_matrix[2][3]   ? 
_atom_sites.Cartn_transf_matrix[3][1]   ? 
_atom_sites.Cartn_transf_matrix[3][2]   ? 
_atom_sites.Cartn_transf_matrix[3][3]   ? 
_atom_sites.Cartn_transf_vector[1]      ? 
_atom_sites.Cartn_transf_vector[2]      ? 
_atom_sites.Cartn_transf_vector[3]      ? 
_atom_sites.fract_transf_matrix[1][1]   -0.00180570 
_atom_sites.fract_transf_matrix[1][2]   0.00508991 
_atom_sites.fract_transf_matrix[1][3]   0.00863442 
_atom_sites.fract_transf_matrix[2][1]   -0.00700835 
_atom_sites.fract_transf_matrix[2][2]   0.00738663 
_atom_sites.fract_transf_matrix[2][3]   0.00018585 
_atom_sites.fract_transf_matrix[3][1]   -0.01363443 
_atom_sites.fract_transf_matrix[3][2]   -0.01305813 
_atom_sites.fract_transf_matrix[3][3]   0.00484630 
_atom_sites.fract_transf_vector[1]      0.168634 
_atom_sites.fract_transf_vector[2]      0.340011 
_atom_sites.fract_transf_vector[3]      -0.061473 
_atom_sites.solution_primary            ? 
_atom_sites.solution_secondary          ? 
_atom_sites.solution_hydrogens          ? 
_atom_sites.special_details             ? 
# 
loop_
_atom_type.symbol 
C 
N 
O 
P 
# 
loop_
_atom_site.group_PDB 
_atom_site.id 
_atom_site.type_symbol 
_atom_site.label_atom_id 
_atom_site.label_alt_id 
_atom_site.label_comp_id 
_atom_site.label_asym_id 
_atom_site.label_entity_id 
_atom_site.label_seq_id 
_atom_site.pdbx_PDB_ins_code 
_atom_site.Cartn_x 
_atom_site.Cartn_y 
_atom_site.Cartn_z 
_atom_site.occupancy 
_atom_site.B_iso_or_equiv 
_atom_site.pdbx_formal_charge 
_atom_site.auth_seq_id 
_atom_site.auth_comp_id 
_atom_site.auth_asym_id 
_atom_site.auth_atom_id 
_atom_site.pdbx_PDB_model_num 
ATOM 1   O "O5'" . DG A 1 1  ? -24.663 -1.498  14.523  1.00 178.96 ? 1  DG A "O5'" 1 
ATOM 2   C "C5'" . DG A 1 1  ? -23.493 -2.184  15.009  1.00 165.46 ? 1  DG A "C5'" 1 
ATOM 3   C "C4'" . DG A 1 1  ? -22.687 -1.245  15.875  1.00 158.28 ? 1  DG A "C4'" 1 
ATOM 4   O "O4'" . DG A 1 1  ? -22.255 -1.961  17.038  1.00 141.16 ? 1  DG A "O4'" 1 
ATOM 5   C "C3'" . DG A 1 1  ? -21.397 -0.715  15.259  1.00 157.39 ? 1  DG A "C3'" 1 
ATOM 6   O "O3'" . DG A 1 1  ? -21.596 0.528   14.587  1.00 173.43 ? 1  DG A "O3'" 1 
ATOM 7   C "C2'" . DG A 1 1  ? -20.524 -0.438  16.466  1.00 130.72 ? 1  DG A "C2'" 1 
ATOM 8   C "C1'" . DG A 1 1  ? -21.070 -1.368  17.533  1.00 122.02 ? 1  DG A "C1'" 1 
ATOM 9   N N9    . DG A 1 1  ? -20.172 -2.442  17.921  1.00 117.26 ? 1  DG A N9    1 
ATOM 10  C C8    . DG A 1 1  ? -20.427 -3.795  17.949  1.00 117.53 ? 1  DG A C8    1 
ATOM 11  N N7    . DG A 1 1  ? -19.431 -4.492  18.423  1.00 110.74 ? 1  DG A N7    1 
ATOM 12  C C5    . DG A 1 1  ? -18.465 -3.543  18.730  1.00 110.29 ? 1  DG A C5    1 
ATOM 13  C C6    . DG A 1 1  ? -17.156 -3.699  19.263  1.00 117.68 ? 1  DG A C6    1 
ATOM 14  O O6    . DG A 1 1  ? -16.572 -4.744  19.570  1.00 132.34 ? 1  DG A O6    1 
ATOM 15  N N1    . DG A 1 1  ? -16.513 -2.470  19.416  1.00 98.60  ? 1  DG A N1    1 
ATOM 16  C C2    . DG A 1 1  ? -17.049 -1.251  19.068  1.00 117.74 ? 1  DG A C2    1 
ATOM 17  N N2    . DG A 1 1  ? -16.270 -0.176  19.276  1.00 123.48 ? 1  DG A N2    1 
ATOM 18  N N3    . DG A 1 1  ? -18.267 -1.095  18.565  1.00 98.64  ? 1  DG A N3    1 
ATOM 19  C C4    . DG A 1 1  ? -18.911 -2.274  18.426  1.00 105.13 ? 1  DG A C4    1 
ATOM 20  P P     . DA A 1 2  ? -21.015 0.730   13.126  1.00 179.54 ? 2  DA A P     1 
ATOM 21  O OP1   . DA A 1 2  ? -22.176 0.827   12.202  1.00 193.35 ? 2  DA A OP1   1 
ATOM 22  O OP2   . DA A 1 2  ? -19.982 -0.312  12.899  1.00 159.75 ? 2  DA A OP2   1 
ATOM 23  O "O5'" . DA A 1 2  ? -20.313 2.164   13.165  1.00 146.18 ? 2  DA A "O5'" 1 
ATOM 24  C "C5'" . DA A 1 2  ? -19.892 2.808   14.377  1.00 131.70 ? 2  DA A "C5'" 1 
ATOM 25  C "C4'" . DA A 1 2  ? -18.392 2.737   14.563  1.00 142.11 ? 2  DA A "C4'" 1 
ATOM 26  O "O4'" . DA A 1 2  ? -18.027 1.536   15.269  1.00 122.97 ? 2  DA A "O4'" 1 
ATOM 27  C "C3'" . DA A 1 2  ? -17.531 2.755   13.295  1.00 160.34 ? 2  DA A "C3'" 1 
ATOM 28  O "O3'" . DA A 1 2  ? -16.742 3.942   13.265  1.00 179.62 ? 2  DA A "O3'" 1 
ATOM 29  C "C2'" . DA A 1 2  ? -16.645 1.524   13.431  1.00 151.03 ? 2  DA A "C2'" 1 
ATOM 30  C "C1'" . DA A 1 2  ? -16.707 1.211   14.897  1.00 125.02 ? 2  DA A "C1'" 1 
ATOM 31  N N9    . DA A 1 2  ? -16.513 -0.204  15.171  1.00 120.02 ? 2  DA A N9    1 
ATOM 32  C C8    . DA A 1 2  ? -17.341 -1.246  14.822  1.00 127.46 ? 2  DA A C8    1 
ATOM 33  N N7    . DA A 1 2  ? -16.919 -2.418  15.230  1.00 112.49 ? 2  DA A N7    1 
ATOM 34  C C5    . DA A 1 2  ? -15.733 -2.130  15.890  1.00 114.57 ? 2  DA A C5    1 
ATOM 35  C C6    . DA A 1 2  ? -14.804 -2.946  16.555  1.00 120.77 ? 2  DA A C6    1 
ATOM 36  N N6    . DA A 1 2  ? -14.923 -4.274  16.638  1.00 113.21 ? 2  DA A N6    1 
ATOM 37  N N1    . DA A 1 2  ? -13.732 -2.347  17.121  1.00 125.04 ? 2  DA A N1    1 
ATOM 38  C C2    . DA A 1 2  ? -13.606 -1.011  17.007  1.00 134.55 ? 2  DA A C2    1 
ATOM 39  N N3    . DA A 1 2  ? -14.411 -0.138  16.393  1.00 116.22 ? 2  DA A N3    1 
ATOM 40  C C4    . DA A 1 2  ? -15.470 -0.769  15.858  1.00 111.80 ? 2  DA A C4    1 
ATOM 41  P P     . DA A 1 3  ? -15.511 4.054   12.273  1.00 181.53 ? 3  DA A P     1 
ATOM 42  O OP1   . DA A 1 3  ? -15.423 5.473   11.836  1.00 219.85 ? 3  DA A OP1   1 
ATOM 43  O OP2   . DA A 1 3  ? -15.630 2.979   11.255  1.00 179.99 ? 3  DA A OP2   1 
ATOM 44  O "O5'" . DA A 1 3  ? -14.276 3.672   13.199  1.00 152.67 ? 3  DA A "O5'" 1 
ATOM 45  C "C5'" . DA A 1 3  ? -13.498 4.715   13.806  1.00 176.41 ? 3  DA A "C5'" 1 
ATOM 46  C "C4'" . DA A 1 3  ? -12.105 4.213   14.084  1.00 175.05 ? 3  DA A "C4'" 1 
ATOM 47  O "O4'" . DA A 1 3  ? -12.182 2.853   14.573  1.00 173.24 ? 3  DA A "O4'" 1 
ATOM 48  C "C3'" . DA A 1 3  ? -11.190 4.165   12.866  1.00 164.68 ? 3  DA A "C3'" 1 
ATOM 49  O "O3'" . DA A 1 3  ? -9.889  4.487   13.350  1.00 176.11 ? 3  DA A "O3'" 1 
ATOM 50  C "C2'" . DA A 1 3  ? -11.332 2.727   12.403  1.00 153.33 ? 3  DA A "C2'" 1 
ATOM 51  C "C1'" . DA A 1 3  ? -11.436 2.001   13.729  1.00 146.49 ? 3  DA A "C1'" 1 
ATOM 52  N N9    . DA A 1 3  ? -12.146 0.735   13.646  1.00 128.80 ? 3  DA A N9    1 
ATOM 53  C C8    . DA A 1 3  ? -13.359 0.480   13.052  1.00 122.00 ? 3  DA A C8    1 
ATOM 54  N N7    . DA A 1 3  ? -13.719 -0.781  13.106  1.00 115.20 ? 3  DA A N7    1 
ATOM 55  C C5    . DA A 1 3  ? -12.675 -1.397  13.786  1.00 124.51 ? 3  DA A C5    1 
ATOM 56  C C6    . DA A 1 3  ? -12.452 -2.737  14.172  1.00 119.84 ? 3  DA A C6    1 
ATOM 57  N N6    . DA A 1 3  ? -13.309 -3.732  13.922  1.00 119.03 ? 3  DA A N6    1 
ATOM 58  N N1    . DA A 1 3  ? -11.313 -3.014  14.855  1.00 112.03 ? 3  DA A N1    1 
ATOM 59  C C2    . DA A 1 3  ? -10.453 -2.010  15.105  1.00 123.77 ? 3  DA A C2    1 
ATOM 60  N N3    . DA A 1 3  ? -10.551 -0.713  14.786  1.00 121.50 ? 3  DA A N3    1 
ATOM 61  C C4    . DA A 1 3  ? -11.702 -0.471  14.129  1.00 127.36 ? 3  DA A C4    1 
ATOM 62  P P     . DC A 1 4  ? -8.622  4.204   12.462  1.00 175.75 ? 4  DC A P     1 
ATOM 63  O OP1   . DC A 1 4  ? -7.537  5.096   12.951  1.00 181.51 ? 4  DC A OP1   1 
ATOM 64  O OP2   . DC A 1 4  ? -9.057  4.292   11.043  1.00 177.53 ? 4  DC A OP2   1 
ATOM 65  O "O5'" . DC A 1 4  ? -8.243  2.697   12.837  1.00 146.51 ? 4  DC A "O5'" 1 
ATOM 66  C "C5'" . DC A 1 4  ? -7.425  2.430   13.995  1.00 158.41 ? 4  DC A "C5'" 1 
ATOM 67  C "C4'" . DC A 1 4  ? -6.665  1.129   13.860  1.00 163.61 ? 4  DC A "C4'" 1 
ATOM 68  O "O4'" . DC A 1 4  ? -7.603  0.037   13.805  1.00 154.47 ? 4  DC A "O4'" 1 
ATOM 69  C "C3'" . DC A 1 4  ? -5.747  0.987   12.637  1.00 159.56 ? 4  DC A "C3'" 1 
ATOM 70  O "O3'" . DC A 1 4  ? -4.368  0.961   13.048  1.00 180.19 ? 4  DC A "O3'" 1 
ATOM 71  C "C2'" . DC A 1 4  ? -6.178  -0.320  11.981  1.00 140.16 ? 4  DC A "C2'" 1 
ATOM 72  C "C1'" . DC A 1 4  ? -7.070  -1.000  13.005  1.00 132.89 ? 4  DC A "C1'" 1 
ATOM 73  N N1    . DC A 1 4  ? -8.215  -1.749  12.450  1.00 123.55 ? 4  DC A N1    1 
ATOM 74  C C2    . DC A 1 4  ? -8.333  -3.123  12.716  1.00 115.68 ? 4  DC A C2    1 
ATOM 75  O O2    . DC A 1 4  ? -7.435  -3.687  13.361  1.00 113.81 ? 4  DC A O2    1 
ATOM 76  N N3    . DC A 1 4  ? -9.408  -3.802  12.241  1.00 97.19  ? 4  DC A N3    1 
ATOM 77  C C4    . DC A 1 4  ? -10.350 -3.155  11.544  1.00 102.60 ? 4  DC A C4    1 
ATOM 78  N N4    . DC A 1 4  ? -11.400 -3.855  11.106  1.00 106.77 ? 4  DC A N4    1 
ATOM 79  C C5    . DC A 1 4  ? -10.259 -1.757  11.266  1.00 95.24  ? 4  DC A C5    1 
ATOM 80  C C6    . DC A 1 4  ? -9.193  -1.097  11.747  1.00 111.53 ? 4  DC A C6    1 
ATOM 81  P P     . DG A 1 5  ? -3.169  0.860   11.967  1.00 193.09 ? 5  DG A P     1 
ATOM 82  O OP1   . DG A 1 5  ? -1.950  1.489   12.568  1.00 186.26 ? 5  DG A OP1   1 
ATOM 83  O OP2   . DG A 1 5  ? -3.676  1.379   10.667  1.00 179.01 ? 5  DG A OP2   1 
ATOM 84  O "O5'" . DG A 1 5  ? -2.941  -0.717  11.840  1.00 160.89 ? 5  DG A "O5'" 1 
ATOM 85  C "C5'" . DG A 1 5  ? -2.888  -1.546  13.019  1.00 145.78 ? 5  DG A "C5'" 1 
ATOM 86  C "C4'" . DG A 1 5  ? -2.709  -3.015  12.702  1.00 150.28 ? 5  DG A "C4'" 1 
ATOM 87  O "O4'" . DG A 1 5  ? -3.977  -3.616  12.348  1.00 141.00 ? 5  DG A "O4'" 1 
ATOM 88  C "C3'" . DG A 1 5  ? -1.737  -3.395  11.581  1.00 150.20 ? 5  DG A "C3'" 1 
ATOM 89  O "O3'" . DG A 1 5  ? -1.076  -4.615  11.949  1.00 170.38 ? 5  DG A "O3'" 1 
ATOM 90  C "C2'" . DG A 1 5  ? -2.662  -3.649  10.410  1.00 151.12 ? 5  DG A "C2'" 1 
ATOM 91  C "C1'" . DG A 1 5  ? -3.869  -4.275  11.092  1.00 139.91 ? 5  DG A "C1'" 1 
ATOM 92  N N9    . DG A 1 5  ? -5.134  -4.076  10.390  1.00 116.75 ? 5  DG A N9    1 
ATOM 93  C C8    . DG A 1 5  ? -5.586  -2.898  9.841   1.00 128.65 ? 5  DG A C8    1 
ATOM 94  N N7    . DG A 1 5  ? -6.774  -3.001  9.309   1.00 121.45 ? 5  DG A N7    1 
ATOM 95  C C5    . DG A 1 5  ? -7.143  -4.317  9.543   1.00 99.09  ? 5  DG A C5    1 
ATOM 96  C C6    . DG A 1 5  ? -8.339  -5.005  9.212   1.00 102.05 ? 5  DG A C6    1 
ATOM 97  O O6    . DG A 1 5  ? -9.334  -4.573  8.615   1.00 110.70 ? 5  DG A O6    1 
ATOM 98  N N1    . DG A 1 5  ? -8.302  -6.332  9.634   1.00 104.11 ? 5  DG A N1    1 
ATOM 99  C C2    . DG A 1 5  ? -7.245  -6.918  10.300  1.00 128.43 ? 5  DG A C2    1 
ATOM 100 N N2    . DG A 1 5  ? -7.397  -8.212  10.627  1.00 145.65 ? 5  DG A N2    1 
ATOM 101 N N3    . DG A 1 5  ? -6.121  -6.283  10.621  1.00 94.23  ? 5  DG A N3    1 
ATOM 102 C C4    . DG A 1 5  ? -6.140  -4.995  10.213  1.00 99.34  ? 5  DG A C4    1 
ATOM 103 P P     . DA A 1 6  ? 0.103   -5.232  11.050  1.00 189.54 ? 6  DA A P     1 
ATOM 104 O OP1   . DA A 1 6  ? 1.261   -5.527  11.941  1.00 191.82 ? 6  DA A OP1   1 
ATOM 105 O OP2   . DA A 1 6  ? 0.310   -4.337  9.876   1.00 182.94 ? 6  DA A OP2   1 
ATOM 106 O "O5'" . DA A 1 6  ? -0.508  -6.640  10.616  1.00 143.71 ? 6  DA A "O5'" 1 
ATOM 107 C "C5'" . DA A 1 6  ? -0.549  -7.724  11.556  1.00 137.15 ? 6  DA A "C5'" 1 
ATOM 108 C "C4'" . DA A 1 6  ? -1.226  -8.921  10.938  1.00 135.45 ? 6  DA A "C4'" 1 
ATOM 109 O "O4'" . DA A 1 6  ? -2.529  -8.520  10.456  1.00 126.26 ? 6  DA A "O4'" 1 
ATOM 110 C "C3'" . DA A 1 6  ? -0.487  -9.525  9.740   1.00 142.99 ? 6  DA A "C3'" 1 
ATOM 111 O "O3'" . DA A 1 6  ? -0.397  -10.956 9.833   1.00 169.50 ? 6  DA A "O3'" 1 
ATOM 112 C "C2'" . DA A 1 6  ? -1.310  -9.065  8.549   1.00 133.67 ? 6  DA A "C2'" 1 
ATOM 113 C "C1'" . DA A 1 6  ? -2.703  -8.968  9.121   1.00 117.50 ? 6  DA A "C1'" 1 
ATOM 114 N N9    . DA A 1 6  ? -3.547  -7.991  8.442   1.00 113.22 ? 6  DA A N9    1 
ATOM 115 C C8    . DA A 1 6  ? -3.288  -6.648  8.296   1.00 121.97 ? 6  DA A C8    1 
ATOM 116 N N7    . DA A 1 6  ? -4.232  -5.991  7.664   1.00 104.10 ? 6  DA A N7    1 
ATOM 117 C C5    . DA A 1 6  ? -5.190  -6.958  7.398   1.00 107.77 ? 6  DA A C5    1 
ATOM 118 C C6    . DA A 1 6  ? -6.451  -6.895  6.768   1.00 106.60 ? 6  DA A C6    1 
ATOM 119 N N6    . DA A 1 6  ? -6.965  -5.770  6.264   1.00 101.67 ? 6  DA A N6    1 
ATOM 120 N N1    . DA A 1 6  ? -7.164  -8.043  6.661   1.00 113.24 ? 6  DA A N1    1 
ATOM 121 C C2    . DA A 1 6  ? -6.636  -9.173  7.167   1.00 138.20 ? 6  DA A C2    1 
ATOM 122 N N3    . DA A 1 6  ? -5.461  -9.357  7.787   1.00 120.63 ? 6  DA A N3    1 
ATOM 123 C C4    . DA A 1 6  ? -4.783  -8.196  7.874   1.00 110.98 ? 6  DA A C4    1 
ATOM 124 P P     . DC A 1 7  ? 0.306   -11.819 8.658   1.00 181.42 ? 7  DC A P     1 
ATOM 125 O OP1   . DC A 1 7  ? 0.661   -13.153 9.210   1.00 196.57 ? 7  DC A OP1   1 
ATOM 126 O OP2   . DC A 1 7  ? 1.383   -10.984 8.073   1.00 182.11 ? 7  DC A OP2   1 
ATOM 127 O "O5'" . DC A 1 7  ? -0.900  -12.077 7.644   1.00 138.55 ? 7  DC A "O5'" 1 
ATOM 128 C "C5'" . DC A 1 7  ? -2.096  -12.676 8.163   1.00 155.63 ? 7  DC A "C5'" 1 
ATOM 129 C "C4'" . DC A 1 7  ? -3.075  -13.008 7.066   1.00 167.08 ? 7  DC A "C4'" 1 
ATOM 130 O "O4'" . DC A 1 7  ? -3.835  -11.833 6.698   1.00 170.04 ? 7  DC A "O4'" 1 
ATOM 131 C "C3'" . DC A 1 7  ? -2.470  -13.540 5.764   1.00 176.83 ? 7  DC A "C3'" 1 
ATOM 132 O "O3'" . DC A 1 7  ? -3.241  -14.668 5.344   1.00 188.32 ? 7  DC A "O3'" 1 
ATOM 133 C "C2'" . DC A 1 7  ? -2.660  -12.388 4.798   1.00 175.01 ? 7  DC A "C2'" 1 
ATOM 134 C "C1'" . DC A 1 7  ? -3.978  -11.837 5.290   1.00 163.60 ? 7  DC A "C1'" 1 
ATOM 135 N N1    . DC A 1 7  ? -4.283  -10.461 4.856   1.00 153.63 ? 7  DC A N1    1 
ATOM 136 C C2    . DC A 1 7  ? -5.553  -10.164 4.320   1.00 153.35 ? 7  DC A C2    1 
ATOM 137 O O2    . DC A 1 7  ? -6.396  -11.074 4.222   1.00 159.72 ? 7  DC A O2    1 
ATOM 138 N N3    . DC A 1 7  ? -5.822  -8.891  3.925   1.00 103.95 ? 7  DC A N3    1 
ATOM 139 C C4    . DC A 1 7  ? -4.888  -7.941  4.062   1.00 108.71 ? 7  DC A C4    1 
ATOM 140 N N4    . DC A 1 7  ? -5.191  -6.701  3.681   1.00 111.34 ? 7  DC A N4    1 
ATOM 141 C C5    . DC A 1 7  ? -3.595  -8.221  4.601   1.00 109.39 ? 7  DC A C5    1 
ATOM 142 C C6    . DC A 1 7  ? -3.340  -9.479  4.985   1.00 126.45 ? 7  DC A C6    1 
ATOM 143 P P     . DA A 1 8  ? -2.888  -15.438 3.992   1.00 199.79 ? 8  DA A P     1 
ATOM 144 O OP1   . DA A 1 8  ? -2.867  -16.895 4.290   1.00 209.38 ? 8  DA A OP1   1 
ATOM 145 O OP2   . DA A 1 8  ? -1.700  -14.797 3.382   1.00 214.43 ? 8  DA A OP2   1 
ATOM 146 O "O5'" . DA A 1 8  ? -4.177  -15.184 3.102   1.00 152.77 ? 8  DA A "O5'" 1 
ATOM 147 C "C5'" . DA A 1 8  ? -5.376  -15.836 3.501   1.00 145.58 ? 8  DA A "C5'" 1 
ATOM 148 C "C4'" . DA A 1 8  ? -6.537  -15.247 2.748   1.00 143.60 ? 8  DA A "C4'" 1 
ATOM 149 O "O4'" . DA A 1 8  ? -6.415  -13.807 2.738   1.00 127.80 ? 8  DA A "O4'" 1 
ATOM 150 C "C3'" . DA A 1 8  ? -6.590  -15.700 1.290   1.00 139.03 ? 8  DA A "C3'" 1 
ATOM 151 O "O3'" . DA A 1 8  ? -7.884  -16.224 0.993   1.00 155.31 ? 8  DA A "O3'" 1 
ATOM 152 C "C2'" . DA A 1 8  ? -6.350  -14.431 0.500   1.00 139.83 ? 8  DA A "C2'" 1 
ATOM 153 C "C1'" . DA A 1 8  ? -6.793  -13.346 1.454   1.00 137.63 ? 8  DA A "C1'" 1 
ATOM 154 N N9    . DA A 1 8  ? -6.143  -12.055 1.226   1.00 137.17 ? 8  DA A N9    1 
ATOM 155 C C8    . DA A 1 8  ? -4.863  -11.697 1.576   1.00 125.41 ? 8  DA A C8    1 
ATOM 156 N N7    . DA A 1 8  ? -4.552  -10.464 1.253   1.00 120.44 ? 8  DA A N7    1 
ATOM 157 C C5    . DA A 1 8  ? -5.703  -9.978  0.643   1.00 119.84 ? 8  DA A C5    1 
ATOM 158 C C6    . DA A 1 8  ? -6.021  -8.724  0.073   1.00 122.65 ? 8  DA A C6    1 
ATOM 159 N N6    . DA A 1 8  ? -5.167  -7.697  0.015   1.00 110.33 ? 8  DA A N6    1 
ATOM 160 N N1    . DA A 1 8  ? -7.256  -8.569  -0.462  1.00 115.70 ? 8  DA A N1    1 
ATOM 161 C C2    . DA A 1 8  ? -8.108  -9.607  -0.414  1.00 121.59 ? 8  DA A C2    1 
ATOM 162 N N3    . DA A 1 8  ? -7.923  -10.830 0.092   1.00 111.38 ? 8  DA A N3    1 
ATOM 163 C C4    . DA A 1 8  ? -6.688  -10.950 0.613   1.00 115.56 ? 8  DA A C4    1 
ATOM 164 P P     . DC A 1 9  ? -8.129  -17.028 -0.363  1.00 174.41 ? 9  DC A P     1 
ATOM 165 O OP1   . DC A 1 9  ? -9.169  -18.057 -0.121  1.00 179.43 ? 9  DC A OP1   1 
ATOM 166 O OP2   . DC A 1 9  ? -6.809  -17.416 -0.914  1.00 197.49 ? 9  DC A OP2   1 
ATOM 167 O "O5'" . DC A 1 9  ? -8.825  -15.952 -1.302  1.00 146.70 ? 9  DC A "O5'" 1 
ATOM 168 C "C5'" . DC A 1 9  ? -10.076 -15.399 -0.908  1.00 150.03 ? 9  DC A "C5'" 1 
ATOM 169 C "C4'" . DC A 1 9  ? -10.432 -14.243 -1.808  1.00 160.31 ? 9  DC A "C4'" 1 
ATOM 170 O "O4'" . DC A 1 9  ? -9.506  -13.142 -1.631  1.00 172.50 ? 9  DC A "O4'" 1 
ATOM 171 C "C3'" . DC A 1 9  ? -10.415 -14.561 -3.306  1.00 155.92 ? 9  DC A "C3'" 1 
ATOM 172 O "O3'" . DC A 1 9  ? -11.625 -14.006 -3.828  1.00 155.77 ? 9  DC A "O3'" 1 
ATOM 173 C "C2'" . DC A 1 9  ? -9.159  -13.858 -3.788  1.00 150.61 ? 9  DC A "C2'" 1 
ATOM 174 C "C1'" . DC A 1 9  ? -9.216  -12.627 -2.919  1.00 149.11 ? 9  DC A "C1'" 1 
ATOM 175 N N1    . DC A 1 9  ? -7.964  -11.863 -2.840  1.00 140.74 ? 9  DC A N1    1 
ATOM 176 C C2    . DC A 1 9  ? -7.926  -10.557 -3.345  1.00 127.62 ? 9  DC A C2    1 
ATOM 177 O O2    . DC A 1 9  ? -8.962  -10.073 -3.827  1.00 105.70 ? 9  DC A O2    1 
ATOM 178 N N3    . DC A 1 9  ? -6.769  -9.852  -3.269  1.00 119.83 ? 9  DC A N3    1 
ATOM 179 C C4    . DC A 1 9  ? -5.681  -10.413 -2.727  1.00 128.30 ? 9  DC A C4    1 
ATOM 180 N N4    . DC A 1 9  ? -4.556  -9.691  -2.676  1.00 126.63 ? 9  DC A N4    1 
ATOM 181 C C5    . DC A 1 9  ? -5.694  -11.744 -2.212  1.00 117.80 ? 9  DC A C5    1 
ATOM 182 C C6    . DC A 1 9  ? -6.844  -12.426 -2.292  1.00 128.94 ? 9  DC A C6    1 
ATOM 183 P P     . DT A 1 10 ? -11.741 -13.603 -5.364  1.00 172.28 ? 10 DT A P     1 
ATOM 184 O OP1   . DT A 1 10 ? -13.194 -13.553 -5.723  1.00 159.62 ? 10 DT A OP1   1 
ATOM 185 O OP2   . DT A 1 10 ? -10.823 -14.493 -6.129  1.00 182.70 ? 10 DT A OP2   1 
ATOM 186 O "O5'" . DT A 1 10 ? -11.194 -12.107 -5.388  1.00 134.64 ? 10 DT A "O5'" 1 
ATOM 187 C "C5'" . DT A 1 10 ? -12.104 -11.013 -5.577  1.00 134.92 ? 10 DT A "C5'" 1 
ATOM 188 C "C4'" . DT A 1 10 ? -11.556 -10.050 -6.600  1.00 143.74 ? 10 DT A "C4'" 1 
ATOM 189 O "O4'" . DT A 1 10 ? -10.171 -9.754  -6.317  1.00 163.12 ? 10 DT A "O4'" 1 
ATOM 190 C "C3'" . DT A 1 10 ? -11.595 -10.531 -8.052  1.00 136.69 ? 10 DT A "C3'" 1 
ATOM 191 O "O3'" . DT A 1 10 ? -12.534 -9.702  -8.741  1.00 143.11 ? 10 DT A "O3'" 1 
ATOM 192 C "C2'" . DT A 1 10 ? -10.159 -10.366 -8.544  1.00 144.12 ? 10 DT A "C2'" 1 
ATOM 193 C "C1'" . DT A 1 10 ? -9.554  -9.390  -7.537  1.00 147.87 ? 10 DT A "C1'" 1 
ATOM 194 N N1    . DT A 1 10 ? -8.073  -9.429  -7.326  1.00 113.07 ? 10 DT A N1    1 
ATOM 195 C C2    . DT A 1 10 ? -7.282  -8.319  -7.573  1.00 102.51 ? 10 DT A C2    1 
ATOM 196 O O2    . DT A 1 10 ? -7.713  -7.260  -8.003  1.00 105.60 ? 10 DT A O2    1 
ATOM 197 N N3    . DT A 1 10 ? -5.955  -8.499  -7.287  1.00 108.23 ? 10 DT A N3    1 
ATOM 198 C C4    . DT A 1 10 ? -5.349  -9.641  -6.794  1.00 114.61 ? 10 DT A C4    1 
ATOM 199 O O4    . DT A 1 10 ? -4.139  -9.655  -6.582  1.00 118.23 ? 10 DT A O4    1 
ATOM 200 C C5    . DT A 1 10 ? -6.232  -10.750 -6.554  1.00 106.36 ? 10 DT A C5    1 
ATOM 201 C C7    . DT A 1 10 ? -5.660  -12.025 -6.018  1.00 111.45 ? 10 DT A C7    1 
ATOM 202 C C6    . DT A 1 10 ? -7.535  -10.586 -6.809  1.00 101.63 ? 10 DT A C6    1 
ATOM 203 P P     . DG A 1 11 ? -12.906 -10.002 -10.247 1.00 162.50 ? 11 DG A P     1 
ATOM 204 O OP1   . DG A 1 11 ? -14.334 -9.627  -10.463 1.00 169.23 ? 11 DG A OP1   1 
ATOM 205 O OP2   . DG A 1 11 ? -12.442 -11.378 -10.563 1.00 178.94 ? 11 DG A OP2   1 
ATOM 206 O "O5'" . DG A 1 11 ? -11.939 -9.027  -11.054 1.00 155.74 ? 11 DG A "O5'" 1 
ATOM 207 C "C5'" . DG A 1 11 ? -11.719 -7.650  -10.688 1.00 158.89 ? 11 DG A "C5'" 1 
ATOM 208 C "C4'" . DG A 1 11 ? -10.980 -6.931  -11.798 1.00 155.40 ? 11 DG A "C4'" 1 
ATOM 209 O "O4'" . DG A 1 11 ? -9.547  -6.918  -11.560 1.00 160.91 ? 11 DG A "O4'" 1 
ATOM 210 C "C3'" . DG A 1 11 ? -11.154 -7.541  -13.187 1.00 133.14 ? 11 DG A "C3'" 1 
ATOM 211 O "O3'" . DG A 1 11 ? -11.246 -6.479  -14.136 1.00 150.12 ? 11 DG A "O3'" 1 
ATOM 212 C "C2'" . DG A 1 11 ? -9.944  -8.450  -13.312 1.00 121.23 ? 11 DG A "C2'" 1 
ATOM 213 C "C1'" . DG A 1 11 ? -8.870  -7.707  -12.538 1.00 121.38 ? 11 DG A "C1'" 1 
ATOM 214 N N9    . DG A 1 11 ? -7.928  -8.579  -11.839 1.00 104.58 ? 11 DG A N9    1 
ATOM 215 C C8    . DG A 1 11 ? -8.088  -9.908  -11.519 1.00 106.42 ? 11 DG A C8    1 
ATOM 216 N N7    . DG A 1 11 ? -7.055  -10.415 -10.901 1.00 97.31  ? 11 DG A N7    1 
ATOM 217 C C5    . DG A 1 11 ? -6.170  -9.353  -10.788 1.00 80.18  ? 11 DG A C5    1 
ATOM 218 C C6    . DG A 1 11 ? -4.884  -9.304  -10.217 1.00 86.11  ? 11 DG A C6    1 
ATOM 219 O O6    . DG A 1 11 ? -4.259  -10.216 -9.656  1.00 83.85  ? 11 DG A O6    1 
ATOM 220 N N1    . DG A 1 11 ? -4.306  -8.041  -10.362 1.00 74.98  ? 11 DG A N1    1 
ATOM 221 C C2    . DG A 1 11 ? -4.908  -6.962  -10.969 1.00 91.59  ? 11 DG A C2    1 
ATOM 222 N N2    . DG A 1 11 ? -4.199  -5.821  -10.990 1.00 107.79 ? 11 DG A N2    1 
ATOM 223 N N3    . DG A 1 11 ? -6.115  -7.002  -11.516 1.00 80.36  ? 11 DG A N3    1 
ATOM 224 C C4    . DG A 1 11 ? -6.686  -8.218  -11.380 1.00 82.62  ? 11 DG A C4    1 
ATOM 225 P P     . DA A 1 12 ? -10.749 -6.687  -15.647 1.00 173.90 ? 12 DA A P     1 
ATOM 226 O OP1   . DA A 1 12 ? -11.473 -5.690  -16.512 1.00 137.75 ? 12 DA A OP1   1 
ATOM 227 O OP2   . DA A 1 12 ? -10.819 -8.150  -15.975 1.00 120.15 ? 12 DA A OP2   1 
ATOM 228 O "O5'" . DA A 1 12 ? -9.213  -6.285  -15.543 1.00 140.84 ? 12 DA A "O5'" 1 
ATOM 229 C "C5'" . DA A 1 12 ? -8.821  -4.918  -15.722 1.00 141.96 ? 12 DA A "C5'" 1 
ATOM 230 C "C4'" . DA A 1 12 ? -7.386  -4.867  -16.180 1.00 139.09 ? 12 DA A "C4'" 1 
ATOM 231 O "O4'" . DA A 1 12 ? -6.543  -5.380  -15.127 1.00 144.68 ? 12 DA A "O4'" 1 
ATOM 232 C "C3'" . DA A 1 12 ? -7.065  -5.737  -17.390 1.00 128.82 ? 12 DA A "C3'" 1 
ATOM 233 O "O3'" . DA A 1 12 ? -7.389  -5.093  -18.624 1.00 123.58 ? 12 DA A "O3'" 1 
ATOM 234 C "C2'" . DA A 1 12 ? -5.582  -5.979  -17.215 1.00 118.95 ? 12 DA A "C2'" 1 
ATOM 235 C "C1'" . DA A 1 12 ? -5.429  -6.056  -15.700 1.00 119.83 ? 12 DA A "C1'" 1 
ATOM 236 N N9    . DA A 1 12 ? -5.399  -7.401  -15.137 1.00 97.88  ? 12 DA A N9    1 
ATOM 237 C C8    . DA A 1 12 ? -6.382  -8.359  -15.111 1.00 105.83 ? 12 DA A C8    1 
ATOM 238 N N7    . DA A 1 12 ? -6.026  -9.465  -14.497 1.00 94.71  ? 12 DA A N7    1 
ATOM 239 C C5    . DA A 1 12 ? -4.731  -9.208  -14.076 1.00 79.67  ? 12 DA A C5    1 
ATOM 240 C C6    . DA A 1 12 ? -3.798  -9.977  -13.349 1.00 86.91  ? 12 DA A C6    1 
ATOM 241 N N6    . DA A 1 12 ? -4.040  -11.212 -12.913 1.00 99.70  ? 12 DA A N6    1 
ATOM 242 N N1    . DA A 1 12 ? -2.592  -9.424  -13.090 1.00 82.43  ? 12 DA A N1    1 
ATOM 243 C C2    . DA A 1 12 ? -2.354  -8.176  -13.527 1.00 119.51 ? 12 DA A C2    1 
ATOM 244 N N3    . DA A 1 12 ? -3.151  -7.355  -14.218 1.00 106.92 ? 12 DA A N3    1 
ATOM 245 C C4    . DA A 1 12 ? -4.336  -7.937  -14.457 1.00 82.36  ? 12 DA A C4    1 
ATOM 246 P P     . DC B 2 1  ? 9.315   5.189   -22.399 1.00 157.77 ? 12 DC B P     1 
ATOM 247 O OP1   . DC B 2 1  ? 9.282   4.186   -21.281 1.00 138.94 ? 12 DC B OP1   1 
ATOM 248 O OP2   . DC B 2 1  ? 8.476   5.006   -23.605 1.00 130.85 ? 12 DC B OP2   1 
ATOM 249 O "O5'" . DC B 2 1  ? 8.757   6.558   -21.835 1.00 106.59 ? 12 DC B "O5'" 1 
ATOM 250 C "C5'" . DC B 2 1  ? 8.998   6.860   -20.486 1.00 100.08 ? 12 DC B "C5'" 1 
ATOM 251 C "C4'" . DC B 2 1  ? 8.452   8.231   -20.234 1.00 99.09  ? 12 DC B "C4'" 1 
ATOM 252 O "O4'" . DC B 2 1  ? 7.056   8.063   -20.020 1.00 100.50 ? 12 DC B "O4'" 1 
ATOM 253 C "C3'" . DC B 2 1  ? 8.954   8.841   -18.946 1.00 113.00 ? 12 DC B "C3'" 1 
ATOM 254 O "O3'" . DC B 2 1  ? 10.135  9.586   -19.167 1.00 121.98 ? 12 DC B "O3'" 1 
ATOM 255 C "C2'" . DC B 2 1  ? 7.831   9.764   -18.551 1.00 114.30 ? 12 DC B "C2'" 1 
ATOM 256 C "C1'" . DC B 2 1  ? 6.611   9.097   -19.157 1.00 109.07 ? 12 DC B "C1'" 1 
ATOM 257 N N1    . DC B 2 1  ? 5.626   8.524   -18.230 1.00 92.61  ? 12 DC B N1    1 
ATOM 258 C C2    . DC B 2 1  ? 4.906   9.386   -17.386 1.00 95.13  ? 12 DC B C2    1 
ATOM 259 O O2    . DC B 2 1  ? 5.214   10.586  -17.348 1.00 98.07  ? 12 DC B O2    1 
ATOM 260 N N3    . DC B 2 1  ? 3.916   8.883   -16.616 1.00 75.88  ? 12 DC B N3    1 
ATOM 261 C C4    . DC B 2 1  ? 3.620   7.584   -16.684 1.00 84.58  ? 12 DC B C4    1 
ATOM 262 N N4    . DC B 2 1  ? 2.648   7.125   -15.903 1.00 112.63 ? 12 DC B N4    1 
ATOM 263 C C5    . DC B 2 1  ? 4.325   6.691   -17.544 1.00 76.22  ? 12 DC B C5    1 
ATOM 264 C C6    . DC B 2 1  ? 5.306   7.198   -18.296 1.00 75.57  ? 12 DC B C6    1 
ATOM 265 P P     . DG B 2 2  ? 11.231  9.569   -18.049 1.00 128.94 ? 13 DG B P     1 
ATOM 266 O OP1   . DG B 2 2  ? 12.438  10.233  -18.593 1.00 163.46 ? 13 DG B OP1   1 
ATOM 267 O OP2   . DG B 2 2  ? 11.363  8.166   -17.574 1.00 130.25 ? 13 DG B OP2   1 
ATOM 268 O "O5'" . DG B 2 2  ? 10.587  10.538  -16.966 1.00 98.29  ? 13 DG B "O5'" 1 
ATOM 269 C "C5'" . DG B 2 2  ? 10.550  11.948  -17.256 1.00 109.47 ? 13 DG B "C5'" 1 
ATOM 270 C "C4'" . DG B 2 2  ? 9.504   12.635  -16.412 1.00 123.94 ? 13 DG B "C4'" 1 
ATOM 271 O "O4'" . DG B 2 2  ? 8.366   11.759  -16.345 1.00 121.24 ? 13 DG B "O4'" 1 
ATOM 272 C "C3'" . DG B 2 2  ? 9.915   12.900  -14.958 1.00 132.48 ? 13 DG B "C3'" 1 
ATOM 273 O "O3'" . DG B 2 2  ? 10.076  14.270  -14.583 1.00 124.20 ? 13 DG B "O3'" 1 
ATOM 274 C "C2'" . DG B 2 2  ? 8.774   12.340  -14.128 1.00 129.89 ? 13 DG B "C2'" 1 
ATOM 275 C "C1'" . DG B 2 2  ? 7.702   12.011  -15.133 1.00 122.64 ? 13 DG B "C1'" 1 
ATOM 276 N N9    . DG B 2 2  ? 6.972   10.811  -14.764 1.00 105.95 ? 13 DG B N9    1 
ATOM 277 C C8    . DG B 2 2  ? 7.242   9.505   -15.103 1.00 107.06 ? 13 DG B C8    1 
ATOM 278 N N7    . DG B 2 2  ? 6.408   8.657   -14.567 1.00 87.65  ? 13 DG B N7    1 
ATOM 279 C C5    . DG B 2 2  ? 5.566   9.449   -13.801 1.00 86.20  ? 13 DG B C5    1 
ATOM 280 C C6    . DG B 2 2  ? 4.455   9.093   -13.026 1.00 88.13  ? 13 DG B C6    1 
ATOM 281 O O6    . DG B 2 2  ? 4.000   7.971   -12.829 1.00 95.65  ? 13 DG B O6    1 
ATOM 282 N N1    . DG B 2 2  ? 3.847   10.206  -12.450 1.00 88.53  ? 13 DG B N1    1 
ATOM 283 C C2    . DG B 2 2  ? 4.279   11.505  -12.599 1.00 113.54 ? 13 DG B C2    1 
ATOM 284 N N2    . DG B 2 2  ? 3.574   12.448  -11.948 1.00 123.81 ? 13 DG B N2    1 
ATOM 285 N N3    . DG B 2 2  ? 5.326   11.851  -13.329 1.00 93.76  ? 13 DG B N3    1 
ATOM 286 C C4    . DG B 2 2  ? 5.910   10.778  -13.903 1.00 86.98  ? 13 DG B C4    1 
ATOM 287 P P     . DT B 2 3  ? 10.825  14.606  -13.205 1.00 140.07 ? 14 DT B P     1 
ATOM 288 O OP1   . DT B 2 3  ? 11.265  16.021  -13.251 1.00 128.14 ? 14 DT B OP1   1 
ATOM 289 O OP2   . DT B 2 3  ? 11.788  13.505  -12.907 1.00 125.41 ? 14 DT B OP2   1 
ATOM 290 O "O5'" . DT B 2 3  ? 9.657   14.547  -12.137 1.00 118.42 ? 14 DT B "O5'" 1 
ATOM 291 C "C5'" . DT B 2 3  ? 8.551   15.422  -12.339 1.00 143.66 ? 14 DT B "C5'" 1 
ATOM 292 C "C4'" . DT B 2 3  ? 7.537   15.153  -11.262 1.00 143.35 ? 14 DT B "C4'" 1 
ATOM 293 O "O4'" . DT B 2 3  ? 7.021   13.808  -11.415 1.00 128.67 ? 14 DT B "O4'" 1 
ATOM 294 C "C3'" . DT B 2 3  ? 8.148   15.218  -9.862  1.00 121.96 ? 14 DT B "C3'" 1 
ATOM 295 O "O3'" . DT B 2 3  ? 7.266   15.950  -9.011  1.00 119.31 ? 14 DT B "O3'" 1 
ATOM 296 C "C2'" . DT B 2 3  ? 8.245   13.760  -9.468  1.00 115.09 ? 14 DT B "C2'" 1 
ATOM 297 C "C1'" . DT B 2 3  ? 6.983   13.249  -10.127 1.00 108.42 ? 14 DT B "C1'" 1 
ATOM 298 N N1    . DT B 2 3  ? 6.849   11.791  -10.258 1.00 90.00  ? 14 DT B N1    1 
ATOM 299 C C2    . DT B 2 3  ? 5.763   11.171  -9.669  1.00 102.68 ? 14 DT B C2    1 
ATOM 300 O O2    . DT B 2 3  ? 4.883   11.780  -9.071  1.00 97.18  ? 14 DT B O2    1 
ATOM 301 N N3    . DT B 2 3  ? 5.733   9.805   -9.823  1.00 96.44  ? 14 DT B N3    1 
ATOM 302 C C4    . DT B 2 3  ? 6.648   9.023   -10.507 1.00 98.62  ? 14 DT B C4    1 
ATOM 303 O O4    . DT B 2 3  ? 6.488   7.808   -10.581 1.00 94.17  ? 14 DT B O4    1 
ATOM 304 C C5    . DT B 2 3  ? 7.755   9.736   -11.088 1.00 92.01  ? 14 DT B C5    1 
ATOM 305 C C7    . DT B 2 3  ? 8.802   8.955   -11.816 1.00 91.86  ? 14 DT B C7    1 
ATOM 306 C C6    . DT B 2 3  ? 7.806   11.066  -10.933 1.00 80.76  ? 14 DT B C6    1 
ATOM 307 P P     . DG B 2 4  ? 7.765   16.407  -7.590  1.00 130.95 ? 15 DG B P     1 
ATOM 308 O OP1   . DG B 2 4  ? 7.365   17.836  -7.398  1.00 137.38 ? 15 DG B OP1   1 
ATOM 309 O OP2   . DG B 2 4  ? 9.172   15.946  -7.436  1.00 107.22 ? 15 DG B OP2   1 
ATOM 310 O "O5'" . DG B 2 4  ? 6.907   15.517  -6.601  1.00 107.26 ? 15 DG B "O5'" 1 
ATOM 311 C "C5'" . DG B 2 4  ? 5.512   15.300  -6.859  1.00 135.98 ? 15 DG B "C5'" 1 
ATOM 312 C "C4'" . DG B 2 4  ? 4.899   14.612  -5.665  1.00 140.94 ? 15 DG B "C4'" 1 
ATOM 313 O "O4'" . DG B 2 4  ? 4.685   13.198  -5.931  1.00 140.41 ? 15 DG B "O4'" 1 
ATOM 314 C "C3'" . DG B 2 4  ? 5.810   14.666  -4.443  1.00 135.68 ? 15 DG B "C3'" 1 
ATOM 315 O "O3'" . DG B 2 4  ? 5.034   14.656  -3.262  1.00 142.71 ? 15 DG B "O3'" 1 
ATOM 316 C "C2'" . DG B 2 4  ? 6.542   13.347  -4.509  1.00 124.88 ? 15 DG B "C2'" 1 
ATOM 317 C "C1'" . DG B 2 4  ? 5.442   12.425  -5.004  1.00 108.45 ? 15 DG B "C1'" 1 
ATOM 318 N N9    . DG B 2 4  ? 5.953   11.238  -5.686  1.00 95.82  ? 15 DG B N9    1 
ATOM 319 C C8    . DG B 2 4  ? 7.024   11.179  -6.547  1.00 121.00 ? 15 DG B C8    1 
ATOM 320 N N7    . DG B 2 4  ? 7.274   9.970   -6.973  1.00 93.85  ? 15 DG B N7    1 
ATOM 321 C C5    . DG B 2 4  ? 6.332   9.183   -6.335  1.00 79.87  ? 15 DG B C5    1 
ATOM 322 C C6    . DG B 2 4  ? 6.128   7.799   -6.397  1.00 83.14  ? 15 DG B C6    1 
ATOM 323 O O6    . DG B 2 4  ? 6.776   6.963   -7.034  1.00 91.77  ? 15 DG B O6    1 
ATOM 324 N N1    . DG B 2 4  ? 5.051   7.402   -5.606  1.00 74.67  ? 15 DG B N1    1 
ATOM 325 C C2    . DG B 2 4  ? 4.296   8.245   -4.831  1.00 93.81  ? 15 DG B C2    1 
ATOM 326 N N2    . DG B 2 4  ? 3.308   7.678   -4.127  1.00 120.67 ? 15 DG B N2    1 
ATOM 327 N N3    . DG B 2 4  ? 4.495   9.552   -4.749  1.00 71.16  ? 15 DG B N3    1 
ATOM 328 C C4    . DG B 2 4  ? 5.519   9.949   -5.523  1.00 74.71  ? 15 DG B C4    1 
ATOM 329 P P     . DG B 2 5  ? 5.624   15.287  -1.972  1.00 133.53 ? 16 DG B P     1 
ATOM 330 O OP1   . DG B 2 5  ? 5.041   16.643  -1.856  1.00 140.77 ? 16 DG B OP1   1 
ATOM 331 O OP2   . DG B 2 5  ? 7.110   15.114  -1.992  1.00 124.08 ? 16 DG B OP2   1 
ATOM 332 O "O5'" . DG B 2 5  ? 4.934   14.401  -0.856  1.00 115.45 ? 16 DG B "O5'" 1 
ATOM 333 C "C5'" . DG B 2 5  ? 3.527   14.528  -0.666  1.00 115.73 ? 16 DG B "C5'" 1 
ATOM 334 C "C4'" . DG B 2 5  ? 3.045   13.315  0.087   1.00 127.44 ? 16 DG B "C4'" 1 
ATOM 335 O "O4'" . DG B 2 5  ? 3.407   12.103  -0.612  1.00 134.97 ? 16 DG B "O4'" 1 
ATOM 336 C "C3'" . DG B 2 5  ? 3.671   13.180  1.462   1.00 123.53 ? 16 DG B "C3'" 1 
ATOM 337 O "O3'" . DG B 2 5  ? 2.724   12.494  2.249   1.00 137.93 ? 16 DG B "O3'" 1 
ATOM 338 C "C2'" . DG B 2 5  ? 4.827   12.232  1.237   1.00 109.00 ? 16 DG B "C2'" 1 
ATOM 339 C "C1'" . DG B 2 5  ? 4.265   11.299  0.190   1.00 103.70 ? 16 DG B "C1'" 1 
ATOM 340 N N9    . DG B 2 5  ? 5.277   10.729  -0.694  1.00 98.79  ? 16 DG B N9    1 
ATOM 341 C C8    . DG B 2 5  ? 6.253   11.442  -1.348  1.00 92.24  ? 16 DG B C8    1 
ATOM 342 N N7    . DG B 2 5  ? 7.017   10.693  -2.098  1.00 92.38  ? 16 DG B N7    1 
ATOM 343 C C5    . DG B 2 5  ? 6.514   9.409   -1.936  1.00 82.52  ? 16 DG B C5    1 
ATOM 344 C C6    . DG B 2 5  ? 6.915   8.185   -2.534  1.00 101.71 ? 16 DG B C6    1 
ATOM 345 O O6    . DG B 2 5  ? 7.855   7.980   -3.309  1.00 124.58 ? 16 DG B O6    1 
ATOM 346 N N1    . DG B 2 5  ? 6.114   7.125   -2.123  1.00 100.40 ? 16 DG B N1    1 
ATOM 347 C C2    . DG B 2 5  ? 5.049   7.231   -1.265  1.00 109.63 ? 16 DG B C2    1 
ATOM 348 N N2    . DG B 2 5  ? 4.389   6.087   -1.008  1.00 103.60 ? 16 DG B N2    1 
ATOM 349 N N3    . DG B 2 5  ? 4.660   8.371   -0.701  1.00 92.91  ? 16 DG B N3    1 
ATOM 350 C C4    . DG B 2 5  ? 5.431   9.413   -1.082  1.00 82.84  ? 16 DG B C4    1 
ATOM 351 P P     . DA B 2 6  ? 2.915   12.449  3.786   1.00 150.84 ? 17 DA B P     1 
ATOM 352 O OP1   . DA B 2 6  ? 1.607   12.818  4.387   1.00 133.41 ? 17 DA B OP1   1 
ATOM 353 O OP2   . DA B 2 6  ? 4.151   13.202  4.128   1.00 153.82 ? 17 DA B OP2   1 
ATOM 354 O "O5'" . DA B 2 6  ? 3.226   10.913  4.030   1.00 117.64 ? 17 DA B "O5'" 1 
ATOM 355 C "C5'" . DA B 2 6  ? 2.119   10.064  4.303   1.00 112.61 ? 17 DA B "C5'" 1 
ATOM 356 C "C4'" . DA B 2 6  ? 2.610   8.647   4.402   1.00 117.71 ? 17 DA B "C4'" 1 
ATOM 357 O "O4'" . DA B 2 6  ? 3.526   8.398   3.310   1.00 118.37 ? 17 DA B "O4'" 1 
ATOM 358 C "C3'" . DA B 2 6  ? 3.388   8.372   5.682   1.00 116.79 ? 17 DA B "C3'" 1 
ATOM 359 O "O3'" . DA B 2 6  ? 2.901   7.175   6.279   1.00 118.99 ? 17 DA B "O3'" 1 
ATOM 360 C "C2'" . DA B 2 6  ? 4.830   8.299   5.211   1.00 120.46 ? 17 DA B "C2'" 1 
ATOM 361 C "C1'" . DA B 2 6  ? 4.675   7.762   3.811   1.00 111.89 ? 17 DA B "C1'" 1 
ATOM 362 N N9    . DA B 2 6  ? 5.764   8.094   2.912   1.00 112.33 ? 17 DA B N9    1 
ATOM 363 C C8    . DA B 2 6  ? 6.264   9.341   2.628   1.00 123.66 ? 17 DA B C8    1 
ATOM 364 N N7    . DA B 2 6  ? 7.228   9.332   1.738   1.00 125.66 ? 17 DA B N7    1 
ATOM 365 C C5    . DA B 2 6  ? 7.340   7.996   1.382   1.00 103.16 ? 17 DA B C5    1 
ATOM 366 C C6    . DA B 2 6  ? 8.183   7.326   0.479   1.00 97.32  ? 17 DA B C6    1 
ATOM 367 N N6    . DA B 2 6  ? 9.109   7.938   -0.257  1.00 106.11 ? 17 DA B N6    1 
ATOM 368 N N1    . DA B 2 6  ? 8.046   5.987   0.365   1.00 92.27  ? 17 DA B N1    1 
ATOM 369 C C2    . DA B 2 6  ? 7.132   5.370   1.128   1.00 104.68 ? 17 DA B C2    1 
ATOM 370 N N3    . DA B 2 6  ? 6.289   5.891   2.022   1.00 92.76  ? 17 DA B N3    1 
ATOM 371 C C4    . DA B 2 6  ? 6.437   7.224   2.091   1.00 99.61  ? 17 DA B C4    1 
ATOM 372 P P     . DC B 2 7  ? 3.555   6.668   7.622   1.00 152.44 ? 18 DC B P     1 
ATOM 373 O OP1   . DC B 2 7  ? 2.586   5.754   8.290   1.00 168.91 ? 18 DC B OP1   1 
ATOM 374 O OP2   . DC B 2 7  ? 4.086   7.843   8.350   1.00 150.56 ? 18 DC B OP2   1 
ATOM 375 O "O5'" . DC B 2 7  ? 4.811   5.847   7.108   1.00 107.87 ? 18 DC B "O5'" 1 
ATOM 376 C "C5'" . DC B 2 7  ? 4.590   4.507   6.741   1.00 117.56 ? 18 DC B "C5'" 1 
ATOM 377 C "C4'" . DC B 2 7  ? 5.812   3.992   6.036   1.00 124.24 ? 18 DC B "C4'" 1 
ATOM 378 O "O4'" . DC B 2 7  ? 6.394   4.989   5.187   1.00 110.98 ? 18 DC B "O4'" 1 
ATOM 379 C "C3'" . DC B 2 7  ? 6.954   3.642   6.959   1.00 124.47 ? 18 DC B "C3'" 1 
ATOM 380 O "O3'" . DC B 2 7  ? 6.683   2.427   7.633   1.00 137.83 ? 18 DC B "O3'" 1 
ATOM 381 C "C2'" . DC B 2 7  ? 8.139   3.635   6.007   1.00 112.81 ? 18 DC B "C2'" 1 
ATOM 382 C "C1'" . DC B 2 7  ? 7.607   4.381   4.780   1.00 100.19 ? 18 DC B "C1'" 1 
ATOM 383 N N1    . DC B 2 7  ? 8.474   5.420   4.218   1.00 87.73  ? 18 DC B N1    1 
ATOM 384 C C2    . DC B 2 7  ? 9.513   5.030   3.365   1.00 103.12 ? 18 DC B C2    1 
ATOM 385 O O2    . DC B 2 7  ? 9.686   3.822   3.146   1.00 123.03 ? 18 DC B O2    1 
ATOM 386 N N3    . DC B 2 7  ? 10.308  5.977   2.808   1.00 104.52 ? 18 DC B N3    1 
ATOM 387 C C4    . DC B 2 7  ? 10.104  7.266   3.090   1.00 121.24 ? 18 DC B C4    1 
ATOM 388 N N4    . DC B 2 7  ? 10.920  8.164   2.535   1.00 131.84 ? 18 DC B N4    1 
ATOM 389 C C5    . DC B 2 7  ? 9.044   7.691   3.950   1.00 116.32 ? 18 DC B C5    1 
ATOM 390 C C6    . DC B 2 7  ? 8.252   6.744   4.474   1.00 94.08  ? 18 DC B C6    1 
ATOM 391 P P     . DT B 2 8  ? 7.655   2.005   8.777   1.00 163.10 ? 19 DT B P     1 
ATOM 392 O OP1   . DT B 2 8  ? 6.958   0.980   9.592   1.00 170.14 ? 19 DT B OP1   1 
ATOM 393 O OP2   . DT B 2 8  ? 8.140   3.252   9.430   1.00 151.10 ? 19 DT B OP2   1 
ATOM 394 O "O5'" . DT B 2 8  ? 8.833   1.312   7.960   1.00 125.72 ? 19 DT B "O5'" 1 
ATOM 395 C "C5'" . DT B 2 8  ? 8.517   0.134   7.206   1.00 141.16 ? 19 DT B "C5'" 1 
ATOM 396 C "C4'" . DT B 2 8  ? 9.724   -0.375  6.454   1.00 156.80 ? 19 DT B "C4'" 1 
ATOM 397 O "O4'" . DT B 2 8  ? 10.258  0.684   5.625   1.00 131.26 ? 19 DT B "O4'" 1 
ATOM 398 C "C3'" . DT B 2 8  ? 10.886  -0.847  7.332   1.00 167.69 ? 19 DT B "C3'" 1 
ATOM 399 O "O3'" . DT B 2 8  ? 11.469  -2.021  6.752   1.00 165.57 ? 19 DT B "O3'" 1 
ATOM 400 C "C2'" . DT B 2 8  ? 11.826  0.343   7.297   1.00 156.64 ? 19 DT B "C2'" 1 
ATOM 401 C "C1'" . DT B 2 8  ? 11.649  0.763   5.850   1.00 139.54 ? 19 DT B "C1'" 1 
ATOM 402 N N1    . DT B 2 8  ? 12.082  2.134   5.533   1.00 125.91 ? 19 DT B N1    1 
ATOM 403 C C2    . DT B 2 8  ? 13.098  2.325   4.613   1.00 125.43 ? 19 DT B C2    1 
ATOM 404 O O2    . DT B 2 8  ? 13.658  1.406   4.032   1.00 131.11 ? 19 DT B O2    1 
ATOM 405 N N3    . DT B 2 8  ? 13.442  3.639   4.401   1.00 105.93 ? 19 DT B N3    1 
ATOM 406 C C4    . DT B 2 8  ? 12.885  4.754   5.005   1.00 117.57 ? 19 DT B C4    1 
ATOM 407 O O4    . DT B 2 8  ? 13.283  5.878   4.705   1.00 121.37 ? 19 DT B O4    1 
ATOM 408 C C5    . DT B 2 8  ? 11.828  4.480   5.958   1.00 107.80 ? 19 DT B C5    1 
ATOM 409 C C7    . DT B 2 8  ? 11.170  5.629   6.656   1.00 104.23 ? 19 DT B C7    1 
ATOM 410 C C6    . DT B 2 8  ? 11.485  3.201   6.171   1.00 103.80 ? 19 DT B C6    1 
ATOM 411 P P     . DC B 2 9  ? 12.798  -2.622  7.375   1.00 175.53 ? 20 DC B P     1 
ATOM 412 O OP1   . DC B 2 9  ? 12.841  -4.084  7.052   1.00 156.84 ? 20 DC B OP1   1 
ATOM 413 O OP2   . DC B 2 9  ? 12.904  -2.129  8.786   1.00 156.97 ? 20 DC B OP2   1 
ATOM 414 O "O5'" . DC B 2 9  ? 13.935  -1.862  6.565   1.00 151.53 ? 20 DC B "O5'" 1 
ATOM 415 C "C5'" . DC B 2 9  ? 14.229  -2.202  5.201   1.00 161.77 ? 20 DC B "C5'" 1 
ATOM 416 C "C4'" . DC B 2 9  ? 15.704  -2.018  4.924   1.00 163.96 ? 20 DC B "C4'" 1 
ATOM 417 O "O4'" . DC B 2 9  ? 16.028  -0.612  4.830   1.00 152.00 ? 20 DC B "O4'" 1 
ATOM 418 C "C3'" . DC B 2 9  ? 16.645  -2.572  5.990   1.00 170.89 ? 20 DC B "C3'" 1 
ATOM 419 O "O3'" . DC B 2 9  ? 17.842  -3.009  5.340   1.00 184.32 ? 20 DC B "O3'" 1 
ATOM 420 C "C2'" . DC B 2 9  ? 16.909  -1.366  6.871   1.00 152.74 ? 20 DC B "C2'" 1 
ATOM 421 C "C1'" . DC B 2 9  ? 16.987  -0.267  5.822   1.00 137.74 ? 20 DC B "C1'" 1 
ATOM 422 N N1    . DC B 2 9  ? 16.701  1.109   6.251   1.00 118.27 ? 20 DC B N1    1 
ATOM 423 C C2    . DC B 2 9  ? 17.078  2.162   5.400   1.00 116.04 ? 20 DC B C2    1 
ATOM 424 O O2    . DC B 2 9  ? 17.671  1.898   4.337   1.00 109.26 ? 20 DC B O2    1 
ATOM 425 N N3    . DC B 2 9  ? 16.799  3.436   5.763   1.00 105.60 ? 20 DC B N3    1 
ATOM 426 C C4    . DC B 2 9  ? 16.144  3.675   6.906   1.00 117.81 ? 20 DC B C4    1 
ATOM 427 N N4    . DC B 2 9  ? 15.879  4.944   7.221   1.00 116.58 ? 20 DC B N4    1 
ATOM 428 C C5    . DC B 2 9  ? 15.748  2.623   7.787   1.00 107.60 ? 20 DC B C5    1 
ATOM 429 C C6    . DC B 2 9  ? 16.039  1.368   7.422   1.00 112.39 ? 20 DC B C6    1 
ATOM 430 P P     . DT C 3 1  ? 7.219   -13.216 -8.528  1.00 210.33 ? 0  DT C P     1 
ATOM 431 O OP1   . DT C 3 1  ? 6.946   -13.208 -7.069  1.00 213.99 ? 0  DT C OP1   1 
ATOM 432 O OP2   . DT C 3 1  ? 7.668   -14.473 -9.200  1.00 224.05 ? 0  DT C OP2   1 
ATOM 433 O "O5'" . DT C 3 1  ? 5.926   -12.655 -9.270  1.00 136.80 ? 0  DT C "O5'" 1 
ATOM 434 C "C5'" . DT C 3 1  ? 5.189   -11.539 -8.759  1.00 124.09 ? 0  DT C "C5'" 1 
ATOM 435 C "C4'" . DT C 3 1  ? 5.128   -10.448 -9.799  1.00 115.42 ? 0  DT C "C4'" 1 
ATOM 436 O "O4'" . DT C 3 1  ? 4.041   -10.722 -10.706 1.00 111.26 ? 0  DT C "O4'" 1 
ATOM 437 C "C3'" . DT C 3 1  ? 4.854   -9.071  -9.202  1.00 119.06 ? 0  DT C "C3'" 1 
ATOM 438 O "O3'" . DT C 3 1  ? 5.796   -8.083  -9.599  1.00 132.01 ? 0  DT C "O3'" 1 
ATOM 439 C "C2'" . DT C 3 1  ? 3.431   -8.756  -9.613  1.00 113.01 ? 0  DT C "C2'" 1 
ATOM 440 C "C1'" . DT C 3 1  ? 3.187   -9.602  -10.822 1.00 96.88  ? 0  DT C "C1'" 1 
ATOM 441 N N1    . DT C 3 1  ? 1.802   -10.100 -10.905 1.00 93.51  ? 0  DT C N1    1 
ATOM 442 C C2    . DT C 3 1  ? 0.902   -9.358  -11.636 1.00 102.82 ? 0  DT C C2    1 
ATOM 443 O O2    . DT C 3 1  ? 1.197   -8.310  -12.186 1.00 125.46 ? 0  DT C O2    1 
ATOM 444 N N3    . DT C 3 1  ? -0.355  -9.905  -11.726 1.00 103.38 ? 0  DT C N3    1 
ATOM 445 C C4    . DT C 3 1  ? -0.795  -11.086 -11.153 1.00 123.63 ? 0  DT C C4    1 
ATOM 446 O O4    . DT C 3 1  ? -1.961  -11.448 -11.308 1.00 126.80 ? 0  DT C O4    1 
ATOM 447 C C5    . DT C 3 1  ? 0.195   -11.801 -10.381 1.00 108.43 ? 0  DT C C5    1 
ATOM 448 C C7    . DT C 3 1  ? -0.202  -13.078 -9.709  1.00 93.25  ? 0  DT C C7    1 
ATOM 449 C C6    . DT C 3 1  ? 1.424   -11.273 -10.285 1.00 95.73  ? 0  DT C C6    1 
ATOM 450 P P     . DC C 3 2  ? 5.981   -6.800  -8.670  1.00 139.55 ? 1  DC C P     1 
ATOM 451 O OP1   . DC C 3 2  ? 7.093   -5.987  -9.232  1.00 155.68 ? 1  DC C OP1   1 
ATOM 452 O OP2   . DC C 3 2  ? 6.071   -7.261  -7.240  1.00 110.03 ? 1  DC C OP2   1 
ATOM 453 O "O5'" . DC C 3 2  ? 4.651   -5.991  -9.006  1.00 100.20 ? 1  DC C "O5'" 1 
ATOM 454 C "C5'" . DC C 3 2  ? 4.463   -5.578  -10.356 1.00 104.60 ? 1  DC C "C5'" 1 
ATOM 455 C "C4'" . DC C 3 2  ? 3.245   -4.698  -10.481 1.00 112.74 ? 1  DC C "C4'" 1 
ATOM 456 O "O4'" . DC C 3 2  ? 2.039   -5.488  -10.529 1.00 107.82 ? 1  DC C "O4'" 1 
ATOM 457 C "C3'" . DC C 3 2  ? 3.034   -3.687  -9.363  1.00 102.90 ? 1  DC C "C3'" 1 
ATOM 458 O "O3'" . DC C 3 2  ? 2.526   -2.527  -10.015 1.00 94.50  ? 1  DC C "O3'" 1 
ATOM 459 C "C2'" . DC C 3 2  ? 1.946   -4.326  -8.521  1.00 108.72 ? 1  DC C "C2'" 1 
ATOM 460 C "C1'" . DC C 3 2  ? 1.098   -4.985  -9.601  1.00 106.03 ? 1  DC C "C1'" 1 
ATOM 461 N N1    . DC C 3 2  ? 0.270   -6.124  -9.194  1.00 93.20  ? 1  DC C N1    1 
ATOM 462 C C2    . DC C 3 2  ? -1.063  -6.223  -9.634  1.00 99.76  ? 1  DC C C2    1 
ATOM 463 O O2    . DC C 3 2  ? -1.560  -5.284  -10.280 1.00 102.56 ? 1  DC C O2    1 
ATOM 464 N N3    . DC C 3 2  ? -1.781  -7.324  -9.313  1.00 94.50  ? 1  DC C N3    1 
ATOM 465 C C4    . DC C 3 2  ? -1.202  -8.324  -8.637  1.00 107.85 ? 1  DC C C4    1 
ATOM 466 N N4    . DC C 3 2  ? -1.940  -9.397  -8.338  1.00 112.60 ? 1  DC C N4    1 
ATOM 467 C C5    . DC C 3 2  ? 0.160   -8.263  -8.217  1.00 102.51 ? 1  DC C C5    1 
ATOM 468 C C6    . DC C 3 2  ? 0.851   -7.158  -8.518  1.00 93.46  ? 1  DC C C6    1 
ATOM 469 P P     . DA C 3 3  ? 2.434   -1.203  -9.216  1.00 108.14 ? 2  DA C P     1 
ATOM 470 O OP1   . DA C 3 3  ? 2.568   -0.059  -10.188 1.00 70.96  ? 2  DA C OP1   1 
ATOM 471 O OP2   . DA C 3 3  ? 3.392   -1.346  -8.080  1.00 74.84  ? 2  DA C OP2   1 
ATOM 472 O "O5'" . DA C 3 3  ? 0.885   -1.116  -8.818  1.00 96.06  ? 2  DA C "O5'" 1 
ATOM 473 C "C5'" . DA C 3 3  ? 0.082   -0.184  -9.605  1.00 112.12 ? 2  DA C "C5'" 1 
ATOM 474 C "C4'" . DA C 3 3  ? -1.370  -0.146  -9.195  1.00 98.68  ? 2  DA C "C4'" 1 
ATOM 475 O "O4'" . DA C 3 3  ? -1.862  -1.488  -9.091  1.00 120.28 ? 2  DA C "O4'" 1 
ATOM 476 C "C3'" . DA C 3 3  ? -1.584  0.482   -7.831  1.00 86.87  ? 2  DA C "C3'" 1 
ATOM 477 O "O3'" . DA C 3 3  ? -1.875  1.874   -7.880  1.00 88.89  ? 2  DA C "O3'" 1 
ATOM 478 C "C2'" . DA C 3 3  ? -2.681  -0.339  -7.202  1.00 89.51  ? 2  DA C "C2'" 1 
ATOM 479 C "C1'" . DA C 3 3  ? -2.704  -1.632  -7.968  1.00 98.14  ? 2  DA C "C1'" 1 
ATOM 480 N N9    . DA C 3 3  ? -2.233  -2.790  -7.234  1.00 88.68  ? 2  DA C N9    1 
ATOM 481 C C8    . DA C 3 3  ? -0.987  -3.053  -6.719  1.00 100.39 ? 2  DA C C8    1 
ATOM 482 N N7    . DA C 3 3  ? -0.867  -4.263  -6.218  1.00 97.42  ? 2  DA C N7    1 
ATOM 483 C C5    . DA C 3 3  ? -2.101  -4.849  -6.472  1.00 87.46  ? 2  DA C C5    1 
ATOM 484 C C6    . DA C 3 3  ? -2.620  -6.121  -6.183  1.00 80.87  ? 2  DA C C6    1 
ATOM 485 N N6    . DA C 3 3  ? -1.933  -7.069  -5.551  1.00 102.68 ? 2  DA C N6    1 
ATOM 486 N N1    . DA C 3 3  ? -3.900  -6.375  -6.536  1.00 74.57  ? 2  DA C N1    1 
ATOM 487 C C2    . DA C 3 3  ? -4.582  -5.425  -7.196  1.00 96.92  ? 2  DA C C2    1 
ATOM 488 N N3    . DA C 3 3  ? -4.203  -4.188  -7.520  1.00 93.51  ? 2  DA C N3    1 
ATOM 489 C C4    . DA C 3 3  ? -2.946  -3.956  -7.107  1.00 85.15  ? 2  DA C C4    1 
ATOM 490 P P     . DA C 3 4  ? -3.015  2.444   -8.775  1.00 109.80 ? 3  DA C P     1 
ATOM 491 O OP1   . DA C 3 4  ? -4.189  1.561   -8.625  1.00 107.77 ? 3  DA C OP1   1 
ATOM 492 O OP2   . DA C 3 4  ? -2.451  2.725   -10.099 1.00 110.31 ? 3  DA C OP2   1 
ATOM 493 O "O5'" . DA C 3 4  ? -3.291  3.867   -8.118  1.00 105.99 ? 3  DA C "O5'" 1 
ATOM 494 C "C5'" . DA C 3 4  ? -3.314  3.950   -6.681  1.00 107.61 ? 3  DA C "C5'" 1 
ATOM 495 C "C4'" . DA C 3 4  ? -2.541  5.142   -6.180  1.00 94.01  ? 3  DA C "C4'" 1 
ATOM 496 O "O4'" . DA C 3 4  ? -1.139  4.867   -6.165  1.00 64.55  ? 3  DA C "O4'" 1 
ATOM 497 C "C3'" . DA C 3 4  ? -2.647  6.377   -7.051  1.00 86.79  ? 3  DA C "C3'" 1 
ATOM 498 O "O3'" . DA C 3 4  ? -3.974  6.841   -6.981  1.00 98.09  ? 3  DA C "O3'" 1 
ATOM 499 C "C2'" . DA C 3 4  ? -1.503  7.223   -6.546  1.00 66.75  ? 3  DA C "C2'" 1 
ATOM 500 C "C1'" . DA C 3 4  ? -0.464  6.126   -6.316  1.00 72.56  ? 3  DA C "C1'" 1 
ATOM 501 N N9    . DA C 3 4  ? 0.582   5.929   -7.306  1.00 76.52  ? 3  DA C N9    1 
ATOM 502 C C8    . DA C 3 4  ? 0.990   4.711   -7.803  1.00 76.05  ? 3  DA C C8    1 
ATOM 503 N N7    . DA C 3 4  ? 2.070   4.781   -8.545  1.00 78.10  ? 3  DA C N7    1 
ATOM 504 C C5    . DA C 3 4  ? 2.407   6.127   -8.516  1.00 83.63  ? 3  DA C C5    1 
ATOM 505 C C6    . DA C 3 4  ? 3.468   6.843   -9.092  1.00 89.67  ? 3  DA C C6    1 
ATOM 506 N N6    . DA C 3 4  ? 4.382   6.283   -9.884  1.00 91.95  ? 3  DA C N6    1 
ATOM 507 N N1    . DA C 3 4  ? 3.545   8.172   -8.841  1.00 90.06  ? 3  DA C N1    1 
ATOM 508 C C2    . DA C 3 4  ? 2.611   8.727   -8.054  1.00 114.27 ? 3  DA C C2    1 
ATOM 509 N N3    . DA C 3 4  ? 1.570   8.150   -7.441  1.00 101.24 ? 3  DA C N3    1 
ATOM 510 C C4    . DA C 3 4  ? 1.521   6.838   -7.725  1.00 77.64  ? 3  DA C C4    1 
ATOM 511 P P     . DC C 3 5  ? -4.608  7.209   -8.308  1.00 114.20 ? 4  DC C P     1 
ATOM 512 O OP1   . DC C 3 5  ? -6.056  7.429   -8.047  1.00 117.56 ? 4  DC C OP1   1 
ATOM 513 O OP2   . DC C 3 5  ? -4.158  6.171   -9.284  1.00 104.13 ? 4  DC C OP2   1 
ATOM 514 O "O5'" . DC C 3 5  ? -3.877  8.597   -8.585  1.00 79.12  ? 4  DC C "O5'" 1 
ATOM 515 C "C5'" . DC C 3 5  ? -4.027  9.563   -7.543  1.00 100.25 ? 4  DC C "C5'" 1 
ATOM 516 C "C4'" . DC C 3 5  ? -3.265  10.809  -7.897  1.00 108.01 ? 4  DC C "C4'" 1 
ATOM 517 O "O4'" . DC C 3 5  ? -1.874  10.471  -8.080  1.00 98.64  ? 4  DC C "O4'" 1 
ATOM 518 C "C3'" . DC C 3 5  ? -3.736  11.414  -9.209  1.00 100.78 ? 4  DC C "C3'" 1 
ATOM 519 O "O3'" . DC C 3 5  ? -3.711  12.825  -9.200  1.00 109.14 ? 4  DC C "O3'" 1 
ATOM 520 C "C2'" . DC C 3 5  ? -2.666  11.021  -10.191 1.00 100.62 ? 4  DC C "C2'" 1 
ATOM 521 C "C1'" . DC C 3 5  ? -1.437  10.980  -9.324  1.00 96.58  ? 4  DC C "C1'" 1 
ATOM 522 N N1    . DC C 3 5  ? -0.520  10.010  -9.900  1.00 93.82  ? 4  DC C N1    1 
ATOM 523 C C2    . DC C 3 5  ? 0.576   10.436  -10.674 1.00 93.22  ? 4  DC C C2    1 
ATOM 524 O O2    . DC C 3 5  ? 0.826   11.650  -10.758 1.00 102.76 ? 4  DC C O2    1 
ATOM 525 N N3    . DC C 3 5  ? 1.354   9.505   -11.269 1.00 81.72  ? 4  DC C N3    1 
ATOM 526 C C4    . DC C 3 5  ? 1.067   8.204   -11.122 1.00 83.79  ? 4  DC C C4    1 
ATOM 527 N N4    . DC C 3 5  ? 1.856   7.314   -11.712 1.00 88.16  ? 4  DC C N4    1 
ATOM 528 C C5    . DC C 3 5  ? -0.060  7.757   -10.380 1.00 86.53  ? 4  DC C C5    1 
ATOM 529 C C6    . DC C 3 5  ? -0.837  8.685   -9.819  1.00 91.95  ? 4  DC C C6    1 
ATOM 530 P P     . DG C 3 6  ? -4.301  13.577  -10.448 1.00 130.78 ? 5  DG C P     1 
ATOM 531 O OP1   . DG C 3 6  ? -5.137  14.699  -9.933  1.00 125.55 ? 5  DG C OP1   1 
ATOM 532 O OP2   . DG C 3 6  ? -4.833  12.564  -11.425 1.00 116.72 ? 5  DG C OP2   1 
ATOM 533 O "O5'" . DG C 3 6  ? -3.029  14.232  -11.130 1.00 122.20 ? 5  DG C "O5'" 1 
ATOM 534 C "C5'" . DG C 3 6  ? -3.135  15.583  -11.624 1.00 131.68 ? 5  DG C "C5'" 1 
ATOM 535 C "C4'" . DG C 3 6  ? -1.969  15.840  -12.541 1.00 121.23 ? 5  DG C "C4'" 1 
ATOM 536 O "O4'" . DG C 3 6  ? -1.097  14.728  -12.298 1.00 104.70 ? 5  DG C "O4'" 1 
ATOM 537 C "C3'" . DG C 3 6  ? -2.259  15.773  -14.037 1.00 130.84 ? 5  DG C "C3'" 1 
ATOM 538 O "O3'" . DG C 3 6  ? -2.703  17.020  -14.612 1.00 112.94 ? 5  DG C "O3'" 1 
ATOM 539 C "C2'" . DG C 3 6  ? -0.940  15.266  -14.591 1.00 110.39 ? 5  DG C "C2'" 1 
ATOM 540 C "C1'" . DG C 3 6  ? -0.371  14.425  -13.460 1.00 93.79  ? 5  DG C "C1'" 1 
ATOM 541 N N9    . DG C 3 6  ? -0.489  13.000  -13.663 1.00 83.65  ? 5  DG C N9    1 
ATOM 542 C C8    . DG C 3 6  ? -1.493  12.176  -13.219 1.00 84.40  ? 5  DG C C8    1 
ATOM 543 N N7    . DG C 3 6  ? -1.299  10.923  -13.533 1.00 91.96  ? 5  DG C N7    1 
ATOM 544 C C5    . DG C 3 6  ? -0.090  10.922  -14.212 1.00 74.08  ? 5  DG C C5    1 
ATOM 545 C C6    . DG C 3 6  ? 0.633   9.855   -14.780 1.00 94.51  ? 5  DG C C6    1 
ATOM 546 O O6    . DG C 3 6  ? 0.312   8.664   -14.843 1.00 108.57 ? 5  DG C O6    1 
ATOM 547 N N1    . DG C 3 6  ? 1.842   10.286  -15.323 1.00 88.24  ? 5  DG C N1    1 
ATOM 548 C C2    . DG C 3 6  ? 2.275   11.589  -15.343 1.00 97.01  ? 5  DG C C2    1 
ATOM 549 N N2    . DG C 3 6  ? 3.467   11.812  -15.911 1.00 92.76  ? 5  DG C N2    1 
ATOM 550 N N3    . DG C 3 6  ? 1.588   12.602  -14.841 1.00 86.13  ? 5  DG C N3    1 
ATOM 551 C C4    . DG C 3 6  ? 0.427   12.196  -14.290 1.00 77.73  ? 5  DG C C4    1 
ATOM 552 O "O5'" . DT D 4 1  ? 16.944  16.473  13.039  1.00 212.55 ? 2  DT D "O5'" 1 
ATOM 553 C "C5'" . DT D 4 1  ? 17.283  15.073  12.974  1.00 180.42 ? 2  DT D "C5'" 1 
ATOM 554 C "C4'" . DT D 4 1  ? 18.447  14.870  12.033  1.00 166.23 ? 2  DT D "C4'" 1 
ATOM 555 O "O4'" . DT D 4 1  ? 19.039  13.584  12.314  1.00 156.03 ? 2  DT D "O4'" 1 
ATOM 556 C "C3'" . DT D 4 1  ? 18.090  14.850  10.538  1.00 166.04 ? 2  DT D "C3'" 1 
ATOM 557 O "O3'" . DT D 4 1  ? 18.499  16.031  9.829   1.00 172.09 ? 2  DT D "O3'" 1 
ATOM 558 C "C2'" . DT D 4 1  ? 18.716  13.561  10.029  1.00 152.14 ? 2  DT D "C2'" 1 
ATOM 559 C "C1'" . DT D 4 1  ? 19.661  13.160  11.124  1.00 145.35 ? 2  DT D "C1'" 1 
ATOM 560 N N1    . DT D 4 1  ? 19.791  11.702  11.157  1.00 146.66 ? 2  DT D N1    1 
ATOM 561 C C2    . DT D 4 1  ? 20.678  11.146  10.264  1.00 153.18 ? 2  DT D C2    1 
ATOM 562 O O2    . DT D 4 1  ? 21.391  11.816  9.530   1.00 153.60 ? 2  DT D O2    1 
ATOM 563 N N3    . DT D 4 1  ? 20.723  9.772   10.282  1.00 134.92 ? 2  DT D N3    1 
ATOM 564 C C4    . DT D 4 1  ? 19.947  8.924   11.052  1.00 125.59 ? 2  DT D C4    1 
ATOM 565 O O4    . DT D 4 1  ? 20.096  7.710   10.963  1.00 134.29 ? 2  DT D O4    1 
ATOM 566 C C5    . DT D 4 1  ? 19.016  9.578   11.944  1.00 117.61 ? 2  DT D C5    1 
ATOM 567 C C7    . DT D 4 1  ? 18.146  8.741   12.827  1.00 125.27 ? 2  DT D C7    1 
ATOM 568 C C6    . DT D 4 1  ? 18.970  10.916  11.938  1.00 122.53 ? 2  DT D C6    1 
ATOM 569 P P     . DC D 4 2  ? 19.334  15.936  8.446   1.00 186.93 ? 3  DC D P     1 
ATOM 570 O OP1   . DC D 4 2  ? 20.605  15.206  8.727   1.00 163.79 ? 3  DC D OP1   1 
ATOM 571 O OP2   . DC D 4 2  ? 19.329  17.282  7.806   1.00 186.42 ? 3  DC D OP2   1 
ATOM 572 O "O5'" . DC D 4 2  ? 18.446  15.038  7.473   1.00 178.32 ? 3  DC D "O5'" 1 
ATOM 573 C "C5'" . DC D 4 2  ? 18.685  15.012  6.044   1.00 159.95 ? 3  DC D "C5'" 1 
ATOM 574 C "C4'" . DC D 4 2  ? 20.082  14.543  5.685   1.00 158.34 ? 3  DC D "C4'" 1 
ATOM 575 O "O4'" . DC D 4 2  ? 20.516  13.456  6.541   1.00 135.34 ? 3  DC D "O4'" 1 
ATOM 576 C "C3'" . DC D 4 2  ? 20.195  14.015  4.253   1.00 173.89 ? 3  DC D "C3'" 1 
ATOM 577 O "O3'" . DC D 4 2  ? 21.372  14.404  3.519   1.00 199.55 ? 3  DC D "O3'" 1 
ATOM 578 C "C2'" . DC D 4 2  ? 20.091  12.510  4.424   1.00 167.95 ? 3  DC D "C2'" 1 
ATOM 579 C "C1'" . DC D 4 2  ? 20.643  12.243  5.804   1.00 138.94 ? 3  DC D "C1'" 1 
ATOM 580 N N1    . DC D 4 2  ? 19.903  11.185  6.527   1.00 141.95 ? 3  DC D N1    1 
ATOM 581 C C2    . DC D 4 2  ? 20.310  9.846   6.386   1.00 141.40 ? 3  DC D C2    1 
ATOM 582 O O2    . DC D 4 2  ? 21.273  9.585   5.643   1.00 127.38 ? 3  DC D O2    1 
ATOM 583 N N3    . DC D 4 2  ? 19.641  8.877   7.064   1.00 119.15 ? 3  DC D N3    1 
ATOM 584 C C4    . DC D 4 2  ? 18.593  9.201   7.831   1.00 129.71 ? 3  DC D C4    1 
ATOM 585 N N4    . DC D 4 2  ? 17.960  8.222   8.477   1.00 115.20 ? 3  DC D N4    1 
ATOM 586 C C5    . DC D 4 2  ? 18.143  10.549  7.965   1.00 134.99 ? 3  DC D C5    1 
ATOM 587 C C6    . DC D 4 2  ? 18.819  11.498  7.302   1.00 148.31 ? 3  DC D C6    1 
ATOM 588 P P     . DG D 4 3  ? 21.523  14.001  1.944   1.00 205.73 ? 4  DG D P     1 
ATOM 589 O OP1   . DG D 4 3  ? 22.710  13.105  1.823   1.00 182.58 ? 4  DG D OP1   1 
ATOM 590 O OP2   . DG D 4 3  ? 21.435  15.235  1.114   1.00 167.21 ? 4  DG D OP2   1 
ATOM 591 O "O5'" . DG D 4 3  ? 20.145  13.259  1.636   1.00 193.61 ? 4  DG D "O5'" 1 
ATOM 592 C "C5'" . DG D 4 3  ? 19.923  12.520  0.435   1.00 167.50 ? 4  DG D "C5'" 1 
ATOM 593 C "C4'" . DG D 4 3  ? 20.861  11.339  0.383   1.00 167.13 ? 4  DG D "C4'" 1 
ATOM 594 O "O4'" . DG D 4 3  ? 20.815  10.564  1.607   1.00 152.82 ? 4  DG D "O4'" 1 
ATOM 595 C "C3'" . DG D 4 3  ? 20.540  10.362  -0.731  1.00 163.67 ? 4  DG D "C3'" 1 
ATOM 596 O "O3'" . DG D 4 3  ? 21.790  9.881   -1.208  1.00 180.84 ? 4  DG D "O3'" 1 
ATOM 597 C "C2'" . DG D 4 3  ? 19.670  9.340   -0.035  1.00 154.17 ? 4  DG D "C2'" 1 
ATOM 598 C "C1'" . DG D 4 3  ? 20.232  9.288   1.372   1.00 136.37 ? 4  DG D "C1'" 1 
ATOM 599 N N9    . DG D 4 3  ? 19.198  9.081   2.382   1.00 115.17 ? 4  DG D N9    1 
ATOM 600 C C8    . DG D 4 3  ? 18.341  10.030  2.887   1.00 106.40 ? 4  DG D C8    1 
ATOM 601 N N7    . DG D 4 3  ? 17.503  9.548   3.767   1.00 106.30 ? 4  DG D N7    1 
ATOM 602 C C5    . DG D 4 3  ? 17.812  8.196   3.833   1.00 106.94 ? 4  DG D C5    1 
ATOM 603 C C6    . DG D 4 3  ? 17.238  7.159   4.619   1.00 110.02 ? 4  DG D C6    1 
ATOM 604 O O6    . DG D 4 3  ? 16.318  7.240   5.444   1.00 110.89 ? 4  DG D O6    1 
ATOM 605 N N1    . DG D 4 3  ? 17.842  5.927   4.368   1.00 94.98  ? 4  DG D N1    1 
ATOM 606 C C2    . DG D 4 3  ? 18.881  5.723   3.484   1.00 116.38 ? 4  DG D C2    1 
ATOM 607 N N2    . DG D 4 3  ? 19.344  4.460   3.389   1.00 110.05 ? 4  DG D N2    1 
ATOM 608 N N3    . DG D 4 3  ? 19.430  6.687   2.750   1.00 116.55 ? 4  DG D N3    1 
ATOM 609 C C4    . DG D 4 3  ? 18.850  7.889   2.975   1.00 112.11 ? 4  DG D C4    1 
ATOM 610 P P     . DA D 4 4  ? 21.940  9.490   -2.725  1.00 205.93 ? 5  DA D P     1 
ATOM 611 O OP1   . DA D 4 4  ? 23.391  9.425   -3.060  1.00 209.24 ? 5  DA D OP1   1 
ATOM 612 O OP2   . DA D 4 4  ? 21.024  10.344  -3.520  1.00 204.61 ? 5  DA D OP2   1 
ATOM 613 O "O5'" . DA D 4 4  ? 21.342  8.023   -2.737  1.00 202.61 ? 5  DA D "O5'" 1 
ATOM 614 C "C5'" . DA D 4 4  ? 21.673  7.056   -1.727  1.00 196.19 ? 5  DA D "C5'" 1 
ATOM 615 C "C4'" . DA D 4 4  ? 20.714  5.905   -1.883  1.00 176.66 ? 5  DA D "C4'" 1 
ATOM 616 O "O4'" . DA D 4 4  ? 19.679  5.949   -0.873  1.00 161.47 ? 5  DA D "O4'" 1 
ATOM 617 C "C3'" . DA D 4 4  ? 19.970  5.952   -3.214  1.00 156.83 ? 5  DA D "C3'" 1 
ATOM 618 O "O3'" . DA D 4 4  ? 19.764  4.606   -3.597  1.00 162.57 ? 5  DA D "O3'" 1 
ATOM 619 C "C2'" . DA D 4 4  ? 18.657  6.615   -2.850  1.00 137.16 ? 5  DA D "C2'" 1 
ATOM 620 C "C1'" . DA D 4 4  ? 18.417  5.930   -1.523  1.00 132.27 ? 5  DA D "C1'" 1 
ATOM 621 N N9    . DA D 4 4  ? 17.451  6.550   -0.630  1.00 120.77 ? 5  DA D N9    1 
ATOM 622 C C8    . DA D 4 4  ? 17.043  7.860   -0.544  1.00 128.92 ? 5  DA D C8    1 
ATOM 623 N N7    . DA D 4 4  ? 16.175  8.083   0.415   1.00 110.89 ? 5  DA D N7    1 
ATOM 624 C C5    . DA D 4 4  ? 15.986  6.833   0.986   1.00 93.36  ? 5  DA D C5    1 
ATOM 625 C C6    . DA D 4 4  ? 15.173  6.395   2.043   1.00 99.69  ? 5  DA D C6    1 
ATOM 626 N N6    . DA D 4 4  ? 14.368  7.207   2.735   1.00 106.14 ? 5  DA D N6    1 
ATOM 627 N N1    . DA D 4 4  ? 15.231  5.085   2.382   1.00 97.65  ? 5  DA D N1    1 
ATOM 628 C C2    . DA D 4 4  ? 16.040  4.274   1.675   1.00 118.08 ? 5  DA D C2    1 
ATOM 629 N N3    . DA D 4 4  ? 16.837  4.568   0.642   1.00 89.59  ? 5  DA D N3    1 
ATOM 630 C C4    . DA D 4 4  ? 16.766  5.878   0.352   1.00 103.48 ? 5  DA D C4    1 
ATOM 631 P P     . DG D 4 5  ? 19.699  4.264   -5.108  1.00 173.10 ? 6  DG D P     1 
ATOM 632 O OP1   . DG D 4 5  ? 21.060  3.852   -5.519  1.00 177.17 ? 6  DG D OP1   1 
ATOM 633 O OP2   . DG D 4 5  ? 19.044  5.418   -5.797  1.00 151.51 ? 6  DG D OP2   1 
ATOM 634 O "O5'" . DG D 4 5  ? 18.780  2.961   -5.109  1.00 158.03 ? 6  DG D "O5'" 1 
ATOM 635 C "C5'" . DG D 4 5  ? 17.347  3.066   -5.016  1.00 155.88 ? 6  DG D "C5'" 1 
ATOM 636 C "C4'" . DG D 4 5  ? 16.822  2.142   -3.943  1.00 147.49 ? 6  DG D "C4'" 1 
ATOM 637 O "O4'" . DG D 4 5  ? 16.694  2.879   -2.713  1.00 135.67 ? 6  DG D "O4'" 1 
ATOM 638 C "C3'" . DG D 4 5  ? 15.437  1.579   -4.241  1.00 140.55 ? 6  DG D "C3'" 1 
ATOM 639 O "O3'" . DG D 4 5  ? 15.579  0.274   -4.792  1.00 149.31 ? 6  DG D "O3'" 1 
ATOM 640 C "C2'" . DG D 4 5  ? 14.763  1.517   -2.887  1.00 129.81 ? 6  DG D "C2'" 1 
ATOM 641 C "C1'" . DG D 4 5  ? 15.461  2.585   -2.087  1.00 119.81 ? 6  DG D "C1'" 1 
ATOM 642 N N9    . DG D 4 5  ? 14.741  3.833   -1.904  1.00 107.95 ? 6  DG D N9    1 
ATOM 643 C C8    . DG D 4 5  ? 15.002  5.069   -2.448  1.00 107.16 ? 6  DG D C8    1 
ATOM 644 N N7    . DG D 4 5  ? 14.220  6.009   -1.984  1.00 102.57 ? 6  DG D N7    1 
ATOM 645 C C5    . DG D 4 5  ? 13.416  5.356   -1.061  1.00 103.95 ? 6  DG D C5    1 
ATOM 646 C C6    . DG D 4 5  ? 12.382  5.856   -0.229  1.00 105.60 ? 6  DG D C6    1 
ATOM 647 O O6    . DG D 4 5  ? 11.951  7.014   -0.151  1.00 103.99 ? 6  DG D O6    1 
ATOM 648 N N1    . DG D 4 5  ? 11.827  4.849   0.558   1.00 104.27 ? 6  DG D N1    1 
ATOM 649 C C2    . DG D 4 5  ? 12.206  3.523   0.532   1.00 121.15 ? 6  DG D C2    1 
ATOM 650 N N2    . DG D 4 5  ? 11.551  2.693   1.360   1.00 120.43 ? 6  DG D N2    1 
ATOM 651 N N3    . DG D 4 5  ? 13.166  3.047   -0.244  1.00 113.07 ? 6  DG D N3    1 
ATOM 652 C C4    . DG D 4 5  ? 13.726  4.012   -1.003  1.00 112.55 ? 6  DG D C4    1 
ATOM 653 P P     . DT D 4 6  ? 14.386  -0.345  -5.619  1.00 154.69 ? 7  DT D P     1 
ATOM 654 O OP1   . DT D 4 6  ? 14.708  -1.781  -5.910  1.00 123.22 ? 7  DT D OP1   1 
ATOM 655 O OP2   . DT D 4 6  ? 14.060  0.598   -6.720  1.00 141.86 ? 7  DT D OP2   1 
ATOM 656 O "O5'" . DT D 4 6  ? 13.213  -0.318  -4.552  1.00 129.27 ? 7  DT D "O5'" 1 
ATOM 657 C "C5'" . DT D 4 6  ? 13.184  -1.335  -3.545  1.00 128.22 ? 7  DT D "C5'" 1 
ATOM 658 C "C4'" . DT D 4 6  ? 11.847  -1.238  -2.864  1.00 123.84 ? 7  DT D "C4'" 1 
ATOM 659 O "O4'" . DT D 4 6  ? 11.669  0.143   -2.494  1.00 107.78 ? 7  DT D "O4'" 1 
ATOM 660 C "C3'" . DT D 4 6  ? 10.696  -1.571  -3.819  1.00 125.91 ? 7  DT D "C3'" 1 
ATOM 661 O "O3'" . DT D 4 6  ? 9.922   -2.660  -3.306  1.00 133.14 ? 7  DT D "O3'" 1 
ATOM 662 C "C2'" . DT D 4 6  ? 9.967   -0.247  -3.982  1.00 113.23 ? 7  DT D "C2'" 1 
ATOM 663 C "C1'" . DT D 4 6  ? 10.321  0.434   -2.695  1.00 92.14  ? 7  DT D "C1'" 1 
ATOM 664 N N1    . DT D 4 6  ? 10.157  1.883   -2.635  1.00 77.48  ? 7  DT D N1    1 
ATOM 665 C C2    . DT D 4 6  ? 9.298   2.323   -1.659  1.00 91.47  ? 7  DT D C2    1 
ATOM 666 O O2    . DT D 4 6  ? 8.693   1.564   -0.924  1.00 113.33 ? 7  DT D O2    1 
ATOM 667 N N3    . DT D 4 6  ? 9.164   3.687   -1.577  1.00 90.24  ? 7  DT D N3    1 
ATOM 668 C C4    . DT D 4 6  ? 9.811   4.633   -2.344  1.00 98.25  ? 7  DT D C4    1 
ATOM 669 O O4    . DT D 4 6  ? 9.594   5.830   -2.154  1.00 94.19  ? 7  DT D O4    1 
ATOM 670 C C5    . DT D 4 6  ? 10.719  4.104   -3.338  1.00 91.49  ? 7  DT D C5    1 
ATOM 671 C C7    . DT D 4 6  ? 11.454  5.063   -4.221  1.00 93.58  ? 7  DT D C7    1 
ATOM 672 C C6    . DT D 4 6  ? 10.854  2.769   -3.427  1.00 71.85  ? 7  DT D C6    1 
ATOM 673 P P     . DC D 4 7  ? 8.594   -3.130  -4.056  1.00 115.91 ? 8  DC D P     1 
ATOM 674 O OP1   . DC D 4 7  ? 8.363   -4.582  -3.738  1.00 102.69 ? 8  DC D OP1   1 
ATOM 675 O OP2   . DC D 4 7  ? 8.652   -2.677  -5.472  1.00 113.43 ? 8  DC D OP2   1 
ATOM 676 O "O5'" . DC D 4 7  ? 7.502   -2.259  -3.306  1.00 101.16 ? 8  DC D "O5'" 1 
ATOM 677 C "C5'" . DC D 4 7  ? 7.045   -2.675  -2.010  1.00 95.94  ? 8  DC D "C5'" 1 
ATOM 678 C "C4'" . DC D 4 7  ? 5.928   -1.756  -1.579  1.00 110.36 ? 8  DC D "C4'" 1 
ATOM 679 O "O4'" . DC D 4 7  ? 6.340   -0.393  -1.841  1.00 100.54 ? 8  DC D "O4'" 1 
ATOM 680 C "C3'" . DC D 4 7  ? 4.607   -1.938  -2.339  1.00 122.17 ? 8  DC D "C3'" 1 
ATOM 681 O "O3'" . DC D 4 7  ? 3.479   -2.071  -1.466  1.00 114.90 ? 8  DC D "O3'" 1 
ATOM 682 C "C2'" . DC D 4 7  ? 4.508   -0.681  -3.199  1.00 118.36 ? 8  DC D "C2'" 1 
ATOM 683 C "C1'" . DC D 4 7  ? 5.217   0.321   -2.327  1.00 101.91 ? 8  DC D "C1'" 1 
ATOM 684 N N1    . DC D 4 7  ? 5.720   1.540   -2.983  1.00 93.31  ? 8  DC D N1    1 
ATOM 685 C C2    . DC D 4 7  ? 5.167   2.788   -2.648  1.00 96.77  ? 8  DC D C2    1 
ATOM 686 O O2    . DC D 4 7  ? 4.222   2.834   -1.852  1.00 126.85 ? 8  DC D O2    1 
ATOM 687 N N3    . DC D 4 7  ? 5.687   3.910   -3.192  1.00 87.57  ? 8  DC D N3    1 
ATOM 688 C C4    . DC D 4 7  ? 6.712   3.823   -4.043  1.00 96.55  ? 8  DC D C4    1 
ATOM 689 N N4    . DC D 4 7  ? 7.180   4.950   -4.573  1.00 102.90 ? 8  DC D N4    1 
ATOM 690 C C5    . DC D 4 7  ? 7.303   2.570   -4.389  1.00 95.78  ? 8  DC D C5    1 
ATOM 691 C C6    . DC D 4 7  ? 6.789   1.467   -3.832  1.00 93.94  ? 8  DC D C6    1 
ATOM 692 P P     . DC D 4 8  ? 2.044   -2.189  -2.113  1.00 110.28 ? 9  DC D P     1 
ATOM 693 O OP1   . DC D 4 8  ? 1.085   -2.768  -1.127  1.00 104.79 ? 9  DC D OP1   1 
ATOM 694 O OP2   . DC D 4 8  ? 2.214   -2.802  -3.446  1.00 101.48 ? 9  DC D OP2   1 
ATOM 695 O "O5'" . DC D 4 8  ? 1.611   -0.678  -2.271  1.00 82.03  ? 9  DC D "O5'" 1 
ATOM 696 C "C5'" . DC D 4 8  ? 0.209   -0.391  -2.313  1.00 91.28  ? 9  DC D "C5'" 1 
ATOM 697 C "C4'" . DC D 4 8  ? 0.082   1.040   -2.756  1.00 89.36  ? 9  DC D "C4'" 1 
ATOM 698 O "O4'" . DC D 4 8  ? 1.340   1.453   -3.307  1.00 89.45  ? 9  DC D "O4'" 1 
ATOM 699 C "C3'" . DC D 4 8  ? -0.903  1.332   -3.875  1.00 90.95  ? 9  DC D "C3'" 1 
ATOM 700 O "O3'" . DC D 4 8  ? -2.055  1.981   -3.391  1.00 103.38 ? 9  DC D "O3'" 1 
ATOM 701 C "C2'" . DC D 4 8  ? -0.273  2.497   -4.609  1.00 103.72 ? 9  DC D "C2'" 1 
ATOM 702 C "C1'" . DC D 4 8  ? 1.039   2.697   -3.901  1.00 85.12  ? 9  DC D "C1'" 1 
ATOM 703 N N1    . DC D 4 8  ? 2.106   3.047   -4.828  1.00 71.11  ? 9  DC D N1    1 
ATOM 704 C C2    . DC D 4 8  ? 2.284   4.393   -5.117  1.00 74.29  ? 9  DC D C2    1 
ATOM 705 O O2    . DC D 4 8  ? 1.548   5.221   -4.551  1.00 73.77  ? 9  DC D O2    1 
ATOM 706 N N3    . DC D 4 8  ? 3.277   4.765   -5.964  1.00 60.61  ? 9  DC D N3    1 
ATOM 707 C C4    . DC D 4 8  ? 4.036   3.830   -6.547  1.00 74.94  ? 9  DC D C4    1 
ATOM 708 N N4    . DC D 4 8  ? 4.989   4.226   -7.393  1.00 83.83  ? 9  DC D N4    1 
ATOM 709 C C5    . DC D 4 8  ? 3.853   2.443   -6.284  1.00 71.99  ? 9  DC D C5    1 
ATOM 710 C C6    . DC D 4 8  ? 2.875   2.099   -5.440  1.00 73.31  ? 9  DC D C6    1 
ATOM 711 P P     . DG D 4 9  ? -3.013  1.192   -2.546  1.00 98.82  ? 10 DG D P     1 
ATOM 712 O OP1   . DG D 4 9  ? -2.830  1.666   -1.165  1.00 110.44 ? 10 DG D OP1   1 
ATOM 713 O OP2   . DG D 4 9  ? -2.787  -0.243  -2.854  1.00 76.88  ? 10 DG D OP2   1 
ATOM 714 O "O5'" . DG D 4 9  ? -4.420  1.655   -3.129  1.00 104.84 ? 10 DG D "O5'" 1 
ATOM 715 C "C5'" . DG D 4 9  ? -4.684  1.641   -4.541  1.00 98.35  ? 10 DG D "C5'" 1 
ATOM 716 C "C4'" . DG D 4 9  ? -5.406  0.400   -5.018  1.00 93.39  ? 10 DG D "C4'" 1 
ATOM 717 O "O4'" . DG D 4 9  ? -4.595  -0.769  -4.926  1.00 79.55  ? 10 DG D "O4'" 1 
ATOM 718 C "C3'" . DG D 4 9  ? -6.651  -0.067  -4.304  1.00 108.77 ? 10 DG D "C3'" 1 
ATOM 719 O "O3'" . DG D 4 9  ? -7.715  0.867   -4.445  1.00 119.63 ? 10 DG D "O3'" 1 
ATOM 720 C "C2'" . DG D 4 9  ? -6.851  -1.459  -4.901  1.00 98.59  ? 10 DG D "C2'" 1 
ATOM 721 C "C1'" . DG D 4 9  ? -5.428  -1.869  -5.299  1.00 74.04  ? 10 DG D "C1'" 1 
ATOM 722 N N9    . DG D 4 9  ? -4.872  -3.037  -4.645  1.00 65.24  ? 10 DG D N9    1 
ATOM 723 C C8    . DG D 4 9  ? -3.640  -3.074  -4.033  1.00 90.14  ? 10 DG D C8    1 
ATOM 724 N N7    . DG D 4 9  ? -3.372  -4.227  -3.484  1.00 80.21  ? 10 DG D N7    1 
ATOM 725 C C5    . DG D 4 9  ? -4.498  -4.991  -3.735  1.00 63.45  ? 10 DG D C5    1 
ATOM 726 C C6    . DG D 4 9  ? -4.768  -6.309  -3.389  1.00 70.21  ? 10 DG D C6    1 
ATOM 727 O O6    . DG D 4 9  ? -4.046  -7.090  -2.744  1.00 78.51  ? 10 DG D O6    1 
ATOM 728 N N1    . DG D 4 9  ? -6.020  -6.712  -3.851  1.00 68.66  ? 10 DG D N1    1 
ATOM 729 C C2    . DG D 4 9  ? -6.901  -5.910  -4.544  1.00 90.39  ? 10 DG D C2    1 
ATOM 730 N N2    . DG D 4 9  ? -8.068  -6.466  -4.902  1.00 117.57 ? 10 DG D N2    1 
ATOM 731 N N3    . DG D 4 9  ? -6.665  -4.646  -4.841  1.00 70.03  ? 10 DG D N3    1 
ATOM 732 C C4    . DG D 4 9  ? -5.453  -4.255  -4.413  1.00 60.02  ? 10 DG D C4    1 
ATOM 733 P P     . DT D 4 10 ? -8.704  0.987   -3.231  1.00 138.80 ? 11 DT D P     1 
ATOM 734 O OP1   . DT D 4 10 ? -9.520  2.262   -3.441  1.00 92.07  ? 11 DT D OP1   1 
ATOM 735 O OP2   . DT D 4 10 ? -7.955  0.656   -1.977  1.00 84.83  ? 11 DT D OP2   1 
ATOM 736 O "O5'" . DT D 4 10 ? -9.440  -0.423  -3.234  1.00 79.54  ? 11 DT D "O5'" 1 
ATOM 737 C "C5'" . DT D 4 10 ? -10.495 -0.500  -4.191  1.00 108.34 ? 11 DT D "C5'" 1 
ATOM 738 C "C4'" . DT D 4 10 ? -11.141 -1.851  -4.096  1.00 111.52 ? 11 DT D "C4'" 1 
ATOM 739 O "O4'" . DT D 4 10 ? -10.098 -2.819  -3.883  1.00 98.28  ? 11 DT D "O4'" 1 
ATOM 740 C "C3'" . DT D 4 10 ? -12.073 -1.970  -2.903  1.00 122.89 ? 11 DT D "C3'" 1 
ATOM 741 O "O3'" . DT D 4 10 ? -13.212 -2.700  -3.312  1.00 141.50 ? 11 DT D "O3'" 1 
ATOM 742 C "C2'" . DT D 4 10 ? -11.265 -2.759  -1.896  1.00 112.04 ? 11 DT D "C2'" 1 
ATOM 743 C "C1'" . DT D 4 10 ? -10.408 -3.618  -2.785  1.00 78.99  ? 11 DT D "C1'" 1 
ATOM 744 N N1    . DT D 4 10 ? -9.159  -3.950  -2.156  1.00 74.65  ? 11 DT D N1    1 
ATOM 745 C C2    . DT D 4 10 ? -8.916  -5.262  -1.809  1.00 73.57  ? 11 DT D C2    1 
ATOM 746 O O2    . DT D 4 10 ? -9.708  -6.161  -2.016  1.00 107.71 ? 11 DT D O2    1 
ATOM 747 N N3    . DT D 4 10 ? -7.704  -5.486  -1.214  1.00 73.10  ? 11 DT D N3    1 
ATOM 748 C C4    . DT D 4 10 ? -6.734  -4.545  -0.932  1.00 84.65  ? 11 DT D C4    1 
ATOM 749 O O4    . DT D 4 10 ? -5.681  -4.890  -0.396  1.00 75.34  ? 11 DT D O4    1 
ATOM 750 C C5    . DT D 4 10 ? -7.061  -3.185  -1.317  1.00 82.94  ? 11 DT D C5    1 
ATOM 751 C C7    . DT D 4 10 ? -6.068  -2.105  -1.049  1.00 99.20  ? 11 DT D C7    1 
ATOM 752 C C6    . DT D 4 10 ? -8.235  -2.958  -1.916  1.00 63.90  ? 11 DT D C6    1 
ATOM 753 P P     . DG D 4 11 ? -14.375 -2.909  -2.299  1.00 134.60 ? 12 DG D P     1 
ATOM 754 O OP1   . DG D 4 11 ? -15.604 -3.149  -3.101  1.00 122.90 ? 12 DG D OP1   1 
ATOM 755 O OP2   . DG D 4 11 ? -14.340 -1.780  -1.342  1.00 146.41 ? 12 DG D OP2   1 
ATOM 756 O "O5'" . DG D 4 11 ? -13.957 -4.262  -1.579  1.00 92.49  ? 12 DG D "O5'" 1 
ATOM 757 C "C5'" . DG D 4 11 ? -14.576 -5.434  -2.097  1.00 98.64  ? 12 DG D "C5'" 1 
ATOM 758 C "C4'" . DG D 4 11 ? -14.132 -6.633  -1.308  1.00 110.35 ? 12 DG D "C4'" 1 
ATOM 759 O "O4'" . DG D 4 11 ? -12.771 -6.423  -0.934  1.00 103.90 ? 12 DG D "O4'" 1 
ATOM 760 C "C3'" . DG D 4 11 ? -14.889 -6.852  0.000   1.00 132.04 ? 12 DG D "C3'" 1 
ATOM 761 O "O3'" . DG D 4 11 ? -15.695 -8.020  -0.146  1.00 147.67 ? 12 DG D "O3'" 1 
ATOM 762 C "C2'" . DG D 4 11 ? -13.797 -7.016  1.050   1.00 130.21 ? 12 DG D "C2'" 1 
ATOM 763 C "C1'" . DG D 4 11 ? -12.536 -7.145  0.242   1.00 106.76 ? 12 DG D "C1'" 1 
ATOM 764 N N9    . DG D 4 11 ? -11.385 -6.536  0.864   1.00 102.69 ? 12 DG D N9    1 
ATOM 765 C C8    . DG D 4 11 ? -10.999 -5.218  0.771   1.00 107.14 ? 12 DG D C8    1 
ATOM 766 N N7    . DG D 4 11 ? -9.855  -4.979  1.349   1.00 99.72  ? 12 DG D N7    1 
ATOM 767 C C5    . DG D 4 11 ? -9.467  -6.212  1.857   1.00 94.07  ? 12 DG D C5    1 
ATOM 768 C C6    . DG D 4 11 ? -8.311  -6.575  2.583   1.00 101.57 ? 12 DG D C6    1 
ATOM 769 O O6    . DG D 4 11 ? -7.385  -5.851  2.957   1.00 104.02 ? 12 DG D O6    1 
ATOM 770 N N1    . DG D 4 11 ? -8.290  -7.938  2.871   1.00 93.56  ? 12 DG D N1    1 
ATOM 771 C C2    . DG D 4 11 ? -9.266  -8.834  2.504   1.00 109.58 ? 12 DG D C2    1 
ATOM 772 N N2    . DG D 4 11 ? -9.063  -10.107 2.871   1.00 127.28 ? 12 DG D N2    1 
ATOM 773 N N3    . DG D 4 11 ? -10.355 -8.505  1.818   1.00 83.68  ? 12 DG D N3    1 
ATOM 774 C C4    . DG D 4 11 ? -10.395 -7.184  1.549   1.00 89.35  ? 12 DG D C4    1 
ATOM 775 P P     . DT D 4 12 ? -16.689 -8.464  1.002   1.00 146.82 ? 13 DT D P     1 
ATOM 776 O OP1   . DT D 4 12 ? -17.633 -9.437  0.399   1.00 154.57 ? 13 DT D OP1   1 
ATOM 777 O OP2   . DT D 4 12 ? -17.233 -7.235  1.626   1.00 168.50 ? 13 DT D OP2   1 
ATOM 778 O "O5'" . DT D 4 12 ? -15.726 -9.208  2.036   1.00 108.34 ? 13 DT D "O5'" 1 
ATOM 779 C "C5'" . DT D 4 12 ? -15.252 -10.520 1.719   1.00 110.57 ? 13 DT D "C5'" 1 
ATOM 780 C "C4'" . DT D 4 12 ? -14.352 -11.024 2.817   1.00 126.78 ? 13 DT D "C4'" 1 
ATOM 781 O "O4'" . DT D 4 12 ? -13.286 -10.075 3.040   1.00 129.51 ? 13 DT D "O4'" 1 
ATOM 782 C "C3'" . DT D 4 12 ? -15.038 -11.211 4.178   1.00 162.69 ? 13 DT D "C3'" 1 
ATOM 783 O "O3'" . DT D 4 12 ? -14.813 -12.519 4.737   1.00 202.76 ? 13 DT D "O3'" 1 
ATOM 784 C "C2'" . DT D 4 12 ? -14.352 -10.183 5.057   1.00 155.90 ? 13 DT D "C2'" 1 
ATOM 785 C "C1'" . DT D 4 12 ? -12.992 -10.156 4.415   1.00 140.33 ? 13 DT D "C1'" 1 
ATOM 786 N N1    . DT D 4 12 ? -12.130 -9.014  4.785   1.00 149.35 ? 13 DT D N1    1 
ATOM 787 C C2    . DT D 4 12 ? -10.934 -9.277  5.426   1.00 149.73 ? 13 DT D C2    1 
ATOM 788 O O2    . DT D 4 12 ? -10.544 -10.407 5.680   1.00 167.73 ? 13 DT D O2    1 
ATOM 789 N N3    . DT D 4 12 ? -10.199 -8.159  5.745   1.00 125.30 ? 13 DT D N3    1 
ATOM 790 C C4    . DT D 4 12 ? -10.540 -6.842  5.506   1.00 124.50 ? 13 DT D C4    1 
ATOM 791 O O4    . DT D 4 12 ? -9.783  -5.944  5.853   1.00 118.82 ? 13 DT D O4    1 
ATOM 792 C C5    . DT D 4 12 ? -11.807 -6.639  4.840   1.00 128.31 ? 13 DT D C5    1 
ATOM 793 C C7    . DT D 4 12 ? -12.256 -5.243  4.546   1.00 124.01 ? 13 DT D C7    1 
ATOM 794 C C6    . DT D 4 12 ? -12.532 -7.720  4.522   1.00 139.67 ? 13 DT D C6    1 
ATOM 795 P P     . DC D 4 13 ? -15.919 -13.225 5.695   1.00 203.92 ? 14 DC D P     1 
ATOM 796 O OP1   . DC D 4 13 ? -15.337 -14.494 6.198   1.00 194.30 ? 14 DC D OP1   1 
ATOM 797 O OP2   . DC D 4 13 ? -17.220 -13.264 4.961   1.00 182.86 ? 14 DC D OP2   1 
ATOM 798 O "O5'" . DC D 4 13 ? -16.049 -12.201 6.910   1.00 189.65 ? 14 DC D "O5'" 1 
ATOM 799 C "C5'" . DC D 4 13 ? -15.689 -12.567 8.248   1.00 184.41 ? 14 DC D "C5'" 1 
ATOM 800 C "C4'" . DC D 4 13 ? -14.234 -12.968 8.325   1.00 189.52 ? 14 DC D "C4'" 1 
ATOM 801 O "O4'" . DC D 4 13 ? -13.384 -12.043 7.614   1.00 182.18 ? 14 DC D "O4'" 1 
ATOM 802 C "C3'" . DC D 4 13 ? -13.699 -13.008 9.745   1.00 206.22 ? 14 DC D "C3'" 1 
ATOM 803 O "O3'" . DC D 4 13 ? -13.935 -14.332 10.204  1.00 227.70 ? 14 DC D "O3'" 1 
ATOM 804 C "C2'" . DC D 4 13 ? -12.230 -12.678 9.580   1.00 205.62 ? 14 DC D "C2'" 1 
ATOM 805 C "C1'" . DC D 4 13 ? -12.237 -11.721 8.399   1.00 201.51 ? 14 DC D "C1'" 1 
ATOM 806 N N1    . DC D 4 13 ? -12.258 -10.264 8.690   1.00 197.28 ? 14 DC D N1    1 
ATOM 807 C C2    . DC D 4 13 ? -11.068 -9.639  9.102   1.00 184.74 ? 14 DC D C2    1 
ATOM 808 O O2    . DC D 4 13 ? -10.054 -10.334 9.286   1.00 151.66 ? 14 DC D O2    1 
ATOM 809 N N3    . DC D 4 13 ? -11.061 -8.299  9.306   1.00 165.13 ? 14 DC D N3    1 
ATOM 810 C C4    . DC D 4 13 ? -12.171 -7.585  9.095   1.00 165.01 ? 14 DC D C4    1 
ATOM 811 N N4    . DC D 4 13 ? -12.116 -6.269  9.301   1.00 145.88 ? 14 DC D N4    1 
ATOM 812 C C5    . DC D 4 13 ? -13.389 -8.193  8.667   1.00 166.31 ? 14 DC D C5    1 
ATOM 813 C C6    . DC D 4 13 ? -13.388 -9.519  8.475   1.00 177.98 ? 14 DC D C6    1 
ATOM 814 P P     . DG D 4 14 ? -14.182 -14.584 11.730  1.00 233.43 ? 15 DG D P     1 
ATOM 815 O OP1   . DG D 4 14 ? -14.435 -16.038 11.904  1.00 273.63 ? 15 DG D OP1   1 
ATOM 816 O OP2   . DG D 4 14 ? -15.221 -13.619 12.171  1.00 240.25 ? 15 DG D OP2   1 
ATOM 817 O "O5'" . DG D 4 14 ? -12.750 -14.232 12.348  1.00 181.60 ? 15 DG D "O5'" 1 
ATOM 818 C "C5'" . DG D 4 14 ? -12.542 -14.064 13.763  1.00 165.26 ? 15 DG D "C5'" 1 
ATOM 819 C "C4'" . DG D 4 14 ? -11.107 -13.663 14.018  1.00 164.31 ? 15 DG D "C4'" 1 
ATOM 820 O "O4'" . DG D 4 14 ? -10.635 -12.932 12.864  1.00 168.16 ? 15 DG D "O4'" 1 
ATOM 821 C "C3'" . DG D 4 14 ? -10.871 -12.721 15.206  1.00 174.90 ? 15 DG D "C3'" 1 
ATOM 822 O "O3'" . DG D 4 14 ? -10.717 -13.314 16.507  1.00 183.73 ? 15 DG D "O3'" 1 
ATOM 823 C "C2'" . DG D 4 14 ? -9.696  -11.883 14.737  1.00 158.35 ? 15 DG D "C2'" 1 
ATOM 824 C "C1'" . DG D 4 14 ? -10.079 -11.688 13.289  1.00 171.78 ? 15 DG D "C1'" 1 
ATOM 825 N N9    . DG D 4 14 ? -11.069 -10.634 13.057  1.00 173.54 ? 15 DG D N9    1 
ATOM 826 C C8    . DG D 4 14 ? -12.380 -10.771 12.657  1.00 176.40 ? 15 DG D C8    1 
ATOM 827 N N7    . DG D 4 14 ? -12.994 -9.626  12.512  1.00 170.35 ? 15 DG D N7    1 
ATOM 828 C C5    . DG D 4 14 ? -12.033 -8.677  12.832  1.00 167.96 ? 15 DG D C5    1 
ATOM 829 C C6    . DG D 4 14 ? -12.114 -7.259  12.858  1.00 162.07 ? 15 DG D C6    1 
ATOM 830 O O6    . DG D 4 14 ? -13.088 -6.538  12.605  1.00 169.53 ? 15 DG D O6    1 
ATOM 831 N N1    . DG D 4 14 ? -10.902 -6.682  13.231  1.00 141.58 ? 15 DG D N1    1 
ATOM 832 C C2    . DG D 4 14 ? -9.763  -7.382  13.560  1.00 146.44 ? 15 DG D C2    1 
ATOM 833 N N2    . DG D 4 14 ? -8.695  -6.647  13.905  1.00 133.90 ? 15 DG D N2    1 
ATOM 834 N N3    . DG D 4 14 ? -9.681  -8.706  13.561  1.00 136.76 ? 15 DG D N3    1 
ATOM 835 C C4    . DG D 4 14 ? -10.841 -9.284  13.175  1.00 161.10 ? 15 DG D C4    1 
ATOM 836 P P     . DT D 4 15 ? -9.582  -14.406 16.815  1.00 228.85 ? 16 DT D P     1 
ATOM 837 O OP1   . DT D 4 15 ? -9.325  -15.201 15.588  1.00 231.88 ? 16 DT D OP1   1 
ATOM 838 O OP2   . DT D 4 15 ? -9.945  -15.102 18.075  1.00 255.75 ? 16 DT D OP2   1 
ATOM 839 O "O5'" . DT D 4 15 ? -8.287  -13.527 17.098  1.00 197.49 ? 16 DT D "O5'" 1 
ATOM 840 C "C5'" . DT D 4 15 ? -8.108  -12.839 18.337  1.00 175.84 ? 16 DT D "C5'" 1 
ATOM 841 C "C4'" . DT D 4 15 ? -7.458  -11.510 18.045  1.00 189.66 ? 16 DT D "C4'" 1 
ATOM 842 O "O4'" . DT D 4 15 ? -8.368  -10.724 17.244  1.00 179.07 ? 16 DT D "O4'" 1 
ATOM 843 C "C3'" . DT D 4 15 ? -7.122  -10.660 19.275  1.00 199.65 ? 16 DT D "C3'" 1 
ATOM 844 O "O3'" . DT D 4 15 ? -5.796  -10.127 19.168  1.00 202.89 ? 16 DT D "O3'" 1 
ATOM 845 C "C2'" . DT D 4 15 ? -8.181  -9.568  19.259  1.00 185.97 ? 16 DT D "C2'" 1 
ATOM 846 C "C1'" . DT D 4 15 ? -8.430  -9.414  17.776  1.00 174.67 ? 16 DT D "C1'" 1 
ATOM 847 N N1    . DT D 4 15 ? -9.713  -8.800  17.355  1.00 163.65 ? 16 DT D N1    1 
ATOM 848 C C2    . DT D 4 15 ? -9.753  -7.423  17.292  1.00 138.34 ? 16 DT D C2    1 
ATOM 849 O O2    . DT D 4 15 ? -8.813  -6.716  17.616  1.00 137.30 ? 16 DT D O2    1 
ATOM 850 N N3    . DT D 4 15 ? -10.945 -6.899  16.849  1.00 110.28 ? 16 DT D N3    1 
ATOM 851 C C4    . DT D 4 15 ? -12.070 -7.604  16.452  1.00 125.41 ? 16 DT D C4    1 
ATOM 852 O O4    . DT D 4 15 ? -13.067 -6.997  16.055  1.00 105.06 ? 16 DT D O4    1 
ATOM 853 C C5    . DT D 4 15 ? -11.957 -9.047  16.541  1.00 136.97 ? 16 DT D C5    1 
ATOM 854 C C7    . DT D 4 15 ? -13.133 -9.890  16.159  1.00 138.81 ? 16 DT D C7    1 
ATOM 855 C C6    . DT D 4 15 ? -10.799 -9.566  16.978  1.00 143.48 ? 16 DT D C6    1 
# 
loop_
_pdbx_poly_seq_scheme.asym_id 
_pdbx_poly_seq_scheme.entity_id 
_pdbx_poly_seq_scheme.seq_id 
_pdbx_poly_seq_scheme.mon_id 
_pdbx_poly_seq_scheme.ndb_seq_num 
_pdbx_poly_seq_scheme.pdb_seq_num 
_pdbx_poly_seq_scheme.auth_seq_num 
_pdbx_poly_seq_scheme.pdb_mon_id 
_pdbx_poly_seq_scheme.auth_mon_id 
_pdbx_poly_seq_scheme.pdb_strand_id 
_pdbx_poly_seq_scheme.pdb_ins_code 
_pdbx_poly_seq_scheme.hetero 
A 1 1  DG 1  1  1  DG DG A . n 
A 1 2  DA 2  2  2  DA DA A . n 
A 1 3  DA 3  3  3  DA DA A . n 
A 1 4  DC 4  4  4  DC DC A . n 
A 1 5  DG 5  5  5  DG DG A . n 
A 1 6  DA 6  6  6  DA DA A . n 
A 1 7  DC 7  7  7  DC DC A . n 
A 1 8  DA 8  8  8  DA DA A . n 
A 1 9  DC 9  9  9  DC DC A . n 
A 1 10 DT 10 10 10 DT DT A . n 
A 1 11 DG 11 11 11 DG DG A . n 
A 1 12 DA 12 12 12 DA DA A . n 
B 2 1  DC 1  12 12 DC DC B . n 
B 2 2  DG 2  13 13 DG DG B . n 
B 2 3  DT 3  14 14 DT DT B . n 
B 2 4  DG 4  15 15 DG DG B . n 
B 2 5  DG 5  16 16 DG DG B . n 
B 2 6  DA 6  17 17 DA DA B . n 
B 2 7  DC 7  18 18 DC DC B . n 
B 2 8  DT 8  19 19 DT DT B . n 
B 2 9  DC 9  20 20 DC DC B . n 
C 3 1  DT 1  0  0  DT DT C . n 
C 3 2  DC 2  1  1  DC DC C . n 
C 3 3  DA 3  2  2  DA DA C . n 
C 3 4  DA 4  3  3  DA DA C . n 
C 3 5  DC 5  4  4  DC DC C . n 
C 3 6  DG 6  5  5  DG DG C . n 
D 4 1  DT 1  2  2  DT DT D . n 
D 4 2  DC 2  3  3  DC DC D . n 
D 4 3  DG 3  4  4  DG DG D . n 
D 4 4  DA 4  5  5  DA DA D . n 
D 4 5  DG 5  6  6  DG DG D . n 
D 4 6  DT 6  7  7  DT DT D . n 
D 4 7  DC 7  8  8  DC DC D . n 
D 4 8  DC 8  9  9  DC DC D . n 
D 4 9  DG 9  10 10 DG DG D . n 
D 4 10 DT 10 11 11 DT DT D . n 
D 4 11 DG 11 12 12 DG DG D . n 
D 4 12 DT 12 13 13 DT DT D . n 
D 4 13 DC 13 14 14 DC DC D . n 
D 4 14 DG 14 15 15 DG DG D . n 
D 4 15 DT 15 16 16 DT DT D . n 
# 
_pdbx_struct_assembly.id                   1 
_pdbx_struct_assembly.details              author_defined_assembly 
_pdbx_struct_assembly.method_details       ? 
_pdbx_struct_assembly.oligomeric_details   tetrameric 
_pdbx_struct_assembly.oligomeric_count     4 
# 
_pdbx_struct_assembly_gen.assembly_id       1 
_pdbx_struct_assembly_gen.oper_expression   1 
_pdbx_struct_assembly_gen.asym_id_list      A,B,C,D 
# 
_pdbx_struct_oper_list.id                   1 
_pdbx_struct_oper_list.type                 'identity operation' 
_pdbx_struct_oper_list.name                 1_555 
_pdbx_struct_oper_list.symmetry_operation   x,y,z 
_pdbx_struct_oper_list.matrix[1][1]         1.0000000000 
_pdbx_struct_oper_list.matrix[1][2]         0.0000000000 
_pdbx_struct_oper_list.matrix[1][3]         0.0000000000 
_pdbx_struct_oper_list.vector[1]            0.0000000000 
_pdbx_struct_oper_list.matrix[2][1]         0.0000000000 
_pdbx_struct_oper_list.matrix[2][2]         1.0000000000 
_pdbx_struct_oper_list.matrix[2][3]         0.0000000000 
_pdbx_struct_oper_list.vector[2]            0.0000000000 
_pdbx_struct_oper_list.matrix[3][1]         0.0000000000 
_pdbx_struct_oper_list.matrix[3][2]         0.0000000000 
_pdbx_struct_oper_list.matrix[3][3]         1.0000000000 
_pdbx_struct_oper_list.vector[3]            0.0000000000 
# 
loop_
_pdbx_audit_revision_history.ordinal 
_pdbx_audit_revision_history.data_content_type 
_pdbx_audit_revision_history.major_revision 
_pdbx_audit_revision_history.minor_revision 
_pdbx_audit_revision_history.revision_date 
1 'Structure model' 1 0 2021-07-14 
2 'Structure model' 1 1 2022-07-06 
3 'Structure model' 1 2 2023-10-18 
# 
_pdbx_audit_revision_details.ordinal             1 
_pdbx_audit_revision_details.revision_ordinal    1 
_pdbx_audit_revision_details.data_content_type   'Structure model' 
_pdbx_audit_revision_details.provider            repository 
_pdbx_audit_revision_details.type                'Initial release' 
_pdbx_audit_revision_details.description         ? 
_pdbx_audit_revision_details.details             ? 
# 
loop_
_pdbx_audit_revision_group.ordinal 
_pdbx_audit_revision_group.revision_ordinal 
_pdbx_audit_revision_group.data_content_type 
_pdbx_audit_revision_group.group 
1 2 'Structure model' 'Database references'    
2 3 'Structure model' 'Data collection'        
3 3 'Structure model' 'Refinement description' 
# 
loop_
_pdbx_audit_revision_category.ordinal 
_pdbx_audit_revision_category.revision_ordinal 
_pdbx_audit_revision_category.data_content_type 
_pdbx_audit_revision_category.category 
1 2 'Structure model' citation                      
2 2 'Structure model' citation_author               
3 2 'Structure model' database_2                    
4 3 'Structure model' chem_comp_atom                
5 3 'Structure model' chem_comp_bond                
6 3 'Structure model' pdbx_initial_refinement_model 
# 
loop_
_pdbx_audit_revision_item.ordinal 
_pdbx_audit_revision_item.revision_ordinal 
_pdbx_audit_revision_item.data_content_type 
_pdbx_audit_revision_item.item 
1  2 'Structure model' '_citation.country'                   
2  2 'Structure model' '_citation.journal_abbrev'            
3  2 'Structure model' '_citation.journal_id_CSD'            
4  2 'Structure model' '_citation.journal_id_ISSN'           
5  2 'Structure model' '_citation.journal_volume'            
6  2 'Structure model' '_citation.page_first'                
7  2 'Structure model' '_citation.page_last'                 
8  2 'Structure model' '_citation.pdbx_database_id_DOI'      
9  2 'Structure model' '_citation.pdbx_database_id_PubMed'   
10 2 'Structure model' '_citation.title'                     
11 2 'Structure model' '_citation.year'                      
12 2 'Structure model' '_database_2.pdbx_DOI'                
13 2 'Structure model' '_database_2.pdbx_database_accession' 
# 
loop_
_software.citation_id 
_software.classification 
_software.compiler_name 
_software.compiler_version 
_software.contact_author 
_software.contact_author_email 
_software.date 
_software.description 
_software.dependencies 
_software.hardware 
_software.language 
_software.location 
_software.mods 
_software.name 
_software.os 
_software.os_version 
_software.type 
_software.version 
_software.pdbx_ordinal 
? refinement        ? ? ? ? ? ? ? ? ? ? ? PHENIX      ? ? ? 1.11.1_2575 1 
? 'data reduction'  ? ? ? ? ? ? ? ? ? ? ? HKL-2000    ? ? ? .           2 
? 'data scaling'    ? ? ? ? ? ? ? ? ? ? ? HKL-2000    ? ? ? .           3 
? 'data extraction' ? ? ? ? ? ? ? ? ? ? ? PDB_EXTRACT ? ? ? 3.25        4 
? phasing           ? ? ? ? ? ? ? ? ? ? ? PHASER      ? ? ? .           5 
# 
loop_
_pdbx_validate_symm_contact.id 
_pdbx_validate_symm_contact.PDB_model_num 
_pdbx_validate_symm_contact.auth_atom_id_1 
_pdbx_validate_symm_contact.auth_asym_id_1 
_pdbx_validate_symm_contact.auth_comp_id_1 
_pdbx_validate_symm_contact.auth_seq_id_1 
_pdbx_validate_symm_contact.PDB_ins_code_1 
_pdbx_validate_symm_contact.label_alt_id_1 
_pdbx_validate_symm_contact.site_symmetry_1 
_pdbx_validate_symm_contact.auth_atom_id_2 
_pdbx_validate_symm_contact.auth_asym_id_2 
_pdbx_validate_symm_contact.auth_comp_id_2 
_pdbx_validate_symm_contact.auth_seq_id_2 
_pdbx_validate_symm_contact.PDB_ins_code_2 
_pdbx_validate_symm_contact.label_alt_id_2 
_pdbx_validate_symm_contact.site_symmetry_2 
_pdbx_validate_symm_contact.dist 
1 1 "O5'" C DT 0  ? ? 1_555 "O3'" C DG 5  ? ? 6_455 2.00 
2 1 "O3'" A DA 12 ? ? 1_555 OP1   B DC 12 ? ? 6_455 2.14 
# 
loop_
_pdbx_validate_rmsd_bond.id 
_pdbx_validate_rmsd_bond.PDB_model_num 
_pdbx_validate_rmsd_bond.auth_atom_id_1 
_pdbx_validate_rmsd_bond.auth_asym_id_1 
_pdbx_validate_rmsd_bond.auth_comp_id_1 
_pdbx_validate_rmsd_bond.auth_seq_id_1 
_pdbx_validate_rmsd_bond.PDB_ins_code_1 
_pdbx_validate_rmsd_bond.label_alt_id_1 
_pdbx_validate_rmsd_bond.auth_atom_id_2 
_pdbx_validate_rmsd_bond.auth_asym_id_2 
_pdbx_validate_rmsd_bond.auth_comp_id_2 
_pdbx_validate_rmsd_bond.auth_seq_id_2 
_pdbx_validate_rmsd_bond.PDB_ins_code_2 
_pdbx_validate_rmsd_bond.label_alt_id_2 
_pdbx_validate_rmsd_bond.bond_value 
_pdbx_validate_rmsd_bond.bond_target_value 
_pdbx_validate_rmsd_bond.bond_deviation 
_pdbx_validate_rmsd_bond.bond_standard_deviation 
_pdbx_validate_rmsd_bond.linker_flag 
1 1 "O3'" C DA 3 ? ? P C DC 4  ? ? 1.516 1.607 -0.091 0.012 Y 
2 1 "O3'" D DC 9 ? ? P D DG 10 ? ? 1.501 1.607 -0.106 0.012 Y 
# 
loop_
_pdbx_validate_rmsd_angle.id 
_pdbx_validate_rmsd_angle.PDB_model_num 
_pdbx_validate_rmsd_angle.auth_atom_id_1 
_pdbx_validate_rmsd_angle.auth_asym_id_1 
_pdbx_validate_rmsd_angle.auth_comp_id_1 
_pdbx_validate_rmsd_angle.auth_seq_id_1 
_pdbx_validate_rmsd_angle.PDB_ins_code_1 
_pdbx_validate_rmsd_angle.label_alt_id_1 
_pdbx_validate_rmsd_angle.auth_atom_id_2 
_pdbx_validate_rmsd_angle.auth_asym_id_2 
_pdbx_validate_rmsd_angle.auth_comp_id_2 
_pdbx_validate_rmsd_angle.auth_seq_id_2 
_pdbx_validate_rmsd_angle.PDB_ins_code_2 
_pdbx_validate_rmsd_angle.label_alt_id_2 
_pdbx_validate_rmsd_angle.auth_atom_id_3 
_pdbx_validate_rmsd_angle.auth_asym_id_3 
_pdbx_validate_rmsd_angle.auth_comp_id_3 
_pdbx_validate_rmsd_angle.auth_seq_id_3 
_pdbx_validate_rmsd_angle.PDB_ins_code_3 
_pdbx_validate_rmsd_angle.label_alt_id_3 
_pdbx_validate_rmsd_angle.angle_value 
_pdbx_validate_rmsd_angle.angle_target_value 
_pdbx_validate_rmsd_angle.angle_deviation 
_pdbx_validate_rmsd_angle.angle_standard_deviation 
_pdbx_validate_rmsd_angle.linker_flag 
1 1 "C1'" B DC 18 ? ? "O4'" B DC 18 ? ? "C4'" B DC 18 ? ? 102.68 110.10 -7.42  1.00 N 
2 1 "C1'" D DC 9  ? ? "O4'" D DC 9  ? ? "C4'" D DC 9  ? ? 103.19 110.10 -6.91  1.00 N 
3 1 "O4'" D DG 10 ? ? "C4'" D DG 10 ? ? "C3'" D DG 10 ? ? 100.69 104.50 -3.81  0.40 N 
4 1 "O5'" D DT 11 ? ? P     D DT 11 ? ? OP1   D DT 11 ? ? 119.49 110.70 8.79   1.20 N 
5 1 "O5'" D DT 11 ? ? P     D DT 11 ? ? OP2   D DT 11 ? ? 92.09  105.70 -13.61 0.90 N 
# 
loop_
_chem_comp_atom.comp_id 
_chem_comp_atom.atom_id 
_chem_comp_atom.type_symbol 
_chem_comp_atom.pdbx_aromatic_flag 
_chem_comp_atom.pdbx_stereo_config 
_chem_comp_atom.pdbx_ordinal 
DA OP3    O N N 1   
DA P      P N N 2   
DA OP1    O N N 3   
DA OP2    O N N 4   
DA "O5'"  O N N 5   
DA "C5'"  C N N 6   
DA "C4'"  C N R 7   
DA "O4'"  O N N 8   
DA "C3'"  C N S 9   
DA "O3'"  O N N 10  
DA "C2'"  C N N 11  
DA "C1'"  C N R 12  
DA N9     N Y N 13  
DA C8     C Y N 14  
DA N7     N Y N 15  
DA C5     C Y N 16  
DA C6     C Y N 17  
DA N6     N N N 18  
DA N1     N Y N 19  
DA C2     C Y N 20  
DA N3     N Y N 21  
DA C4     C Y N 22  
DA HOP3   H N N 23  
DA HOP2   H N N 24  
DA "H5'"  H N N 25  
DA "H5''" H N N 26  
DA "H4'"  H N N 27  
DA "H3'"  H N N 28  
DA "HO3'" H N N 29  
DA "H2'"  H N N 30  
DA "H2''" H N N 31  
DA "H1'"  H N N 32  
DA H8     H N N 33  
DA H61    H N N 34  
DA H62    H N N 35  
DA H2     H N N 36  
DC OP3    O N N 37  
DC P      P N N 38  
DC OP1    O N N 39  
DC OP2    O N N 40  
DC "O5'"  O N N 41  
DC "C5'"  C N N 42  
DC "C4'"  C N R 43  
DC "O4'"  O N N 44  
DC "C3'"  C N S 45  
DC "O3'"  O N N 46  
DC "C2'"  C N N 47  
DC "C1'"  C N R 48  
DC N1     N N N 49  
DC C2     C N N 50  
DC O2     O N N 51  
DC N3     N N N 52  
DC C4     C N N 53  
DC N4     N N N 54  
DC C5     C N N 55  
DC C6     C N N 56  
DC HOP3   H N N 57  
DC HOP2   H N N 58  
DC "H5'"  H N N 59  
DC "H5''" H N N 60  
DC "H4'"  H N N 61  
DC "H3'"  H N N 62  
DC "HO3'" H N N 63  
DC "H2'"  H N N 64  
DC "H2''" H N N 65  
DC "H1'"  H N N 66  
DC H41    H N N 67  
DC H42    H N N 68  
DC H5     H N N 69  
DC H6     H N N 70  
DG OP3    O N N 71  
DG P      P N N 72  
DG OP1    O N N 73  
DG OP2    O N N 74  
DG "O5'"  O N N 75  
DG "C5'"  C N N 76  
DG "C4'"  C N R 77  
DG "O4'"  O N N 78  
DG "C3'"  C N S 79  
DG "O3'"  O N N 80  
DG "C2'"  C N N 81  
DG "C1'"  C N R 82  
DG N9     N Y N 83  
DG C8     C Y N 84  
DG N7     N Y N 85  
DG C5     C Y N 86  
DG C6     C N N 87  
DG O6     O N N 88  
DG N1     N N N 89  
DG C2     C N N 90  
DG N2     N N N 91  
DG N3     N N N 92  
DG C4     C Y N 93  
DG HOP3   H N N 94  
DG HOP2   H N N 95  
DG "H5'"  H N N 96  
DG "H5''" H N N 97  
DG "H4'"  H N N 98  
DG "H3'"  H N N 99  
DG "HO3'" H N N 100 
DG "H2'"  H N N 101 
DG "H2''" H N N 102 
DG "H1'"  H N N 103 
DG H8     H N N 104 
DG H1     H N N 105 
DG H21    H N N 106 
DG H22    H N N 107 
DT OP3    O N N 108 
DT P      P N N 109 
DT OP1    O N N 110 
DT OP2    O N N 111 
DT "O5'"  O N N 112 
DT "C5'"  C N N 113 
DT "C4'"  C N R 114 
DT "O4'"  O N N 115 
DT "C3'"  C N S 116 
DT "O3'"  O N N 117 
DT "C2'"  C N N 118 
DT "C1'"  C N R 119 
DT N1     N N N 120 
DT C2     C N N 121 
DT O2     O N N 122 
DT N3     N N N 123 
DT C4     C N N 124 
DT O4     O N N 125 
DT C5     C N N 126 
DT C7     C N N 127 
DT C6     C N N 128 
DT HOP3   H N N 129 
DT HOP2   H N N 130 
DT "H5'"  H N N 131 
DT "H5''" H N N 132 
DT "H4'"  H N N 133 
DT "H3'"  H N N 134 
DT "HO3'" H N N 135 
DT "H2'"  H N N 136 
DT "H2''" H N N 137 
DT "H1'"  H N N 138 
DT H3     H N N 139 
DT H71    H N N 140 
DT H72    H N N 141 
DT H73    H N N 142 
DT H6     H N N 143 
# 
loop_
_chem_comp_bond.comp_id 
_chem_comp_bond.atom_id_1 
_chem_comp_bond.atom_id_2 
_chem_comp_bond.value_order 
_chem_comp_bond.pdbx_aromatic_flag 
_chem_comp_bond.pdbx_stereo_config 
_chem_comp_bond.pdbx_ordinal 
DA OP3   P      sing N N 1   
DA OP3   HOP3   sing N N 2   
DA P     OP1    doub N N 3   
DA P     OP2    sing N N 4   
DA P     "O5'"  sing N N 5   
DA OP2   HOP2   sing N N 6   
DA "O5'" "C5'"  sing N N 7   
DA "C5'" "C4'"  sing N N 8   
DA "C5'" "H5'"  sing N N 9   
DA "C5'" "H5''" sing N N 10  
DA "C4'" "O4'"  sing N N 11  
DA "C4'" "C3'"  sing N N 12  
DA "C4'" "H4'"  sing N N 13  
DA "O4'" "C1'"  sing N N 14  
DA "C3'" "O3'"  sing N N 15  
DA "C3'" "C2'"  sing N N 16  
DA "C3'" "H3'"  sing N N 17  
DA "O3'" "HO3'" sing N N 18  
DA "C2'" "C1'"  sing N N 19  
DA "C2'" "H2'"  sing N N 20  
DA "C2'" "H2''" sing N N 21  
DA "C1'" N9     sing N N 22  
DA "C1'" "H1'"  sing N N 23  
DA N9    C8     sing Y N 24  
DA N9    C4     sing Y N 25  
DA C8    N7     doub Y N 26  
DA C8    H8     sing N N 27  
DA N7    C5     sing Y N 28  
DA C5    C6     sing Y N 29  
DA C5    C4     doub Y N 30  
DA C6    N6     sing N N 31  
DA C6    N1     doub Y N 32  
DA N6    H61    sing N N 33  
DA N6    H62    sing N N 34  
DA N1    C2     sing Y N 35  
DA C2    N3     doub Y N 36  
DA C2    H2     sing N N 37  
DA N3    C4     sing Y N 38  
DC OP3   P      sing N N 39  
DC OP3   HOP3   sing N N 40  
DC P     OP1    doub N N 41  
DC P     OP2    sing N N 42  
DC P     "O5'"  sing N N 43  
DC OP2   HOP2   sing N N 44  
DC "O5'" "C5'"  sing N N 45  
DC "C5'" "C4'"  sing N N 46  
DC "C5'" "H5'"  sing N N 47  
DC "C5'" "H5''" sing N N 48  
DC "C4'" "O4'"  sing N N 49  
DC "C4'" "C3'"  sing N N 50  
DC "C4'" "H4'"  sing N N 51  
DC "O4'" "C1'"  sing N N 52  
DC "C3'" "O3'"  sing N N 53  
DC "C3'" "C2'"  sing N N 54  
DC "C3'" "H3'"  sing N N 55  
DC "O3'" "HO3'" sing N N 56  
DC "C2'" "C1'"  sing N N 57  
DC "C2'" "H2'"  sing N N 58  
DC "C2'" "H2''" sing N N 59  
DC "C1'" N1     sing N N 60  
DC "C1'" "H1'"  sing N N 61  
DC N1    C2     sing N N 62  
DC N1    C6     sing N N 63  
DC C2    O2     doub N N 64  
DC C2    N3     sing N N 65  
DC N3    C4     doub N N 66  
DC C4    N4     sing N N 67  
DC C4    C5     sing N N 68  
DC N4    H41    sing N N 69  
DC N4    H42    sing N N 70  
DC C5    C6     doub N N 71  
DC C5    H5     sing N N 72  
DC C6    H6     sing N N 73  
DG OP3   P      sing N N 74  
DG OP3   HOP3   sing N N 75  
DG P     OP1    doub N N 76  
DG P     OP2    sing N N 77  
DG P     "O5'"  sing N N 78  
DG OP2   HOP2   sing N N 79  
DG "O5'" "C5'"  sing N N 80  
DG "C5'" "C4'"  sing N N 81  
DG "C5'" "H5'"  sing N N 82  
DG "C5'" "H5''" sing N N 83  
DG "C4'" "O4'"  sing N N 84  
DG "C4'" "C3'"  sing N N 85  
DG "C4'" "H4'"  sing N N 86  
DG "O4'" "C1'"  sing N N 87  
DG "C3'" "O3'"  sing N N 88  
DG "C3'" "C2'"  sing N N 89  
DG "C3'" "H3'"  sing N N 90  
DG "O3'" "HO3'" sing N N 91  
DG "C2'" "C1'"  sing N N 92  
DG "C2'" "H2'"  sing N N 93  
DG "C2'" "H2''" sing N N 94  
DG "C1'" N9     sing N N 95  
DG "C1'" "H1'"  sing N N 96  
DG N9    C8     sing Y N 97  
DG N9    C4     sing Y N 98  
DG C8    N7     doub Y N 99  
DG C8    H8     sing N N 100 
DG N7    C5     sing Y N 101 
DG C5    C6     sing N N 102 
DG C5    C4     doub Y N 103 
DG C6    O6     doub N N 104 
DG C6    N1     sing N N 105 
DG N1    C2     sing N N 106 
DG N1    H1     sing N N 107 
DG C2    N2     sing N N 108 
DG C2    N3     doub N N 109 
DG N2    H21    sing N N 110 
DG N2    H22    sing N N 111 
DG N3    C4     sing N N 112 
DT OP3   P      sing N N 113 
DT OP3   HOP3   sing N N 114 
DT P     OP1    doub N N 115 
DT P     OP2    sing N N 116 
DT P     "O5'"  sing N N 117 
DT OP2   HOP2   sing N N 118 
DT "O5'" "C5'"  sing N N 119 
DT "C5'" "C4'"  sing N N 120 
DT "C5'" "H5'"  sing N N 121 
DT "C5'" "H5''" sing N N 122 
DT "C4'" "O4'"  sing N N 123 
DT "C4'" "C3'"  sing N N 124 
DT "C4'" "H4'"  sing N N 125 
DT "O4'" "C1'"  sing N N 126 
DT "C3'" "O3'"  sing N N 127 
DT "C3'" "C2'"  sing N N 128 
DT "C3'" "H3'"  sing N N 129 
DT "O3'" "HO3'" sing N N 130 
DT "C2'" "C1'"  sing N N 131 
DT "C2'" "H2'"  sing N N 132 
DT "C2'" "H2''" sing N N 133 
DT "C1'" N1     sing N N 134 
DT "C1'" "H1'"  sing N N 135 
DT N1    C2     sing N N 136 
DT N1    C6     sing N N 137 
DT C2    O2     doub N N 138 
DT C2    N3     sing N N 139 
DT N3    C4     sing N N 140 
DT N3    H3     sing N N 141 
DT C4    O4     doub N N 142 
DT C4    C5     sing N N 143 
DT C5    C7     sing N N 144 
DT C5    C6     doub N N 145 
DT C7    H71    sing N N 146 
DT C7    H72    sing N N 147 
DT C7    H73    sing N N 148 
DT C6    H6     sing N N 149 
# 
loop_
_ndb_struct_conf_na.entry_id 
_ndb_struct_conf_na.feature 
7JIQ 'double helix'        
7JIQ 'a-form double helix' 
7JIQ 'b-form double helix' 
# 
loop_
_ndb_struct_na_base_pair.model_number 
_ndb_struct_na_base_pair.i_label_asym_id 
_ndb_struct_na_base_pair.i_label_comp_id 
_ndb_struct_na_base_pair.i_label_seq_id 
_ndb_struct_na_base_pair.i_symmetry 
_ndb_struct_na_base_pair.j_label_asym_id 
_ndb_struct_na_base_pair.j_label_comp_id 
_ndb_struct_na_base_pair.j_label_seq_id 
_ndb_struct_na_base_pair.j_symmetry 
_ndb_struct_na_base_pair.shear 
_ndb_struct_na_base_pair.stretch 
_ndb_struct_na_base_pair.stagger 
_ndb_struct_na_base_pair.buckle 
_ndb_struct_na_base_pair.propeller 
_ndb_struct_na_base_pair.opening 
_ndb_struct_na_base_pair.pair_number 
_ndb_struct_na_base_pair.pair_name 
_ndb_struct_na_base_pair.i_auth_asym_id 
_ndb_struct_na_base_pair.i_auth_seq_id 
_ndb_struct_na_base_pair.i_PDB_ins_code 
_ndb_struct_na_base_pair.j_auth_asym_id 
_ndb_struct_na_base_pair.j_auth_seq_id 
_ndb_struct_na_base_pair.j_PDB_ins_code 
_ndb_struct_na_base_pair.hbond_type_28 
_ndb_struct_na_base_pair.hbond_type_12 
1 A DA 2  1_555 D DT 15 1_555 0.365  1.940  -1.656 10.601  -5.125  -55.931 1  A_DA2:DT16_D A 2  ? D 16 ? ?  ? 
1 A DC 4  1_555 D DG 14 1_555 -0.819 0.118  1.232  10.816  -15.124 -4.162  2  A_DC4:DG15_D A 4  ? D 15 ? 19 1 
1 A DG 5  1_555 D DC 13 1_555 0.314  0.306  0.786  7.913   -23.849 -10.026 3  A_DG5:DC14_D A 5  ? D 14 ? 19 1 
1 A DA 6  1_555 D DT 12 1_555 0.595  0.109  0.609  1.372   -8.402  -13.391 4  A_DA6:DT13_D A 6  ? D 13 ? 20 1 
1 A DC 7  1_555 D DG 11 1_555 -0.167 -0.243 0.191  7.176   -5.117  -11.200 5  A_DC7:DG12_D A 7  ? D 12 ? 19 1 
1 A DA 8  1_555 D DT 10 1_555 -0.296 0.086  0.179  -6.502  -7.697  -11.120 6  A_DA8:DT11_D A 8  ? D 11 ? 20 1 
1 A DC 9  1_555 D DG 9  1_555 -0.427 0.136  0.381  -3.997  -7.144  -18.455 7  A_DC9:DG10_D A 9  ? D 10 ? ?  1 
1 A DT 10 1_555 C DA 3  1_555 -0.967 -0.031 1.044  -5.870  -8.900  8.037   8  A_DT10:DA2_C A 10 ? C 2  ? 20 1 
1 A DG 11 1_555 C DC 2  1_555 0.317  -0.195 0.447  7.648   -7.333  -3.109  9  A_DG11:DC1_C A 11 ? C 1  ? 19 1 
1 A DA 12 1_555 C DT 1  1_555 1.044  -0.385 0.289  -0.528  -9.172  -4.937  10 A_DA12:DT0_C A 12 ? C 0  ? 20 1 
1 B DC 1  1_555 C DG 6  1_555 -0.475 -0.159 0.608  -12.659 -4.986  2.358   11 B_DC12:DG5_C B 12 ? C 5  ? 19 1 
1 B DG 2  1_555 C DC 5  1_555 -0.059 -0.305 0.410  -2.398  2.972   -9.514  12 B_DG13:DC4_C B 13 ? C 4  ? 19 1 
1 B DT 3  1_555 C DA 4  1_555 -0.324 -0.104 0.157  0.126   -5.033  -8.824  13 B_DT14:DA3_C B 14 ? C 3  ? 20 1 
1 B DG 4  1_555 D DC 8  1_555 0.399  -0.048 1.456  10.616  2.889   1.731   14 B_DG15:DC9_D B 15 ? D 9  ? 19 1 
1 B DG 5  1_555 D DC 7  1_555 1.011  0.210  1.217  13.156  -5.067  -5.022  15 B_DG16:DC8_D B 16 ? D 8  ? 19 1 
1 B DA 6  1_555 D DT 6  1_555 1.354  0.057  0.497  0.731   -9.974  -14.730 16 B_DA17:DT7_D B 17 ? D 7  ? 20 1 
1 B DC 7  1_555 D DG 5  1_555 0.391  -0.270 0.986  -2.991  -14.751 -2.325  17 B_DC18:DG6_D B 18 ? D 6  ? 19 1 
1 B DT 8  1_555 D DA 4  1_555 -0.898 0.026  0.264  -11.638 -10.366 -15.855 18 B_DT19:DA5_D B 19 ? D 5  ? 20 1 
1 B DC 9  1_555 D DG 3  1_555 -0.117 0.016  -0.164 4.005   -20.004 -3.578  19 B_DC20:DG4_D B 20 ? D 4  ? 19 1 
# 
loop_
_ndb_struct_na_base_pair_step.model_number 
_ndb_struct_na_base_pair_step.i_label_asym_id_1 
_ndb_struct_na_base_pair_step.i_label_comp_id_1 
_ndb_struct_na_base_pair_step.i_label_seq_id_1 
_ndb_struct_na_base_pair_step.i_symmetry_1 
_ndb_struct_na_base_pair_step.j_label_asym_id_1 
_ndb_struct_na_base_pair_step.j_label_comp_id_1 
_ndb_struct_na_base_pair_step.j_label_seq_id_1 
_ndb_struct_na_base_pair_step.j_symmetry_1 
_ndb_struct_na_base_pair_step.i_label_asym_id_2 
_ndb_struct_na_base_pair_step.i_label_comp_id_2 
_ndb_struct_na_base_pair_step.i_label_seq_id_2 
_ndb_struct_na_base_pair_step.i_symmetry_2 
_ndb_struct_na_base_pair_step.j_label_asym_id_2 
_ndb_struct_na_base_pair_step.j_label_comp_id_2 
_ndb_struct_na_base_pair_step.j_label_seq_id_2 
_ndb_struct_na_base_pair_step.j_symmetry_2 
_ndb_struct_na_base_pair_step.shift 
_ndb_struct_na_base_pair_step.slide 
_ndb_struct_na_base_pair_step.rise 
_ndb_struct_na_base_pair_step.tilt 
_ndb_struct_na_base_pair_step.roll 
_ndb_struct_na_base_pair_step.twist 
_ndb_struct_na_base_pair_step.x_displacement 
_ndb_struct_na_base_pair_step.y_displacement 
_ndb_struct_na_base_pair_step.helical_rise 
_ndb_struct_na_base_pair_step.inclination 
_ndb_struct_na_base_pair_step.tip 
_ndb_struct_na_base_pair_step.helical_twist 
_ndb_struct_na_base_pair_step.step_number 
_ndb_struct_na_base_pair_step.step_name 
_ndb_struct_na_base_pair_step.i_auth_asym_id_1 
_ndb_struct_na_base_pair_step.i_auth_seq_id_1 
_ndb_struct_na_base_pair_step.i_PDB_ins_code_1 
_ndb_struct_na_base_pair_step.j_auth_asym_id_1 
_ndb_struct_na_base_pair_step.j_auth_seq_id_1 
_ndb_struct_na_base_pair_step.j_PDB_ins_code_1 
_ndb_struct_na_base_pair_step.i_auth_asym_id_2 
_ndb_struct_na_base_pair_step.i_auth_seq_id_2 
_ndb_struct_na_base_pair_step.i_PDB_ins_code_2 
_ndb_struct_na_base_pair_step.j_auth_asym_id_2 
_ndb_struct_na_base_pair_step.j_auth_seq_id_2 
_ndb_struct_na_base_pair_step.j_PDB_ins_code_2 
1 A DA 2  1_555 D DT 15 1_555 A DC 4  1_555 D DG 14 1_555 0.566  -1.646 4.729 0.133  1.930  47.269 -2.277 -0.690 4.664 2.406   
-0.165  47.307 1  AA_DA2DC4:DG15DT16_DD A 2  ? D 16 ? A 4  ? D 15 ? 
1 A DC 4  1_555 D DG 14 1_555 A DG 5  1_555 D DC 13 1_555 -0.339 -0.084 3.463 0.855  3.475  41.239 -0.512 0.576  3.437 4.923   
-1.211  41.387 2  AA_DC4DG5:DC14DG15_DD A 4  ? D 15 ? A 5  ? D 14 ? 
1 A DG 5  1_555 D DC 13 1_555 A DA 6  1_555 D DT 12 1_555 -0.930 -0.232 3.466 -5.299 -5.125 36.646 0.372  0.694  3.561 -8.051  
8.324   37.355 3  AA_DG5DA6:DT13DC14_DD A 5  ? D 14 ? A 6  ? D 13 ? 
1 A DA 6  1_555 D DT 12 1_555 A DC 7  1_555 D DG 11 1_555 0.311  -1.321 3.179 1.166  -4.852 27.741 -1.570 -0.364 3.367 -10.017 
-2.407  28.178 4  AA_DA6DC7:DG12DT13_DD A 6  ? D 13 ? A 7  ? D 12 ? 
1 A DC 7  1_555 D DG 11 1_555 A DA 8  1_555 D DT 10 1_555 0.038  -1.125 3.524 -0.480 -3.149 36.662 -1.314 -0.131 3.604 -4.995  
0.761   36.795 5  AA_DC7DA8:DT11DG12_DD A 7  ? D 12 ? A 8  ? D 11 ? 
1 A DA 8  1_555 D DT 10 1_555 A DC 9  1_555 D DG 9  1_555 -0.146 -1.049 3.119 -5.009 -2.823 38.529 -1.242 -0.369 3.179 -4.249  
7.539   38.939 6  AA_DA8DC9:DG10DT11_DD A 8  ? D 11 ? A 9  ? D 10 ? 
1 A DC 9  1_555 D DG 9  1_555 A DT 10 1_555 C DA 3  1_555 0.167  -1.965 3.279 -2.060 -5.035 20.843 -3.092 -1.335 3.613 -13.621 
5.573   21.533 7  AA_DC9DT10:DA2DG10_CD A 9  ? D 10 ? A 10 ? C 2  ? 
1 A DT 10 1_555 C DA 3  1_555 A DG 11 1_555 C DC 2  1_555 -0.275 0.833  3.067 4.589  4.462  43.972 0.711  0.766  3.091 5.921   
-6.090  44.412 8  AA_DT10DG11:DC1DA2_CC A 10 ? C 2  ? A 11 ? C 1  ? 
1 A DG 11 1_555 C DC 2  1_555 A DA 12 1_555 C DT 1  1_555 -0.108 -0.201 3.568 -0.470 5.903  41.063 -0.967 0.098  3.508 8.363   
0.666   41.470 9  AA_DG11DA12:DT0DC1_CC A 11 ? C 1  ? A 12 ? C 0  ? 
1 B DC 1  1_555 C DG 6  1_555 B DG 2  1_555 C DC 5  1_555 -0.139 -0.788 3.040 0.346  -5.277 37.958 -0.576 0.253  3.116 -8.065  
-0.529  38.311 10 BB_DC12DG13:DC4DG5_CC B 12 ? C 5  ? B 13 ? C 4  ? 
1 B DG 2  1_555 C DC 5  1_555 B DT 3  1_555 C DA 4  1_555 0.535  -1.407 3.222 4.061  2.918  34.323 -2.798 -0.288 3.136 4.913   
-6.835  34.675 11 BB_DG13DT14:DA3DC4_CC B 13 ? C 4  ? B 14 ? C 3  ? 
1 B DT 3  1_555 C DA 4  1_555 B DG 4  1_555 D DC 8  1_555 -0.270 -1.681 2.695 -8.912 1.654  30.058 -3.365 -0.882 2.573 3.101   
16.712  31.364 12 BB_DT14DG15:DC9DA3_DC B 14 ? C 3  ? B 15 ? D 9  ? 
1 B DG 4  1_555 D DC 8  1_555 B DG 5  1_555 D DC 7  1_555 -1.256 -0.122 3.520 0.112  -0.863 37.397 -0.069 1.974  3.518 -1.346  
-0.175  37.407 13 BB_DG15DG16:DC8DC9_DD B 15 ? D 9  ? B 16 ? D 8  ? 
1 B DG 5  1_555 D DC 7  1_555 B DA 6  1_555 D DT 6  1_555 -0.599 -0.463 3.583 4.605  5.156  39.426 -1.314 1.445  3.410 7.571   
-6.763  40.004 14 BB_DG16DA17:DT7DC8_DD B 16 ? D 8  ? B 17 ? D 7  ? 
1 B DA 6  1_555 D DT 6  1_555 B DC 7  1_555 D DG 5  1_555 0.806  -1.544 3.308 -7.305 4.046  25.899 -4.244 -3.446 2.715 8.743   
15.785  27.190 15 BB_DA17DC18:DG6DT7_DD B 17 ? D 7  ? B 18 ? D 6  ? 
1 B DC 7  1_555 D DG 5  1_555 B DT 8  1_555 D DA 4  1_555 -1.186 -0.875 3.437 5.484  -0.601 31.007 -1.498 3.234  3.201 -1.113  
-10.158 31.483 16 BB_DC18DT19:DA5DG6_DD B 18 ? D 6  ? B 19 ? D 5  ? 
1 B DT 8  1_555 D DA 4  1_555 B DC 9  1_555 D DG 3  1_555 0.295  -0.248 3.070 6.672  -1.079 36.445 -0.253 0.384  3.081 -1.707  
-10.556 37.045 17 BB_DT19DC20:DG4DA5_DD B 19 ? D 5  ? B 20 ? D 4  ? 
# 
loop_
_pdbx_audit_support.funding_organization 
_pdbx_audit_support.country 
_pdbx_audit_support.grant_number 
_pdbx_audit_support.ordinal 
'National Science Foundation (NSF, United States)'                                         'United States' 1360635     1 
'National Institutes of Health/National Institute of General Medical Sciences (NIH/NIGMS)' 'United States' R01GM104960 2 
'National Science Foundation (NSF, United States)'                                         'United States' NSF2004250  3 
# 
_pdbx_initial_refinement_model.id               1 
_pdbx_initial_refinement_model.entity_id_list   ? 
_pdbx_initial_refinement_model.type             'experimental model' 
_pdbx_initial_refinement_model.source_name      PDB 
_pdbx_initial_refinement_model.accession_code   6XNA 
_pdbx_initial_refinement_model.details          ? 
# 
_pdbx_struct_assembly_auth_evidence.id                     1 
_pdbx_struct_assembly_auth_evidence.assembly_id            1 
_pdbx_struct_assembly_auth_evidence.experimental_support   none 
_pdbx_struct_assembly_auth_evidence.details                ? 
# 
